data_1CYJ
# 
_entry.id   1CYJ 
# 
_audit_conform.dict_name       mmcif_pdbx.dic 
_audit_conform.dict_version    5.397 
_audit_conform.dict_location   http://mmcif.pdb.org/dictionaries/ascii/mmcif_pdbx.dic 
# 
loop_
_database_2.database_id 
_database_2.database_code 
_database_2.pdbx_database_accession 
_database_2.pdbx_DOI 
PDB   1CYJ         pdb_00001cyj 10.2210/pdb1cyj/pdb 
WWPDB D_1000172602 ?            ?                   
# 
loop_
_pdbx_audit_revision_history.ordinal 
_pdbx_audit_revision_history.data_content_type 
_pdbx_audit_revision_history.major_revision 
_pdbx_audit_revision_history.minor_revision 
_pdbx_audit_revision_history.revision_date 
1 'Structure model' 1 0 1996-01-29 
2 'Structure model' 1 1 2008-03-24 
3 'Structure model' 1 2 2011-07-13 
4 'Structure model' 1 3 2011-11-16 
5 'Structure model' 2 0 2021-03-10 
6 'Structure model' 2 1 2024-10-09 
# 
_pdbx_audit_revision_details.ordinal             1 
_pdbx_audit_revision_details.revision_ordinal    1 
_pdbx_audit_revision_details.data_content_type   'Structure model' 
_pdbx_audit_revision_details.provider            repository 
_pdbx_audit_revision_details.type                'Initial release' 
_pdbx_audit_revision_details.description         ? 
_pdbx_audit_revision_details.details             ? 
# 
loop_
_pdbx_audit_revision_group.ordinal 
_pdbx_audit_revision_group.revision_ordinal 
_pdbx_audit_revision_group.data_content_type 
_pdbx_audit_revision_group.group 
1  2 'Structure model' 'Version format compliance' 
2  3 'Structure model' 'Version format compliance' 
3  4 'Structure model' 'Atomic model'              
4  5 'Structure model' 'Atomic model'              
5  5 'Structure model' 'Data collection'           
6  5 'Structure model' 'Derived calculations'      
7  5 'Structure model' 'Non-polymer description'   
8  5 'Structure model' Other                       
9  5 'Structure model' 'Structure summary'         
10 6 'Structure model' 'Data collection'           
11 6 'Structure model' 'Database references'       
12 6 'Structure model' 'Structure summary'         
# 
loop_
_pdbx_audit_revision_category.ordinal 
_pdbx_audit_revision_category.revision_ordinal 
_pdbx_audit_revision_category.data_content_type 
_pdbx_audit_revision_category.category 
1  5 'Structure model' atom_site                 
2  5 'Structure model' chem_comp                 
3  5 'Structure model' entity                    
4  5 'Structure model' pdbx_database_status      
5  5 'Structure model' pdbx_entity_nonpoly       
6  5 'Structure model' pdbx_nonpoly_scheme       
7  5 'Structure model' pdbx_struct_conn_angle    
8  5 'Structure model' struct_conn               
9  5 'Structure model' struct_site               
10 6 'Structure model' chem_comp_atom            
11 6 'Structure model' chem_comp_bond            
12 6 'Structure model' database_2                
13 6 'Structure model' pdbx_entry_details        
14 6 'Structure model' pdbx_modification_feature 
# 
loop_
_pdbx_audit_revision_item.ordinal 
_pdbx_audit_revision_item.revision_ordinal 
_pdbx_audit_revision_item.data_content_type 
_pdbx_audit_revision_item.item 
1  5 'Structure model' '_atom_site.B_iso_or_equiv'                   
2  5 'Structure model' '_atom_site.Cartn_x'                          
3  5 'Structure model' '_atom_site.Cartn_y'                          
4  5 'Structure model' '_atom_site.Cartn_z'                          
5  5 'Structure model' '_atom_site.auth_atom_id'                     
6  5 'Structure model' '_atom_site.auth_comp_id'                     
7  5 'Structure model' '_atom_site.label_atom_id'                    
8  5 'Structure model' '_atom_site.label_comp_id'                    
9  5 'Structure model' '_atom_site.type_symbol'                      
10 5 'Structure model' '_chem_comp.formula'                          
11 5 'Structure model' '_chem_comp.formula_weight'                   
12 5 'Structure model' '_chem_comp.id'                               
13 5 'Structure model' '_chem_comp.name'                             
14 5 'Structure model' '_chem_comp.pdbx_synonyms'                    
15 5 'Structure model' '_entity.formula_weight'                      
16 5 'Structure model' '_entity.pdbx_description'                    
17 5 'Structure model' '_pdbx_database_status.process_site'          
18 5 'Structure model' '_pdbx_entity_nonpoly.comp_id'                
19 5 'Structure model' '_pdbx_entity_nonpoly.name'                   
20 5 'Structure model' '_pdbx_nonpoly_scheme.mon_id'                 
21 5 'Structure model' '_pdbx_nonpoly_scheme.pdb_mon_id'             
22 5 'Structure model' '_pdbx_struct_conn_angle.ptnr1_auth_comp_id'  
23 5 'Structure model' '_pdbx_struct_conn_angle.ptnr1_auth_seq_id'   
24 5 'Structure model' '_pdbx_struct_conn_angle.ptnr1_label_asym_id' 
25 5 'Structure model' '_pdbx_struct_conn_angle.ptnr1_label_atom_id' 
26 5 'Structure model' '_pdbx_struct_conn_angle.ptnr1_label_comp_id' 
27 5 'Structure model' '_pdbx_struct_conn_angle.ptnr1_label_seq_id'  
28 5 'Structure model' '_pdbx_struct_conn_angle.ptnr1_symmetry'      
29 5 'Structure model' '_pdbx_struct_conn_angle.ptnr2_auth_comp_id'  
30 5 'Structure model' '_pdbx_struct_conn_angle.ptnr2_auth_seq_id'   
31 5 'Structure model' '_pdbx_struct_conn_angle.ptnr2_label_asym_id' 
32 5 'Structure model' '_pdbx_struct_conn_angle.ptnr2_label_atom_id' 
33 5 'Structure model' '_pdbx_struct_conn_angle.ptnr2_label_comp_id' 
34 5 'Structure model' '_pdbx_struct_conn_angle.ptnr3_auth_comp_id'  
35 5 'Structure model' '_pdbx_struct_conn_angle.ptnr3_auth_seq_id'   
36 5 'Structure model' '_pdbx_struct_conn_angle.ptnr3_label_asym_id' 
37 5 'Structure model' '_pdbx_struct_conn_angle.ptnr3_label_atom_id' 
38 5 'Structure model' '_pdbx_struct_conn_angle.ptnr3_label_comp_id' 
39 5 'Structure model' '_pdbx_struct_conn_angle.ptnr3_label_seq_id'  
40 5 'Structure model' '_pdbx_struct_conn_angle.ptnr3_symmetry'      
41 5 'Structure model' '_pdbx_struct_conn_angle.value'               
42 5 'Structure model' '_struct_conn.pdbx_dist_value'                
43 5 'Structure model' '_struct_conn.pdbx_leaving_atom_flag'         
44 5 'Structure model' '_struct_conn.ptnr1_auth_comp_id'             
45 5 'Structure model' '_struct_conn.ptnr1_auth_seq_id'              
46 5 'Structure model' '_struct_conn.ptnr1_label_asym_id'            
47 5 'Structure model' '_struct_conn.ptnr1_label_atom_id'            
48 5 'Structure model' '_struct_conn.ptnr1_label_comp_id'            
49 5 'Structure model' '_struct_conn.ptnr1_label_seq_id'             
50 5 'Structure model' '_struct_conn.ptnr1_symmetry'                 
51 5 'Structure model' '_struct_conn.ptnr2_auth_comp_id'             
52 5 'Structure model' '_struct_conn.ptnr2_auth_seq_id'              
53 5 'Structure model' '_struct_conn.ptnr2_label_asym_id'            
54 5 'Structure model' '_struct_conn.ptnr2_label_atom_id'            
55 5 'Structure model' '_struct_conn.ptnr2_label_comp_id'            
56 5 'Structure model' '_struct_conn.ptnr2_label_seq_id'             
57 5 'Structure model' '_struct_conn.ptnr2_symmetry'                 
58 5 'Structure model' '_struct_site.details'                        
59 5 'Structure model' '_struct_site.pdbx_auth_asym_id'              
60 5 'Structure model' '_struct_site.pdbx_auth_comp_id'              
61 5 'Structure model' '_struct_site.pdbx_auth_seq_id'               
62 6 'Structure model' '_database_2.pdbx_DOI'                        
63 6 'Structure model' '_database_2.pdbx_database_accession'         
# 
_pdbx_database_status.status_code                     REL 
_pdbx_database_status.entry_id                        1CYJ 
_pdbx_database_status.recvd_initial_deposition_date   1995-05-09 
_pdbx_database_status.deposit_site                    ? 
_pdbx_database_status.process_site                    BNL 
_pdbx_database_status.status_code_sf                  REL 
_pdbx_database_status.status_code_mr                  ? 
_pdbx_database_status.SG_entry                        ? 
_pdbx_database_status.pdb_format_compatible           Y 
_pdbx_database_status.status_code_cs                  ? 
_pdbx_database_status.status_code_nmr_data            ? 
_pdbx_database_status.methods_development_category    ? 
# 
loop_
_audit_author.name 
_audit_author.pdbx_ordinal 
'Kerfeld, C.A.' 1 
'Yeates, T.O.'  2 
# 
loop_
_citation.id 
_citation.title 
_citation.journal_abbrev 
_citation.journal_volume 
_citation.page_first 
_citation.page_last 
_citation.year 
_citation.journal_id_ASTM 
_citation.country 
_citation.journal_id_ISSN 
_citation.journal_id_CSD 
_citation.book_publisher 
_citation.pdbx_database_id_PubMed 
_citation.pdbx_database_id_DOI 
primary 'The structure of chloroplast cytochrome c6 at 1.9 A resolution: evidence for functional oligomerization.' J.Mol.Biol.  
250 627   647 1995 JMOBAK UK 0022-2836 0070 ? 7623381 10.1006/jmbi.1995.0404 
1       'Isolation and Structural Characterization of the Chlamydomonas Reinhardtii Gene for Cytochrome C6'        J.Biol.Chem. 
266 15060 ?   1991 JBCHA3 US 0021-9258 0071 ? ?       ?                      
# 
loop_
_citation_author.citation_id 
_citation_author.name 
_citation_author.ordinal 
_citation_author.identifier_ORCID 
primary 'Kerfeld, C.A.'  1 ? 
primary 'Anwar, H.P.'    2 ? 
primary 'Interrante, R.' 3 ? 
primary 'Merchant, S.'   4 ? 
primary 'Yeates, T.O.'   5 ? 
1       'Hill, K.L.'     6 ? 
1       'Li, H.H.'       7 ? 
1       'Singer, J.'     8 ? 
1       'Merchant, S.'   9 ? 
# 
loop_
_entity.id 
_entity.type 
_entity.src_method 
_entity.pdbx_description 
_entity.formula_weight 
_entity.pdbx_number_of_molecules 
_entity.pdbx_ec 
_entity.pdbx_mutation 
_entity.pdbx_fragment 
_entity.details 
1 polymer     nat 'CYTOCHROME C6' 9810.996 1  ? ? ? ? 
2 non-polymer syn 'CADMIUM ION'   112.411  4  ? ? ? ? 
3 non-polymer syn 'HEME C'        618.503  1  ? ? ? ? 
4 water       nat water           18.015   72 ? ? ? ? 
# 
_entity_name_com.entity_id   1 
_entity_name_com.name        'CYTOCHROME C553' 
# 
_entity_poly.entity_id                      1 
_entity_poly.type                           'polypeptide(L)' 
_entity_poly.nstd_linkage                   no 
_entity_poly.nstd_monomer                   no 
_entity_poly.pdbx_seq_one_letter_code       
;ADLALGAQVFNGNCAACHMGGRNSVMPEKTLDKAALEQYLDGGFKVESIIYQVENGKGAMPAWADRLSEEEIQAVAEYVF
KQATDAAWKY
;
_entity_poly.pdbx_seq_one_letter_code_can   
;ADLALGAQVFNGNCAACHMGGRNSVMPEKTLDKAALEQYLDGGFKVESIIYQVENGKGAMPAWADRLSEEEIQAVAEYVF
KQATDAAWKY
;
_entity_poly.pdbx_strand_id                 A 
_entity_poly.pdbx_target_identifier         ? 
# 
loop_
_pdbx_entity_nonpoly.entity_id 
_pdbx_entity_nonpoly.name 
_pdbx_entity_nonpoly.comp_id 
2 'CADMIUM ION' CD  
3 'HEME C'      HEC 
4 water         HOH 
# 
loop_
_entity_poly_seq.entity_id 
_entity_poly_seq.num 
_entity_poly_seq.mon_id 
_entity_poly_seq.hetero 
1 1  ALA n 
1 2  ASP n 
1 3  LEU n 
1 4  ALA n 
1 5  LEU n 
1 6  GLY n 
1 7  ALA n 
1 8  GLN n 
1 9  VAL n 
1 10 PHE n 
1 11 ASN n 
1 12 GLY n 
1 13 ASN n 
1 14 CYS n 
1 15 ALA n 
1 16 ALA n 
1 17 CYS n 
1 18 HIS n 
1 19 MET n 
1 20 GLY n 
1 21 GLY n 
1 22 ARG n 
1 23 ASN n 
1 24 SER n 
1 25 VAL n 
1 26 MET n 
1 27 PRO n 
1 28 GLU n 
1 29 LYS n 
1 30 THR n 
1 31 LEU n 
1 32 ASP n 
1 33 LYS n 
1 34 ALA n 
1 35 ALA n 
1 36 LEU n 
1 37 GLU n 
1 38 GLN n 
1 39 TYR n 
1 40 LEU n 
1 41 ASP n 
1 42 GLY n 
1 43 GLY n 
1 44 PHE n 
1 45 LYS n 
1 46 VAL n 
1 47 GLU n 
1 48 SER n 
1 49 ILE n 
1 50 ILE n 
1 51 TYR n 
1 52 GLN n 
1 53 VAL n 
1 54 GLU n 
1 55 ASN n 
1 56 GLY n 
1 57 LYS n 
1 58 GLY n 
1 59 ALA n 
1 60 MET n 
1 61 PRO n 
1 62 ALA n 
1 63 TRP n 
1 64 ALA n 
1 65 ASP n 
1 66 ARG n 
1 67 LEU n 
1 68 SER n 
1 69 GLU n 
1 70 GLU n 
1 71 GLU n 
1 72 ILE n 
1 73 GLN n 
1 74 ALA n 
1 75 VAL n 
1 76 ALA n 
1 77 GLU n 
1 78 TYR n 
1 79 VAL n 
1 80 PHE n 
1 81 LYS n 
1 82 GLN n 
1 83 ALA n 
1 84 THR n 
1 85 ASP n 
1 86 ALA n 
1 87 ALA n 
1 88 TRP n 
1 89 LYS n 
1 90 TYR n 
# 
_entity_src_nat.entity_id                  1 
_entity_src_nat.pdbx_src_id                1 
_entity_src_nat.pdbx_alt_source_flag       sample 
_entity_src_nat.pdbx_beg_seq_num           ? 
_entity_src_nat.pdbx_end_seq_num           ? 
_entity_src_nat.common_name                ? 
_entity_src_nat.pdbx_organism_scientific   'Chlamydomonas reinhardtii' 
_entity_src_nat.pdbx_ncbi_taxonomy_id      3055 
_entity_src_nat.genus                      Chlamydomonas 
_entity_src_nat.species                    ? 
_entity_src_nat.strain                     CC124 
_entity_src_nat.tissue                     ? 
_entity_src_nat.tissue_fraction            ? 
_entity_src_nat.pdbx_secretion             ? 
_entity_src_nat.pdbx_fragment              ? 
_entity_src_nat.pdbx_variant               ? 
_entity_src_nat.pdbx_cell_line             ? 
_entity_src_nat.pdbx_atcc                  ? 
_entity_src_nat.pdbx_cellular_location     ? 
_entity_src_nat.pdbx_organ                 ? 
_entity_src_nat.pdbx_organelle             CHLOROPLAST 
_entity_src_nat.pdbx_cell                  ? 
_entity_src_nat.pdbx_plasmid_name          ? 
_entity_src_nat.pdbx_plasmid_details       ? 
_entity_src_nat.details                    ? 
# 
loop_
_chem_comp.id 
_chem_comp.type 
_chem_comp.mon_nstd_flag 
_chem_comp.name 
_chem_comp.pdbx_synonyms 
_chem_comp.formula 
_chem_comp.formula_weight 
ALA 'L-peptide linking' y ALANINE         ? 'C3 H7 N O2'       89.093  
ARG 'L-peptide linking' y ARGININE        ? 'C6 H15 N4 O2 1'   175.209 
ASN 'L-peptide linking' y ASPARAGINE      ? 'C4 H8 N2 O3'      132.118 
ASP 'L-peptide linking' y 'ASPARTIC ACID' ? 'C4 H7 N O4'       133.103 
CD  non-polymer         . 'CADMIUM ION'   ? 'Cd 2'             112.411 
CYS 'L-peptide linking' y CYSTEINE        ? 'C3 H7 N O2 S'     121.158 
GLN 'L-peptide linking' y GLUTAMINE       ? 'C5 H10 N2 O3'     146.144 
GLU 'L-peptide linking' y 'GLUTAMIC ACID' ? 'C5 H9 N O4'       147.129 
GLY 'peptide linking'   y GLYCINE         ? 'C2 H5 N O2'       75.067  
HEC non-polymer         . 'HEME C'        ? 'C34 H34 Fe N4 O4' 618.503 
HIS 'L-peptide linking' y HISTIDINE       ? 'C6 H10 N3 O2 1'   156.162 
HOH non-polymer         . WATER           ? 'H2 O'             18.015  
ILE 'L-peptide linking' y ISOLEUCINE      ? 'C6 H13 N O2'      131.173 
LEU 'L-peptide linking' y LEUCINE         ? 'C6 H13 N O2'      131.173 
LYS 'L-peptide linking' y LYSINE          ? 'C6 H15 N2 O2 1'   147.195 
MET 'L-peptide linking' y METHIONINE      ? 'C5 H11 N O2 S'    149.211 
PHE 'L-peptide linking' y PHENYLALANINE   ? 'C9 H11 N O2'      165.189 
PRO 'L-peptide linking' y PROLINE         ? 'C5 H9 N O2'       115.130 
SER 'L-peptide linking' y SERINE          ? 'C3 H7 N O3'       105.093 
THR 'L-peptide linking' y THREONINE       ? 'C4 H9 N O3'       119.119 
TRP 'L-peptide linking' y TRYPTOPHAN      ? 'C11 H12 N2 O2'    204.225 
TYR 'L-peptide linking' y TYROSINE        ? 'C9 H11 N O3'      181.189 
VAL 'L-peptide linking' y VALINE          ? 'C5 H11 N O2'      117.146 
# 
loop_
_pdbx_poly_seq_scheme.asym_id 
_pdbx_poly_seq_scheme.entity_id 
_pdbx_poly_seq_scheme.seq_id 
_pdbx_poly_seq_scheme.mon_id 
_pdbx_poly_seq_scheme.ndb_seq_num 
_pdbx_poly_seq_scheme.pdb_seq_num 
_pdbx_poly_seq_scheme.auth_seq_num 
_pdbx_poly_seq_scheme.pdb_mon_id 
_pdbx_poly_seq_scheme.auth_mon_id 
_pdbx_poly_seq_scheme.pdb_strand_id 
_pdbx_poly_seq_scheme.pdb_ins_code 
_pdbx_poly_seq_scheme.hetero 
A 1 1  ALA 1  1  1  ALA ALA A . n 
A 1 2  ASP 2  2  2  ASP ASP A . n 
A 1 3  LEU 3  3  3  LEU LEU A . n 
A 1 4  ALA 4  4  4  ALA ALA A . n 
A 1 5  LEU 5  5  5  LEU LEU A . n 
A 1 6  GLY 6  6  6  GLY GLY A . n 
A 1 7  ALA 7  7  7  ALA ALA A . n 
A 1 8  GLN 8  8  8  GLN GLN A . n 
A 1 9  VAL 9  9  9  VAL VAL A . n 
A 1 10 PHE 10 10 10 PHE PHE A . n 
A 1 11 ASN 11 11 11 ASN ASN A . n 
A 1 12 GLY 12 12 12 GLY GLY A . n 
A 1 13 ASN 13 13 13 ASN ASN A . n 
A 1 14 CYS 14 14 14 CYS CYS A . n 
A 1 15 ALA 15 15 15 ALA ALA A . n 
A 1 16 ALA 16 16 16 ALA ALA A . n 
A 1 17 CYS 17 17 17 CYS CYS A . n 
A 1 18 HIS 18 18 18 HIS HIS A . n 
A 1 19 MET 19 19 19 MET MET A . n 
A 1 20 GLY 20 20 20 GLY GLY A . n 
A 1 21 GLY 21 21 21 GLY GLY A . n 
A 1 22 ARG 22 22 22 ARG ARG A . n 
A 1 23 ASN 23 23 23 ASN ASN A . n 
A 1 24 SER 24 24 24 SER SER A . n 
A 1 25 VAL 25 25 25 VAL VAL A . n 
A 1 26 MET 26 26 26 MET MET A . n 
A 1 27 PRO 27 27 27 PRO PRO A . n 
A 1 28 GLU 28 28 28 GLU GLU A . n 
A 1 29 LYS 29 29 29 LYS LYS A . n 
A 1 30 THR 30 30 30 THR THR A . n 
A 1 31 LEU 31 31 31 LEU LEU A . n 
A 1 32 ASP 32 32 32 ASP ASP A . n 
A 1 33 LYS 33 33 33 LYS LYS A . n 
A 1 34 ALA 34 34 34 ALA ALA A . n 
A 1 35 ALA 35 35 35 ALA ALA A . n 
A 1 36 LEU 36 36 36 LEU LEU A . n 
A 1 37 GLU 37 37 37 GLU GLU A . n 
A 1 38 GLN 38 38 38 GLN GLN A . n 
A 1 39 TYR 39 39 39 TYR TYR A . n 
A 1 40 LEU 40 40 40 LEU LEU A . n 
A 1 41 ASP 41 41 41 ASP ASP A . n 
A 1 42 GLY 42 42 42 GLY GLY A . n 
A 1 43 GLY 43 43 43 GLY GLY A . n 
A 1 44 PHE 44 44 44 PHE PHE A . n 
A 1 45 LYS 45 45 45 LYS LYS A . n 
A 1 46 VAL 46 46 46 VAL VAL A . n 
A 1 47 GLU 47 47 47 GLU GLU A . n 
A 1 48 SER 48 48 48 SER SER A . n 
A 1 49 ILE 49 49 49 ILE ILE A . n 
A 1 50 ILE 50 50 50 ILE ILE A . n 
A 1 51 TYR 51 51 51 TYR TYR A . n 
A 1 52 GLN 52 52 52 GLN GLN A . n 
A 1 53 VAL 53 53 53 VAL VAL A . n 
A 1 54 GLU 54 54 54 GLU GLU A . n 
A 1 55 ASN 55 55 55 ASN ASN A . n 
A 1 56 GLY 56 56 56 GLY GLY A . n 
A 1 57 LYS 57 57 57 LYS LYS A . n 
A 1 58 GLY 58 58 58 GLY GLY A . n 
A 1 59 ALA 59 59 59 ALA ALA A . n 
A 1 60 MET 60 60 60 MET MET A . n 
A 1 61 PRO 61 61 61 PRO PRO A . n 
A 1 62 ALA 62 62 62 ALA ALA A . n 
A 1 63 TRP 63 63 63 TRP TRP A . n 
A 1 64 ALA 64 64 64 ALA ALA A . n 
A 1 65 ASP 65 65 65 ASP ASP A . n 
A 1 66 ARG 66 66 66 ARG ARG A . n 
A 1 67 LEU 67 67 67 LEU LEU A . n 
A 1 68 SER 68 68 68 SER SER A . n 
A 1 69 GLU 69 69 69 GLU GLU A . n 
A 1 70 GLU 70 70 70 GLU GLU A . n 
A 1 71 GLU 71 71 71 GLU GLU A . n 
A 1 72 ILE 72 72 72 ILE ILE A . n 
A 1 73 GLN 73 73 73 GLN GLN A . n 
A 1 74 ALA 74 74 74 ALA ALA A . n 
A 1 75 VAL 75 75 75 VAL VAL A . n 
A 1 76 ALA 76 76 76 ALA ALA A . n 
A 1 77 GLU 77 77 77 GLU GLU A . n 
A 1 78 TYR 78 78 78 TYR TYR A . n 
A 1 79 VAL 79 79 79 VAL VAL A . n 
A 1 80 PHE 80 80 80 PHE PHE A . n 
A 1 81 LYS 81 81 81 LYS LYS A . n 
A 1 82 GLN 82 82 82 GLN GLN A . n 
A 1 83 ALA 83 83 83 ALA ALA A . n 
A 1 84 THR 84 84 84 THR THR A . n 
A 1 85 ASP 85 85 85 ASP ASP A . n 
A 1 86 ALA 86 86 86 ALA ALA A . n 
A 1 87 ALA 87 87 87 ALA ALA A . n 
A 1 88 TRP 88 88 88 TRP TRP A . n 
A 1 89 LYS 89 89 89 LYS LYS A . n 
A 1 90 TYR 90 90 90 TYR TYR A . n 
# 
loop_
_pdbx_nonpoly_scheme.asym_id 
_pdbx_nonpoly_scheme.entity_id 
_pdbx_nonpoly_scheme.mon_id 
_pdbx_nonpoly_scheme.ndb_seq_num 
_pdbx_nonpoly_scheme.pdb_seq_num 
_pdbx_nonpoly_scheme.auth_seq_num 
_pdbx_nonpoly_scheme.pdb_mon_id 
_pdbx_nonpoly_scheme.auth_mon_id 
_pdbx_nonpoly_scheme.pdb_strand_id 
_pdbx_nonpoly_scheme.pdb_ins_code 
B 2 CD  1  300 300 CD  CD  A . 
C 2 CD  1  301 301 CD  CD  A . 
D 2 CD  1  302 302 CD  CD  A . 
E 2 CD  1  303 303 CD  CD  A . 
F 3 HEC 1  200 200 HEC HEM A . 
G 4 HOH 1  400 400 HOH HOH A . 
G 4 HOH 2  401 401 HOH HOH A . 
G 4 HOH 3  402 402 HOH HOH A . 
G 4 HOH 4  403 403 HOH HOH A . 
G 4 HOH 5  404 404 HOH HOH A . 
G 4 HOH 6  405 405 HOH HOH A . 
G 4 HOH 7  406 406 HOH HOH A . 
G 4 HOH 8  407 407 HOH HOH A . 
G 4 HOH 9  408 408 HOH HOH A . 
G 4 HOH 10 409 409 HOH HOH A . 
G 4 HOH 11 410 410 HOH HOH A . 
G 4 HOH 12 411 411 HOH HOH A . 
G 4 HOH 13 412 412 HOH HOH A . 
G 4 HOH 14 413 413 HOH HOH A . 
G 4 HOH 15 414 414 HOH HOH A . 
G 4 HOH 16 415 415 HOH HOH A . 
G 4 HOH 17 416 416 HOH HOH A . 
G 4 HOH 18 417 417 HOH HOH A . 
G 4 HOH 19 418 418 HOH HOH A . 
G 4 HOH 20 419 419 HOH HOH A . 
G 4 HOH 21 420 420 HOH HOH A . 
G 4 HOH 22 421 421 HOH HOH A . 
G 4 HOH 23 422 422 HOH HOH A . 
G 4 HOH 24 423 423 HOH HOH A . 
G 4 HOH 25 424 424 HOH HOH A . 
G 4 HOH 26 425 425 HOH HOH A . 
G 4 HOH 27 426 426 HOH HOH A . 
G 4 HOH 28 428 428 HOH HOH A . 
G 4 HOH 29 429 429 HOH HOH A . 
G 4 HOH 30 430 430 HOH HOH A . 
G 4 HOH 31 431 431 HOH HOH A . 
G 4 HOH 32 432 432 HOH HOH A . 
G 4 HOH 33 433 433 HOH HOH A . 
G 4 HOH 34 435 435 HOH HOH A . 
G 4 HOH 35 436 436 HOH HOH A . 
G 4 HOH 36 437 437 HOH HOH A . 
G 4 HOH 37 438 438 HOH HOH A . 
G 4 HOH 38 439 439 HOH HOH A . 
G 4 HOH 39 440 440 HOH HOH A . 
G 4 HOH 40 441 441 HOH HOH A . 
G 4 HOH 41 442 442 HOH HOH A . 
G 4 HOH 42 443 443 HOH HOH A . 
G 4 HOH 43 444 444 HOH HOH A . 
G 4 HOH 44 445 445 HOH HOH A . 
G 4 HOH 45 446 446 HOH HOH A . 
G 4 HOH 46 447 447 HOH HOH A . 
G 4 HOH 47 448 448 HOH HOH A . 
G 4 HOH 48 449 449 HOH HOH A . 
G 4 HOH 49 450 450 HOH HOH A . 
G 4 HOH 50 451 451 HOH HOH A . 
G 4 HOH 51 452 452 HOH HOH A . 
G 4 HOH 52 453 453 HOH HOH A . 
G 4 HOH 53 454 454 HOH HOH A . 
G 4 HOH 54 455 455 HOH HOH A . 
G 4 HOH 55 456 456 HOH HOH A . 
G 4 HOH 56 457 457 HOH HOH A . 
G 4 HOH 57 458 458 HOH HOH A . 
G 4 HOH 58 459 459 HOH HOH A . 
G 4 HOH 59 460 460 HOH HOH A . 
G 4 HOH 60 461 461 HOH HOH A . 
G 4 HOH 61 462 462 HOH HOH A . 
G 4 HOH 62 463 463 HOH HOH A . 
G 4 HOH 63 464 464 HOH HOH A . 
G 4 HOH 64 465 465 HOH HOH A . 
G 4 HOH 65 466 466 HOH HOH A . 
G 4 HOH 66 467 467 HOH HOH A . 
G 4 HOH 67 468 468 HOH HOH A . 
G 4 HOH 68 469 469 HOH HOH A . 
G 4 HOH 69 470 470 HOH HOH A . 
G 4 HOH 70 471 471 HOH HOH A . 
G 4 HOH 71 472 472 HOH HOH A . 
G 4 HOH 72 473 473 HOH HOH A . 
# 
loop_
_pdbx_unobs_or_zero_occ_atoms.id 
_pdbx_unobs_or_zero_occ_atoms.PDB_model_num 
_pdbx_unobs_or_zero_occ_atoms.polymer_flag 
_pdbx_unobs_or_zero_occ_atoms.occupancy_flag 
_pdbx_unobs_or_zero_occ_atoms.auth_asym_id 
_pdbx_unobs_or_zero_occ_atoms.auth_comp_id 
_pdbx_unobs_or_zero_occ_atoms.auth_seq_id 
_pdbx_unobs_or_zero_occ_atoms.PDB_ins_code 
_pdbx_unobs_or_zero_occ_atoms.auth_atom_id 
_pdbx_unobs_or_zero_occ_atoms.label_alt_id 
_pdbx_unobs_or_zero_occ_atoms.label_asym_id 
_pdbx_unobs_or_zero_occ_atoms.label_comp_id 
_pdbx_unobs_or_zero_occ_atoms.label_seq_id 
_pdbx_unobs_or_zero_occ_atoms.label_atom_id 
1 1 Y 1 A TYR 90 ? CE1 ? A TYR 90 CE1 
2 1 Y 1 A TYR 90 ? CE2 ? A TYR 90 CE2 
3 1 Y 1 A TYR 90 ? CZ  ? A TYR 90 CZ  
4 1 Y 1 A TYR 90 ? OH  ? A TYR 90 OH  
# 
loop_
_software.name 
_software.classification 
_software.version 
_software.citation_id 
_software.pdbx_ordinal 
X-PLOR 'model building' 3.1 ? 1 
X-PLOR refinement       3.1 ? 2 
R-AXIS 'data reduction' .   ? 3 
MSC    'data reduction' .   ? 4 
X-PLOR phasing          3.1 ? 5 
# 
_cell.entry_id           1CYJ 
_cell.length_a           81.600 
_cell.length_b           81.600 
_cell.length_c           81.600 
_cell.angle_alpha        90.00 
_cell.angle_beta         90.00 
_cell.angle_gamma        90.00 
_cell.Z_PDB              24 
_cell.pdbx_unique_axis   ? 
# 
_symmetry.entry_id                         1CYJ 
_symmetry.space_group_name_H-M             'I 2 3' 
_symmetry.pdbx_full_space_group_name_H-M   ? 
_symmetry.cell_setting                     ? 
_symmetry.Int_Tables_number                197 
# 
_exptl.entry_id          1CYJ 
_exptl.method            'X-RAY DIFFRACTION' 
_exptl.crystals_number   ? 
# 
_exptl_crystal.id                    1 
_exptl_crystal.density_meas          ? 
_exptl_crystal.density_Matthews      2.31 
_exptl_crystal.density_percent_sol   46.68 
_exptl_crystal.description           ? 
# 
_diffrn.id                     1 
_diffrn.ambient_temp           ? 
_diffrn.ambient_temp_details   ? 
_diffrn.crystal_id             1 
# 
_diffrn_detector.diffrn_id              1 
_diffrn_detector.detector               'IMAGE PLATE' 
_diffrn_detector.type                   'RIGAKU RAXIS IIC' 
_diffrn_detector.pdbx_collection_date   1993-01-22 
_diffrn_detector.details                ? 
# 
_diffrn_radiation.diffrn_id                        1 
_diffrn_radiation.wavelength_id                    1 
_diffrn_radiation.pdbx_monochromatic_or_laue_m_l   M 
_diffrn_radiation.monochromator                    ? 
_diffrn_radiation.pdbx_diffrn_protocol             ? 
_diffrn_radiation.pdbx_scattering_type             x-ray 
# 
_diffrn_radiation_wavelength.id           1 
_diffrn_radiation_wavelength.wavelength   1.54 
_diffrn_radiation_wavelength.wt           1.0 
# 
_diffrn_source.diffrn_id                   1 
_diffrn_source.source                      ? 
_diffrn_source.type                        ? 
_diffrn_source.pdbx_synchrotron_site       ? 
_diffrn_source.pdbx_synchrotron_beamline   ? 
_diffrn_source.pdbx_wavelength             1.54 
_diffrn_source.pdbx_wavelength_list        ? 
# 
_reflns.entry_id                     1CYJ 
_reflns.observed_criterion_sigma_I   1. 
_reflns.observed_criterion_sigma_F   ? 
_reflns.d_resolution_low             57.6 
_reflns.d_resolution_high            1.9 
_reflns.number_obs                   5709 
_reflns.number_all                   ? 
_reflns.percent_possible_obs         78.6 
_reflns.pdbx_Rmerge_I_obs            0.072 
_reflns.pdbx_Rsym_value              ? 
_reflns.pdbx_netI_over_sigmaI        ? 
_reflns.B_iso_Wilson_estimate        ? 
_reflns.pdbx_redundancy              ? 
_reflns.pdbx_diffrn_id               1 
_reflns.pdbx_ordinal                 1 
# 
_refine.entry_id                                 1CYJ 
_refine.ls_number_reflns_obs                     6412 
_refine.ls_number_reflns_all                     ? 
_refine.pdbx_ls_sigma_I                          ? 
_refine.pdbx_ls_sigma_F                          0. 
_refine.pdbx_data_cutoff_high_absF               ? 
_refine.pdbx_data_cutoff_low_absF                ? 
_refine.pdbx_data_cutoff_high_rms_absF           ? 
_refine.ls_d_res_low                             10. 
_refine.ls_d_res_high                            1.9 
_refine.ls_percent_reflns_obs                    ? 
_refine.ls_R_factor_obs                          0.187 
_refine.ls_R_factor_all                          ? 
_refine.ls_R_factor_R_work                       0.187 
_refine.ls_R_factor_R_free                       ? 
_refine.ls_R_factor_R_free_error                 ? 
_refine.ls_R_factor_R_free_error_details         ? 
_refine.ls_percent_reflns_R_free                 ? 
_refine.ls_number_reflns_R_free                  ? 
_refine.ls_number_parameters                     ? 
_refine.ls_number_restraints                     ? 
_refine.occupancy_min                            ? 
_refine.occupancy_max                            ? 
_refine.B_iso_mean                               21.1 
_refine.aniso_B[1][1]                            ? 
_refine.aniso_B[2][2]                            ? 
_refine.aniso_B[3][3]                            ? 
_refine.aniso_B[1][2]                            ? 
_refine.aniso_B[1][3]                            ? 
_refine.aniso_B[2][3]                            ? 
_refine.solvent_model_details                    ? 
_refine.solvent_model_param_ksol                 ? 
_refine.solvent_model_param_bsol                 ? 
_refine.pdbx_ls_cross_valid_method               ? 
_refine.details                                  
;NO RESTRAINTS WERE PLACED ON CADMIUM IONS DURING
REFINEMENT.  CONSEQUENTLY THERE ARE CLOSE CONTACTS BETWEEN
SOLVENT MOLECULES AND SIDE-CHAIN ATOMS INVOLVED IN CADMIUM
LIGATION.

FROM 2FO-FC ELECTRON DENSITY AND ITS PROXIMITY TO SOLVENT
MOLECULES, THE ATOM AT POSITION 422 APPEARS TO BE AN ION.
HOWEVER SINCE IT DID NOT REFINE SATISFACTORILY AS A CADMIUM
ION IT WAS MODELLED AS SOLVENT, RESULTING IN CLOSE
INTERMOLECULAR CONTACTS WITH SOLVENT MOLECULES 456 AND 469.
;
_refine.pdbx_starting_model                      ? 
_refine.pdbx_method_to_determine_struct          ? 
_refine.pdbx_isotropic_thermal_model             ? 
_refine.pdbx_stereochemistry_target_values       ? 
_refine.pdbx_stereochem_target_val_spec_case     ? 
_refine.pdbx_R_Free_selection_details            ? 
_refine.pdbx_overall_ESU_R                       ? 
_refine.pdbx_overall_ESU_R_Free                  ? 
_refine.overall_SU_ML                            ? 
_refine.overall_SU_B                             ? 
_refine.pdbx_refine_id                           'X-RAY DIFFRACTION' 
_refine.pdbx_diffrn_id                           1 
_refine.pdbx_TLS_residual_ADP_flag               ? 
_refine.correlation_coeff_Fo_to_Fc               ? 
_refine.correlation_coeff_Fo_to_Fc_free          ? 
_refine.pdbx_solvent_vdw_probe_radii             ? 
_refine.pdbx_solvent_ion_probe_radii             ? 
_refine.pdbx_solvent_shrinkage_radii             ? 
_refine.pdbx_overall_phase_error                 ? 
_refine.overall_SU_R_Cruickshank_DPI             ? 
_refine.pdbx_overall_SU_R_free_Cruickshank_DPI   ? 
_refine.pdbx_overall_SU_R_Blow_DPI               ? 
_refine.pdbx_overall_SU_R_free_Blow_DPI          ? 
# 
_refine_analyze.entry_id                        1CYJ 
_refine_analyze.Luzzati_coordinate_error_obs    0.23 
_refine_analyze.Luzzati_sigma_a_obs             ? 
_refine_analyze.Luzzati_d_res_low_obs           ? 
_refine_analyze.Luzzati_coordinate_error_free   ? 
_refine_analyze.Luzzati_sigma_a_free            ? 
_refine_analyze.Luzzati_d_res_low_free          ? 
_refine_analyze.number_disordered_residues      ? 
_refine_analyze.occupancy_sum_hydrogen          ? 
_refine_analyze.occupancy_sum_non_hydrogen      ? 
_refine_analyze.pdbx_refine_id                  'X-RAY DIFFRACTION' 
# 
_refine_hist.pdbx_refine_id                   'X-RAY DIFFRACTION' 
_refine_hist.cycle_id                         LAST 
_refine_hist.pdbx_number_atoms_protein        684 
_refine_hist.pdbx_number_atoms_nucleic_acid   0 
_refine_hist.pdbx_number_atoms_ligand         47 
_refine_hist.number_atoms_solvent             72 
_refine_hist.number_atoms_total               803 
_refine_hist.d_res_high                       1.9 
_refine_hist.d_res_low                        10. 
# 
loop_
_refine_ls_restr.type 
_refine_ls_restr.dev_ideal 
_refine_ls_restr.dev_ideal_target 
_refine_ls_restr.weight 
_refine_ls_restr.number 
_refine_ls_restr.pdbx_refine_id 
_refine_ls_restr.pdbx_restraint_function 
x_bond_d                0.018 ? ? ? 'X-RAY DIFFRACTION' ? 
x_bond_d_na             ?     ? ? ? 'X-RAY DIFFRACTION' ? 
x_bond_d_prot           ?     ? ? ? 'X-RAY DIFFRACTION' ? 
x_angle_d               ?     ? ? ? 'X-RAY DIFFRACTION' ? 
x_angle_d_na            ?     ? ? ? 'X-RAY DIFFRACTION' ? 
x_angle_d_prot          ?     ? ? ? 'X-RAY DIFFRACTION' ? 
x_angle_deg             1.665 ? ? ? 'X-RAY DIFFRACTION' ? 
x_angle_deg_na          ?     ? ? ? 'X-RAY DIFFRACTION' ? 
x_angle_deg_prot        ?     ? ? ? 'X-RAY DIFFRACTION' ? 
x_dihedral_angle_d      ?     ? ? ? 'X-RAY DIFFRACTION' ? 
x_dihedral_angle_d_na   ?     ? ? ? 'X-RAY DIFFRACTION' ? 
x_dihedral_angle_d_prot ?     ? ? ? 'X-RAY DIFFRACTION' ? 
x_improper_angle_d      ?     ? ? ? 'X-RAY DIFFRACTION' ? 
x_improper_angle_d_na   ?     ? ? ? 'X-RAY DIFFRACTION' ? 
x_improper_angle_d_prot ?     ? ? ? 'X-RAY DIFFRACTION' ? 
x_mcbond_it             1.5   ? ? ? 'X-RAY DIFFRACTION' ? 
x_mcangle_it            2.5   ? ? ? 'X-RAY DIFFRACTION' ? 
x_scbond_it             2.0   ? ? ? 'X-RAY DIFFRACTION' ? 
x_scangle_it            4.0   ? ? ? 'X-RAY DIFFRACTION' ? 
# 
_struct.entry_id                  1CYJ 
_struct.title                     'CYTOCHROME C6' 
_struct.pdbx_model_details        ? 
_struct.pdbx_CASP_flag            ? 
_struct.pdbx_model_type_details   ? 
# 
_struct_keywords.entry_id        1CYJ 
_struct_keywords.pdbx_keywords   'ELECTRON TRANSPORT PROTEIN (CYTOCHROME)' 
_struct_keywords.text            'PHOTOSYNTHESIS, CHLAMYDOMONAS, ELECTRON TRANSPORT PROTEIN (CYTOCHROME)' 
# 
loop_
_struct_asym.id 
_struct_asym.pdbx_blank_PDB_chainid_flag 
_struct_asym.pdbx_modified 
_struct_asym.entity_id 
_struct_asym.details 
A N N 1 ? 
B N N 2 ? 
C N N 2 ? 
D N N 2 ? 
E N N 2 ? 
F N N 3 ? 
G N N 4 ? 
# 
_struct_ref.id                         1 
_struct_ref.db_name                    UNP 
_struct_ref.db_code                    CYC6_CHLRE 
_struct_ref.entity_id                  1 
_struct_ref.pdbx_db_accession          P08197 
_struct_ref.pdbx_align_begin           1 
_struct_ref.pdbx_seq_one_letter_code   
;MLQLANRSVRAKAARASQSARSVSCAAAKRGADVAPLTSALAVTASILLTTGAASASAADLALGAQVFNGNCAACHMGGR
NSVMPEKTLDKAALEQYLDGGFKVESIIYQVENGKGAMPAWADRLSEEEIQAVAEYVFKQATDAAWKY
;
_struct_ref.pdbx_db_isoform            ? 
# 
_struct_ref_seq.align_id                      1 
_struct_ref_seq.ref_id                        1 
_struct_ref_seq.pdbx_PDB_id_code              1CYJ 
_struct_ref_seq.pdbx_strand_id                A 
_struct_ref_seq.seq_align_beg                 1 
_struct_ref_seq.pdbx_seq_align_beg_ins_code   ? 
_struct_ref_seq.seq_align_end                 90 
_struct_ref_seq.pdbx_seq_align_end_ins_code   ? 
_struct_ref_seq.pdbx_db_accession             P08197 
_struct_ref_seq.db_align_beg                  59 
_struct_ref_seq.pdbx_db_align_beg_ins_code    ? 
_struct_ref_seq.db_align_end                  148 
_struct_ref_seq.pdbx_db_align_end_ins_code    ? 
_struct_ref_seq.pdbx_auth_seq_align_beg       1 
_struct_ref_seq.pdbx_auth_seq_align_end       90 
# 
_pdbx_struct_assembly.id                   1 
_pdbx_struct_assembly.details              author_defined_assembly 
_pdbx_struct_assembly.method_details       ? 
_pdbx_struct_assembly.oligomeric_details   monomeric 
_pdbx_struct_assembly.oligomeric_count     1 
# 
_pdbx_struct_assembly_gen.assembly_id       1 
_pdbx_struct_assembly_gen.oper_expression   1 
_pdbx_struct_assembly_gen.asym_id_list      A,B,C,D,E,F,G 
# 
_pdbx_struct_oper_list.id                   1 
_pdbx_struct_oper_list.type                 'identity operation' 
_pdbx_struct_oper_list.name                 1_555 
_pdbx_struct_oper_list.symmetry_operation   x,y,z 
_pdbx_struct_oper_list.matrix[1][1]         1.0000000000 
_pdbx_struct_oper_list.matrix[1][2]         0.0000000000 
_pdbx_struct_oper_list.matrix[1][3]         0.0000000000 
_pdbx_struct_oper_list.vector[1]            0.0000000000 
_pdbx_struct_oper_list.matrix[2][1]         0.0000000000 
_pdbx_struct_oper_list.matrix[2][2]         1.0000000000 
_pdbx_struct_oper_list.matrix[2][3]         0.0000000000 
_pdbx_struct_oper_list.vector[2]            0.0000000000 
_pdbx_struct_oper_list.matrix[3][1]         0.0000000000 
_pdbx_struct_oper_list.matrix[3][2]         0.0000000000 
_pdbx_struct_oper_list.matrix[3][3]         1.0000000000 
_pdbx_struct_oper_list.vector[3]            0.0000000000 
# 
_struct_biol.id   1 
# 
loop_
_struct_conf.conf_type_id 
_struct_conf.id 
_struct_conf.pdbx_PDB_helix_id 
_struct_conf.beg_label_comp_id 
_struct_conf.beg_label_asym_id 
_struct_conf.beg_label_seq_id 
_struct_conf.pdbx_beg_PDB_ins_code 
_struct_conf.end_label_comp_id 
_struct_conf.end_label_asym_id 
_struct_conf.end_label_seq_id 
_struct_conf.pdbx_end_PDB_ins_code 
_struct_conf.beg_auth_comp_id 
_struct_conf.beg_auth_asym_id 
_struct_conf.beg_auth_seq_id 
_struct_conf.end_auth_comp_id 
_struct_conf.end_auth_asym_id 
_struct_conf.end_auth_seq_id 
_struct_conf.pdbx_PDB_helix_class 
_struct_conf.details 
_struct_conf.pdbx_PDB_helix_length 
HELX_P HELX_P1 1 LEU A 3  ? ASN A 13 ? LEU A 3  ASN A 13 1 ? 11 
HELX_P HELX_P2 2 LYS A 33 ? TYR A 39 ? LYS A 33 TYR A 39 1 ? 7  
HELX_P HELX_P3 3 VAL A 46 ? ASN A 55 ? VAL A 46 ASN A 55 1 ? 10 
HELX_P HELX_P4 4 GLU A 69 ? ASP A 85 ? GLU A 69 ASP A 85 1 ? 17 
# 
_struct_conf_type.id          HELX_P 
_struct_conf_type.criteria    ? 
_struct_conf_type.reference   ? 
# 
loop_
_struct_conn.id 
_struct_conn.conn_type_id 
_struct_conn.pdbx_leaving_atom_flag 
_struct_conn.pdbx_PDB_id 
_struct_conn.ptnr1_label_asym_id 
_struct_conn.ptnr1_label_comp_id 
_struct_conn.ptnr1_label_seq_id 
_struct_conn.ptnr1_label_atom_id 
_struct_conn.pdbx_ptnr1_label_alt_id 
_struct_conn.pdbx_ptnr1_PDB_ins_code 
_struct_conn.pdbx_ptnr1_standard_comp_id 
_struct_conn.ptnr1_symmetry 
_struct_conn.ptnr2_label_asym_id 
_struct_conn.ptnr2_label_comp_id 
_struct_conn.ptnr2_label_seq_id 
_struct_conn.ptnr2_label_atom_id 
_struct_conn.pdbx_ptnr2_label_alt_id 
_struct_conn.pdbx_ptnr2_PDB_ins_code 
_struct_conn.ptnr1_auth_asym_id 
_struct_conn.ptnr1_auth_comp_id 
_struct_conn.ptnr1_auth_seq_id 
_struct_conn.ptnr2_auth_asym_id 
_struct_conn.ptnr2_auth_comp_id 
_struct_conn.ptnr2_auth_seq_id 
_struct_conn.ptnr2_symmetry 
_struct_conn.pdbx_ptnr3_label_atom_id 
_struct_conn.pdbx_ptnr3_label_seq_id 
_struct_conn.pdbx_ptnr3_label_comp_id 
_struct_conn.pdbx_ptnr3_label_asym_id 
_struct_conn.pdbx_ptnr3_label_alt_id 
_struct_conn.pdbx_ptnr3_PDB_ins_code 
_struct_conn.details 
_struct_conn.pdbx_dist_value 
_struct_conn.pdbx_value_order 
_struct_conn.pdbx_role 
covale1  covale none ? A CYS 14 SG  ? ? ? 1_555  F HEC . CAB ? ? A CYS 14  A HEC 200 1_555  ? ? ? ? ? ? ? 1.790 ? ? 
covale2  covale none ? A CYS 17 SG  ? ? ? 1_555  F HEC . CAC ? ? A CYS 17  A HEC 200 1_555  ? ? ? ? ? ? ? 1.760 ? ? 
metalc1  metalc ?    ? A ASP 2  OD1 ? ? ? 1_555  C CD  . CD  ? ? A ASP 2   A CD  301 1_555  ? ? ? ? ? ? ? 2.860 ? ? 
metalc2  metalc ?    ? A ASP 2  OD2 ? ? ? 1_555  C CD  . CD  ? ? A ASP 2   A CD  301 1_555  ? ? ? ? ? ? ? 2.263 ? ? 
metalc3  metalc ?    ? A HIS 18 NE2 ? ? ? 1_555  F HEC . FE  ? ? A HIS 18  A HEC 200 1_555  ? ? ? ? ? ? ? 1.898 ? ? 
metalc4  metalc ?    ? A ASP 41 OD1 ? ? ? 22_445 B CD  . CD  ? ? A ASP 41  A CD  300 1_555  ? ? ? ? ? ? ? 2.289 ? ? 
metalc5  metalc ?    ? A ASP 41 OD2 ? ? ? 22_445 B CD  . CD  ? ? A ASP 41  A CD  300 1_555  ? ? ? ? ? ? ? 2.529 ? ? 
metalc6  metalc ?    ? A GLU 47 OE2 ? ? ? 5_456  C CD  . CD  ? ? A GLU 47  A CD  301 1_555  ? ? ? ? ? ? ? 2.092 ? ? 
metalc7  metalc ?    ? A GLU 54 OE2 ? ? ? 1_555  D CD  . CD  ? ? A GLU 54  A CD  302 1_555  ? ? ? ? ? ? ? 2.664 ? ? 
metalc8  metalc ?    ? A GLU 54 OE1 ? ? ? 1_555  D CD  . CD  ? ? A GLU 54  A CD  302 1_555  ? ? ? ? ? ? ? 2.859 ? ? 
metalc9  metalc ?    ? A MET 60 SD  ? ? ? 1_555  F HEC . FE  ? ? A MET 60  A HEC 200 1_555  ? ? ? ? ? ? ? 2.392 ? ? 
metalc10 metalc ?    ? A GLU 69 OE2 ? ? ? 1_555  D CD  . CD  ? ? A GLU 69  A CD  302 1_555  ? ? ? ? ? ? ? 2.615 ? ? 
metalc11 metalc ?    ? A GLU 69 OE1 ? ? ? 1_555  D CD  . CD  ? ? A GLU 69  A CD  302 1_555  ? ? ? ? ? ? ? 3.009 ? ? 
metalc12 metalc ?    ? A GLU 70 OE2 ? ? ? 9_546  E CD  . CD  ? ? A GLU 70  A CD  303 1_555  ? ? ? ? ? ? ? 2.927 ? ? 
metalc13 metalc ?    ? A GLU 71 OE1 ? ? ? 1_555  B CD  . CD  ? ? A GLU 71  A CD  300 1_555  ? ? ? ? ? ? ? 2.461 ? ? 
metalc14 metalc ?    ? A GLU 71 OE2 ? ? ? 1_555  B CD  . CD  ? ? A GLU 71  A CD  300 1_555  ? ? ? ? ? ? ? 2.408 ? ? 
metalc15 metalc ?    ? B CD  .  CD  ? ? ? 1_555  G HOH . O   ? ? A CD  300 A HOH 421 22_445 ? ? ? ? ? ? ? 1.796 ? ? 
metalc16 metalc ?    ? C CD  .  CD  ? ? ? 1_555  G HOH . O   ? ? A CD  301 A HOH 424 1_555  ? ? ? ? ? ? ? 2.055 ? ? 
metalc17 metalc ?    ? C CD  .  CD  ? ? ? 1_555  G HOH . O   ? ? A CD  301 A HOH 428 5_456  ? ? ? ? ? ? ? 2.230 ? ? 
metalc18 metalc ?    ? D CD  .  CD  ? ? ? 1_555  G HOH . O   ? ? A CD  302 A HOH 403 1_555  ? ? ? ? ? ? ? 1.890 ? ? 
metalc19 metalc ?    ? D CD  .  CD  ? ? ? 1_555  G HOH . O   ? ? A CD  302 A HOH 412 18_445 ? ? ? ? ? ? ? 2.087 ? ? 
metalc20 metalc ?    ? D CD  .  CD  ? ? ? 1_555  G HOH . O   ? ? A CD  302 A HOH 419 1_555  ? ? ? ? ? ? ? 1.929 ? ? 
metalc21 metalc ?    ? E CD  .  CD  ? ? ? 1_555  G HOH . O   ? ? A CD  303 A HOH 422 1_555  ? ? ? ? ? ? ? 1.794 ? ? 
metalc22 metalc ?    ? E CD  .  CD  ? ? ? 1_555  G HOH . O   ? ? A CD  303 A HOH 456 1_555  ? ? ? ? ? ? ? 2.844 ? ? 
# 
loop_
_struct_conn_type.id 
_struct_conn_type.criteria 
_struct_conn_type.reference 
covale ? ? 
metalc ? ? 
# 
loop_
_pdbx_struct_conn_angle.id 
_pdbx_struct_conn_angle.ptnr1_label_atom_id 
_pdbx_struct_conn_angle.ptnr1_label_alt_id 
_pdbx_struct_conn_angle.ptnr1_label_asym_id 
_pdbx_struct_conn_angle.ptnr1_label_comp_id 
_pdbx_struct_conn_angle.ptnr1_label_seq_id 
_pdbx_struct_conn_angle.ptnr1_auth_atom_id 
_pdbx_struct_conn_angle.ptnr1_auth_asym_id 
_pdbx_struct_conn_angle.ptnr1_auth_comp_id 
_pdbx_struct_conn_angle.ptnr1_auth_seq_id 
_pdbx_struct_conn_angle.ptnr1_PDB_ins_code 
_pdbx_struct_conn_angle.ptnr1_symmetry 
_pdbx_struct_conn_angle.ptnr2_label_atom_id 
_pdbx_struct_conn_angle.ptnr2_label_alt_id 
_pdbx_struct_conn_angle.ptnr2_label_asym_id 
_pdbx_struct_conn_angle.ptnr2_label_comp_id 
_pdbx_struct_conn_angle.ptnr2_label_seq_id 
_pdbx_struct_conn_angle.ptnr2_auth_atom_id 
_pdbx_struct_conn_angle.ptnr2_auth_asym_id 
_pdbx_struct_conn_angle.ptnr2_auth_comp_id 
_pdbx_struct_conn_angle.ptnr2_auth_seq_id 
_pdbx_struct_conn_angle.ptnr2_PDB_ins_code 
_pdbx_struct_conn_angle.ptnr2_symmetry 
_pdbx_struct_conn_angle.ptnr3_label_atom_id 
_pdbx_struct_conn_angle.ptnr3_label_alt_id 
_pdbx_struct_conn_angle.ptnr3_label_asym_id 
_pdbx_struct_conn_angle.ptnr3_label_comp_id 
_pdbx_struct_conn_angle.ptnr3_label_seq_id 
_pdbx_struct_conn_angle.ptnr3_auth_atom_id 
_pdbx_struct_conn_angle.ptnr3_auth_asym_id 
_pdbx_struct_conn_angle.ptnr3_auth_comp_id 
_pdbx_struct_conn_angle.ptnr3_auth_seq_id 
_pdbx_struct_conn_angle.ptnr3_PDB_ins_code 
_pdbx_struct_conn_angle.ptnr3_symmetry 
_pdbx_struct_conn_angle.value 
_pdbx_struct_conn_angle.value_esd 
1  OD1 ? A ASP 2  ? A ASP 2   ? 1_555  CD ? C CD  . ? A CD  301 ? 1_555 OD2 ? A ASP 2  ? A ASP 2   ? 1_555  49.0  ? 
2  OD1 ? A ASP 2  ? A ASP 2   ? 1_555  CD ? C CD  . ? A CD  301 ? 1_555 OE2 ? A GLU 47 ? A GLU 47  ? 5_456  136.9 ? 
3  OD2 ? A ASP 2  ? A ASP 2   ? 1_555  CD ? C CD  . ? A CD  301 ? 1_555 OE2 ? A GLU 47 ? A GLU 47  ? 5_456  90.1  ? 
4  OD1 ? A ASP 2  ? A ASP 2   ? 1_555  CD ? C CD  . ? A CD  301 ? 1_555 O   ? G HOH .  ? A HOH 424 ? 1_555  96.6  ? 
5  OD2 ? A ASP 2  ? A ASP 2   ? 1_555  CD ? C CD  . ? A CD  301 ? 1_555 O   ? G HOH .  ? A HOH 424 ? 1_555  109.7 ? 
6  OE2 ? A GLU 47 ? A GLU 47  ? 5_456  CD ? C CD  . ? A CD  301 ? 1_555 O   ? G HOH .  ? A HOH 424 ? 1_555  112.1 ? 
7  OD1 ? A ASP 2  ? A ASP 2   ? 1_555  CD ? C CD  . ? A CD  301 ? 1_555 O   ? G HOH .  ? A HOH 428 ? 5_456  92.4  ? 
8  OD2 ? A ASP 2  ? A ASP 2   ? 1_555  CD ? C CD  . ? A CD  301 ? 1_555 O   ? G HOH .  ? A HOH 428 ? 5_456  124.2 ? 
9  OE2 ? A GLU 47 ? A GLU 47  ? 5_456  CD ? C CD  . ? A CD  301 ? 1_555 O   ? G HOH .  ? A HOH 428 ? 5_456  103.5 ? 
10 O   ? G HOH .  ? A HOH 424 ? 1_555  CD ? C CD  . ? A CD  301 ? 1_555 O   ? G HOH .  ? A HOH 428 ? 5_456  113.9 ? 
11 NE2 ? A HIS 18 ? A HIS 18  ? 1_555  FE ? F HEC . ? A HEC 200 ? 1_555 NA  ? F HEC .  ? A HEC 200 ? 1_555  89.2  ? 
12 NE2 ? A HIS 18 ? A HIS 18  ? 1_555  FE ? F HEC . ? A HEC 200 ? 1_555 NB  ? F HEC .  ? A HEC 200 ? 1_555  86.7  ? 
13 NA  ? F HEC .  ? A HEC 200 ? 1_555  FE ? F HEC . ? A HEC 200 ? 1_555 NB  ? F HEC .  ? A HEC 200 ? 1_555  88.9  ? 
14 NE2 ? A HIS 18 ? A HIS 18  ? 1_555  FE ? F HEC . ? A HEC 200 ? 1_555 NC  ? F HEC .  ? A HEC 200 ? 1_555  94.9  ? 
15 NA  ? F HEC .  ? A HEC 200 ? 1_555  FE ? F HEC . ? A HEC 200 ? 1_555 NC  ? F HEC .  ? A HEC 200 ? 1_555  175.4 ? 
16 NB  ? F HEC .  ? A HEC 200 ? 1_555  FE ? F HEC . ? A HEC 200 ? 1_555 NC  ? F HEC .  ? A HEC 200 ? 1_555  89.2  ? 
17 NE2 ? A HIS 18 ? A HIS 18  ? 1_555  FE ? F HEC . ? A HEC 200 ? 1_555 ND  ? F HEC .  ? A HEC 200 ? 1_555  91.2  ? 
18 NA  ? F HEC .  ? A HEC 200 ? 1_555  FE ? F HEC . ? A HEC 200 ? 1_555 ND  ? F HEC .  ? A HEC 200 ? 1_555  91.1  ? 
19 NB  ? F HEC .  ? A HEC 200 ? 1_555  FE ? F HEC . ? A HEC 200 ? 1_555 ND  ? F HEC .  ? A HEC 200 ? 1_555  177.9 ? 
20 NC  ? F HEC .  ? A HEC 200 ? 1_555  FE ? F HEC . ? A HEC 200 ? 1_555 ND  ? F HEC .  ? A HEC 200 ? 1_555  91.0  ? 
21 NE2 ? A HIS 18 ? A HIS 18  ? 1_555  FE ? F HEC . ? A HEC 200 ? 1_555 SD  ? A MET 60 ? A MET 60  ? 1_555  172.1 ? 
22 NA  ? F HEC .  ? A HEC 200 ? 1_555  FE ? F HEC . ? A HEC 200 ? 1_555 SD  ? A MET 60 ? A MET 60  ? 1_555  83.0  ? 
23 NB  ? F HEC .  ? A HEC 200 ? 1_555  FE ? F HEC . ? A HEC 200 ? 1_555 SD  ? A MET 60 ? A MET 60  ? 1_555  92.8  ? 
24 NC  ? F HEC .  ? A HEC 200 ? 1_555  FE ? F HEC . ? A HEC 200 ? 1_555 SD  ? A MET 60 ? A MET 60  ? 1_555  93.0  ? 
25 ND  ? F HEC .  ? A HEC 200 ? 1_555  FE ? F HEC . ? A HEC 200 ? 1_555 SD  ? A MET 60 ? A MET 60  ? 1_555  89.3  ? 
26 OD1 ? A ASP 41 ? A ASP 41  ? 22_445 CD ? B CD  . ? A CD  300 ? 1_555 OD2 ? A ASP 41 ? A ASP 41  ? 22_445 53.5  ? 
27 OD1 ? A ASP 41 ? A ASP 41  ? 22_445 CD ? B CD  . ? A CD  300 ? 1_555 OE1 ? A GLU 71 ? A GLU 71  ? 1_555  76.6  ? 
28 OD2 ? A ASP 41 ? A ASP 41  ? 22_445 CD ? B CD  . ? A CD  300 ? 1_555 OE1 ? A GLU 71 ? A GLU 71  ? 1_555  123.6 ? 
29 OD1 ? A ASP 41 ? A ASP 41  ? 22_445 CD ? B CD  . ? A CD  300 ? 1_555 OE2 ? A GLU 71 ? A GLU 71  ? 1_555  121.1 ? 
30 OD2 ? A ASP 41 ? A ASP 41  ? 22_445 CD ? B CD  . ? A CD  300 ? 1_555 OE2 ? A GLU 71 ? A GLU 71  ? 1_555  173.9 ? 
31 OE1 ? A GLU 71 ? A GLU 71  ? 1_555  CD ? B CD  . ? A CD  300 ? 1_555 OE2 ? A GLU 71 ? A GLU 71  ? 1_555  53.8  ? 
32 OD1 ? A ASP 41 ? A ASP 41  ? 22_445 CD ? B CD  . ? A CD  300 ? 1_555 O   ? G HOH .  ? A HOH 421 ? 22_445 89.6  ? 
33 OD2 ? A ASP 41 ? A ASP 41  ? 22_445 CD ? B CD  . ? A CD  300 ? 1_555 O   ? G HOH .  ? A HOH 421 ? 22_445 88.1  ? 
34 OE1 ? A GLU 71 ? A GLU 71  ? 1_555  CD ? B CD  . ? A CD  300 ? 1_555 O   ? G HOH .  ? A HOH 421 ? 22_445 118.9 ? 
35 OE2 ? A GLU 71 ? A GLU 71  ? 1_555  CD ? B CD  . ? A CD  300 ? 1_555 O   ? G HOH .  ? A HOH 421 ? 22_445 88.9  ? 
36 OE2 ? A GLU 54 ? A GLU 54  ? 1_555  CD ? D CD  . ? A CD  302 ? 1_555 OE1 ? A GLU 54 ? A GLU 54  ? 1_555  46.9  ? 
37 OE2 ? A GLU 54 ? A GLU 54  ? 1_555  CD ? D CD  . ? A CD  302 ? 1_555 OE2 ? A GLU 69 ? A GLU 69  ? 1_555  85.8  ? 
38 OE1 ? A GLU 54 ? A GLU 54  ? 1_555  CD ? D CD  . ? A CD  302 ? 1_555 OE2 ? A GLU 69 ? A GLU 69  ? 1_555  129.6 ? 
39 OE2 ? A GLU 54 ? A GLU 54  ? 1_555  CD ? D CD  . ? A CD  302 ? 1_555 OE1 ? A GLU 69 ? A GLU 69  ? 1_555  79.5  ? 
40 OE1 ? A GLU 54 ? A GLU 54  ? 1_555  CD ? D CD  . ? A CD  302 ? 1_555 OE1 ? A GLU 69 ? A GLU 69  ? 1_555  121.3 ? 
41 OE2 ? A GLU 69 ? A GLU 69  ? 1_555  CD ? D CD  . ? A CD  302 ? 1_555 OE1 ? A GLU 69 ? A GLU 69  ? 1_555  45.4  ? 
42 OE2 ? A GLU 54 ? A GLU 54  ? 1_555  CD ? D CD  . ? A CD  302 ? 1_555 O   ? G HOH .  ? A HOH 403 ? 1_555  110.1 ? 
43 OE1 ? A GLU 54 ? A GLU 54  ? 1_555  CD ? D CD  . ? A CD  302 ? 1_555 O   ? G HOH .  ? A HOH 403 ? 1_555  101.8 ? 
44 OE2 ? A GLU 69 ? A GLU 69  ? 1_555  CD ? D CD  . ? A CD  302 ? 1_555 O   ? G HOH .  ? A HOH 403 ? 1_555  112.0 ? 
45 OE1 ? A GLU 69 ? A GLU 69  ? 1_555  CD ? D CD  . ? A CD  302 ? 1_555 O   ? G HOH .  ? A HOH 403 ? 1_555  72.2  ? 
46 OE2 ? A GLU 54 ? A GLU 54  ? 1_555  CD ? D CD  . ? A CD  302 ? 1_555 O   ? G HOH .  ? A HOH 412 ? 18_445 140.0 ? 
47 OE1 ? A GLU 54 ? A GLU 54  ? 1_555  CD ? D CD  . ? A CD  302 ? 1_555 O   ? G HOH .  ? A HOH 412 ? 18_445 101.4 ? 
48 OE2 ? A GLU 69 ? A GLU 69  ? 1_555  CD ? D CD  . ? A CD  302 ? 1_555 O   ? G HOH .  ? A HOH 412 ? 18_445 108.8 ? 
49 OE1 ? A GLU 69 ? A GLU 69  ? 1_555  CD ? D CD  . ? A CD  302 ? 1_555 O   ? G HOH .  ? A HOH 412 ? 18_445 137.2 ? 
50 O   ? G HOH .  ? A HOH 403 ? 1_555  CD ? D CD  . ? A CD  302 ? 1_555 O   ? G HOH .  ? A HOH 412 ? 18_445 98.8  ? 
51 OE2 ? A GLU 54 ? A GLU 54  ? 1_555  CD ? D CD  . ? A CD  302 ? 1_555 O   ? G HOH .  ? A HOH 419 ? 1_555  69.1  ? 
52 OE1 ? A GLU 54 ? A GLU 54  ? 1_555  CD ? D CD  . ? A CD  302 ? 1_555 O   ? G HOH .  ? A HOH 419 ? 1_555  74.2  ? 
53 OE2 ? A GLU 69 ? A GLU 69  ? 1_555  CD ? D CD  . ? A CD  302 ? 1_555 O   ? G HOH .  ? A HOH 419 ? 1_555  72.6  ? 
54 OE1 ? A GLU 69 ? A GLU 69  ? 1_555  CD ? D CD  . ? A CD  302 ? 1_555 O   ? G HOH .  ? A HOH 419 ? 1_555  111.8 ? 
55 O   ? G HOH .  ? A HOH 403 ? 1_555  CD ? D CD  . ? A CD  302 ? 1_555 O   ? G HOH .  ? A HOH 419 ? 1_555  175.3 ? 
56 O   ? G HOH .  ? A HOH 412 ? 18_445 CD ? D CD  . ? A CD  302 ? 1_555 O   ? G HOH .  ? A HOH 419 ? 1_555  79.8  ? 
57 OE2 ? A GLU 70 ? A GLU 70  ? 9_546  CD ? E CD  . ? A CD  303 ? 1_555 O   ? G HOH .  ? A HOH 422 ? 1_555  117.0 ? 
58 OE2 ? A GLU 70 ? A GLU 70  ? 9_546  CD ? E CD  . ? A CD  303 ? 1_555 O   ? G HOH .  ? A HOH 456 ? 1_555  119.1 ? 
59 O   ? G HOH .  ? A HOH 422 ? 1_555  CD ? E CD  . ? A CD  303 ? 1_555 O   ? G HOH .  ? A HOH 456 ? 1_555  42.6  ? 
# 
loop_
_pdbx_modification_feature.ordinal 
_pdbx_modification_feature.label_comp_id 
_pdbx_modification_feature.label_asym_id 
_pdbx_modification_feature.label_seq_id 
_pdbx_modification_feature.label_alt_id 
_pdbx_modification_feature.modified_residue_label_comp_id 
_pdbx_modification_feature.modified_residue_label_asym_id 
_pdbx_modification_feature.modified_residue_label_seq_id 
_pdbx_modification_feature.modified_residue_label_alt_id 
_pdbx_modification_feature.auth_comp_id 
_pdbx_modification_feature.auth_asym_id 
_pdbx_modification_feature.auth_seq_id 
_pdbx_modification_feature.PDB_ins_code 
_pdbx_modification_feature.symmetry 
_pdbx_modification_feature.modified_residue_auth_comp_id 
_pdbx_modification_feature.modified_residue_auth_asym_id 
_pdbx_modification_feature.modified_residue_auth_seq_id 
_pdbx_modification_feature.modified_residue_PDB_ins_code 
_pdbx_modification_feature.modified_residue_symmetry 
_pdbx_modification_feature.comp_id_linking_atom 
_pdbx_modification_feature.modified_residue_id_linking_atom 
_pdbx_modification_feature.modified_residue_id 
_pdbx_modification_feature.ref_pcm_id 
_pdbx_modification_feature.ref_comp_id 
_pdbx_modification_feature.type 
_pdbx_modification_feature.category 
1 HEC F . ? CYS A 14 ? HEC A 200 ? 1_555 CYS A 14 ? 1_555 CAB SG CYS 2 HEC None Heme/heme-like 
2 HEC F . ? CYS A 17 ? HEC A 200 ? 1_555 CYS A 17 ? 1_555 CAC SG CYS 3 HEC None Heme/heme-like 
# 
loop_
_struct_site.id 
_struct_site.pdbx_evidence_code 
_struct_site.pdbx_auth_asym_id 
_struct_site.pdbx_auth_comp_id 
_struct_site.pdbx_auth_seq_id 
_struct_site.pdbx_auth_ins_code 
_struct_site.pdbx_num_residues 
_struct_site.details 
AC1 Software A CD  300 ? 3  'BINDING SITE FOR RESIDUE CD A 300'  
AC2 Software A CD  301 ? 4  'BINDING SITE FOR RESIDUE CD A 301'  
AC3 Software A CD  302 ? 5  'BINDING SITE FOR RESIDUE CD A 302'  
AC4 Software A CD  303 ? 4  'BINDING SITE FOR RESIDUE CD A 303'  
AC5 Software A HEC 200 ? 15 'BINDING SITE FOR RESIDUE HEC A 200' 
# 
loop_
_struct_site_gen.id 
_struct_site_gen.site_id 
_struct_site_gen.pdbx_num_res 
_struct_site_gen.label_comp_id 
_struct_site_gen.label_asym_id 
_struct_site_gen.label_seq_id 
_struct_site_gen.pdbx_auth_ins_code 
_struct_site_gen.auth_comp_id 
_struct_site_gen.auth_asym_id 
_struct_site_gen.auth_seq_id 
_struct_site_gen.label_atom_id 
_struct_site_gen.label_alt_id 
_struct_site_gen.symmetry 
_struct_site_gen.details 
1  AC1 3  ASP A 41 ? ASP A 41  . ? 22_445 ? 
2  AC1 3  GLU A 71 ? GLU A 71  . ? 1_555  ? 
3  AC1 3  HOH G .  ? HOH A 421 . ? 22_445 ? 
4  AC2 4  ASP A 2  ? ASP A 2   . ? 1_555  ? 
5  AC2 4  GLU A 47 ? GLU A 47  . ? 5_456  ? 
6  AC2 4  HOH G .  ? HOH A 424 . ? 1_555  ? 
7  AC2 4  HOH G .  ? HOH A 428 . ? 5_456  ? 
8  AC3 5  GLU A 54 ? GLU A 54  . ? 1_555  ? 
9  AC3 5  GLU A 69 ? GLU A 69  . ? 1_555  ? 
10 AC3 5  HOH G .  ? HOH A 403 . ? 1_555  ? 
11 AC3 5  HOH G .  ? HOH A 412 . ? 18_445 ? 
12 AC3 5  HOH G .  ? HOH A 419 . ? 1_555  ? 
13 AC4 4  GLU A 47 ? GLU A 47  . ? 1_555  ? 
14 AC4 4  GLU A 70 ? GLU A 70  . ? 9_546  ? 
15 AC4 4  HOH G .  ? HOH A 422 . ? 1_555  ? 
16 AC4 4  HOH G .  ? HOH A 456 . ? 1_555  ? 
17 AC5 15 CYS A 14 ? CYS A 14  . ? 1_555  ? 
18 AC5 15 CYS A 17 ? CYS A 17  . ? 1_555  ? 
19 AC5 15 HIS A 18 ? HIS A 18  . ? 1_555  ? 
20 AC5 15 ASN A 23 ? ASN A 23  . ? 1_555  ? 
21 AC5 15 VAL A 25 ? VAL A 25  . ? 1_555  ? 
22 AC5 15 LYS A 29 ? LYS A 29  . ? 1_555  ? 
23 AC5 15 THR A 30 ? THR A 30  . ? 1_555  ? 
24 AC5 15 ALA A 35 ? ALA A 35  . ? 1_555  ? 
25 AC5 15 TYR A 39 ? TYR A 39  . ? 1_555  ? 
26 AC5 15 LEU A 40 ? LEU A 40  . ? 1_555  ? 
27 AC5 15 GLN A 52 ? GLN A 52  . ? 1_555  ? 
28 AC5 15 LYS A 57 ? LYS A 57  . ? 1_555  ? 
29 AC5 15 ALA A 59 ? ALA A 59  . ? 1_555  ? 
30 AC5 15 MET A 60 ? MET A 60  . ? 1_555  ? 
31 AC5 15 HOH G .  ? HOH A 450 . ? 1_555  ? 
# 
_pdbx_entry_details.entry_id                   1CYJ 
_pdbx_entry_details.compound_details           ? 
_pdbx_entry_details.source_details             ? 
_pdbx_entry_details.nonpolymer_details         ? 
_pdbx_entry_details.sequence_details           ? 
_pdbx_entry_details.has_ligand_of_interest     ? 
_pdbx_entry_details.has_protein_modification   Y 
# 
loop_
_pdbx_validate_close_contact.id 
_pdbx_validate_close_contact.PDB_model_num 
_pdbx_validate_close_contact.auth_atom_id_1 
_pdbx_validate_close_contact.auth_asym_id_1 
_pdbx_validate_close_contact.auth_comp_id_1 
_pdbx_validate_close_contact.auth_seq_id_1 
_pdbx_validate_close_contact.PDB_ins_code_1 
_pdbx_validate_close_contact.label_alt_id_1 
_pdbx_validate_close_contact.auth_atom_id_2 
_pdbx_validate_close_contact.auth_asym_id_2 
_pdbx_validate_close_contact.auth_comp_id_2 
_pdbx_validate_close_contact.auth_seq_id_2 
_pdbx_validate_close_contact.PDB_ins_code_2 
_pdbx_validate_close_contact.label_alt_id_2 
_pdbx_validate_close_contact.dist 
1 1 O A HOH 422 ? ? O A HOH 469 ? ? 1.91 
2 1 O A HOH 422 ? ? O A HOH 456 ? ? 1.95 
# 
_pdbx_validate_rmsd_bond.id                        1 
_pdbx_validate_rmsd_bond.PDB_model_num             1 
_pdbx_validate_rmsd_bond.auth_atom_id_1            CG 
_pdbx_validate_rmsd_bond.auth_asym_id_1            A 
_pdbx_validate_rmsd_bond.auth_comp_id_1            HIS 
_pdbx_validate_rmsd_bond.auth_seq_id_1             18 
_pdbx_validate_rmsd_bond.PDB_ins_code_1            ? 
_pdbx_validate_rmsd_bond.label_alt_id_1            ? 
_pdbx_validate_rmsd_bond.auth_atom_id_2            CD2 
_pdbx_validate_rmsd_bond.auth_asym_id_2            A 
_pdbx_validate_rmsd_bond.auth_comp_id_2            HIS 
_pdbx_validate_rmsd_bond.auth_seq_id_2             18 
_pdbx_validate_rmsd_bond.PDB_ins_code_2            ? 
_pdbx_validate_rmsd_bond.label_alt_id_2            ? 
_pdbx_validate_rmsd_bond.bond_value                1.415 
_pdbx_validate_rmsd_bond.bond_target_value         1.354 
_pdbx_validate_rmsd_bond.bond_deviation            0.061 
_pdbx_validate_rmsd_bond.bond_standard_deviation   0.009 
_pdbx_validate_rmsd_bond.linker_flag               N 
# 
_pdbx_validate_torsion.id              1 
_pdbx_validate_torsion.PDB_model_num   1 
_pdbx_validate_torsion.auth_comp_id    LYS 
_pdbx_validate_torsion.auth_asym_id    A 
_pdbx_validate_torsion.auth_seq_id     57 
_pdbx_validate_torsion.PDB_ins_code    ? 
_pdbx_validate_torsion.label_alt_id    ? 
_pdbx_validate_torsion.phi             -170.26 
_pdbx_validate_torsion.psi             109.20 
# 
loop_
_pdbx_struct_special_symmetry.id 
_pdbx_struct_special_symmetry.PDB_model_num 
_pdbx_struct_special_symmetry.auth_asym_id 
_pdbx_struct_special_symmetry.auth_comp_id 
_pdbx_struct_special_symmetry.auth_seq_id 
_pdbx_struct_special_symmetry.PDB_ins_code 
_pdbx_struct_special_symmetry.label_asym_id 
_pdbx_struct_special_symmetry.label_comp_id 
_pdbx_struct_special_symmetry.label_seq_id 
1 1 A HOH 430 ? G HOH . 
2 1 A HOH 441 ? G HOH . 
# 
_pdbx_database_remark.id     700 
_pdbx_database_remark.text   
;SHEET
DUE TO INCOMPLETE ELECTRON DENSITY, THE CE1, CE2, CZ AND
OH OF TYR 90 IS MISSING.  A SHORT TWO-STRANDED
ANTI-PARALLEL BETA-SHEET IS FORMED BY RESIDUES 54 - 63,
ENCLOSING A TYPE II' TURN BETWEEN RESIDUES 57 AND 60.
THERE ARE TWO INTERSTRAND HYDROGEN BONDS BETWEEN RESIDUES
57 AND 60.
;
# 
loop_
_chem_comp_atom.comp_id 
_chem_comp_atom.atom_id 
_chem_comp_atom.type_symbol 
_chem_comp_atom.pdbx_aromatic_flag 
_chem_comp_atom.pdbx_stereo_config 
_chem_comp_atom.pdbx_ordinal 
ALA N    N  N N 1   
ALA CA   C  N S 2   
ALA C    C  N N 3   
ALA O    O  N N 4   
ALA CB   C  N N 5   
ALA OXT  O  N N 6   
ALA H    H  N N 7   
ALA H2   H  N N 8   
ALA HA   H  N N 9   
ALA HB1  H  N N 10  
ALA HB2  H  N N 11  
ALA HB3  H  N N 12  
ALA HXT  H  N N 13  
ARG N    N  N N 14  
ARG CA   C  N S 15  
ARG C    C  N N 16  
ARG O    O  N N 17  
ARG CB   C  N N 18  
ARG CG   C  N N 19  
ARG CD   C  N N 20  
ARG NE   N  N N 21  
ARG CZ   C  N N 22  
ARG NH1  N  N N 23  
ARG NH2  N  N N 24  
ARG OXT  O  N N 25  
ARG H    H  N N 26  
ARG H2   H  N N 27  
ARG HA   H  N N 28  
ARG HB2  H  N N 29  
ARG HB3  H  N N 30  
ARG HG2  H  N N 31  
ARG HG3  H  N N 32  
ARG HD2  H  N N 33  
ARG HD3  H  N N 34  
ARG HE   H  N N 35  
ARG HH11 H  N N 36  
ARG HH12 H  N N 37  
ARG HH21 H  N N 38  
ARG HH22 H  N N 39  
ARG HXT  H  N N 40  
ASN N    N  N N 41  
ASN CA   C  N S 42  
ASN C    C  N N 43  
ASN O    O  N N 44  
ASN CB   C  N N 45  
ASN CG   C  N N 46  
ASN OD1  O  N N 47  
ASN ND2  N  N N 48  
ASN OXT  O  N N 49  
ASN H    H  N N 50  
ASN H2   H  N N 51  
ASN HA   H  N N 52  
ASN HB2  H  N N 53  
ASN HB3  H  N N 54  
ASN HD21 H  N N 55  
ASN HD22 H  N N 56  
ASN HXT  H  N N 57  
ASP N    N  N N 58  
ASP CA   C  N S 59  
ASP C    C  N N 60  
ASP O    O  N N 61  
ASP CB   C  N N 62  
ASP CG   C  N N 63  
ASP OD1  O  N N 64  
ASP OD2  O  N N 65  
ASP OXT  O  N N 66  
ASP H    H  N N 67  
ASP H2   H  N N 68  
ASP HA   H  N N 69  
ASP HB2  H  N N 70  
ASP HB3  H  N N 71  
ASP HD2  H  N N 72  
ASP HXT  H  N N 73  
CD  CD   CD N N 74  
CYS N    N  N N 75  
CYS CA   C  N R 76  
CYS C    C  N N 77  
CYS O    O  N N 78  
CYS CB   C  N N 79  
CYS SG   S  N N 80  
CYS OXT  O  N N 81  
CYS H    H  N N 82  
CYS H2   H  N N 83  
CYS HA   H  N N 84  
CYS HB2  H  N N 85  
CYS HB3  H  N N 86  
CYS HG   H  N N 87  
CYS HXT  H  N N 88  
GLN N    N  N N 89  
GLN CA   C  N S 90  
GLN C    C  N N 91  
GLN O    O  N N 92  
GLN CB   C  N N 93  
GLN CG   C  N N 94  
GLN CD   C  N N 95  
GLN OE1  O  N N 96  
GLN NE2  N  N N 97  
GLN OXT  O  N N 98  
GLN H    H  N N 99  
GLN H2   H  N N 100 
GLN HA   H  N N 101 
GLN HB2  H  N N 102 
GLN HB3  H  N N 103 
GLN HG2  H  N N 104 
GLN HG3  H  N N 105 
GLN HE21 H  N N 106 
GLN HE22 H  N N 107 
GLN HXT  H  N N 108 
GLU N    N  N N 109 
GLU CA   C  N S 110 
GLU C    C  N N 111 
GLU O    O  N N 112 
GLU CB   C  N N 113 
GLU CG   C  N N 114 
GLU CD   C  N N 115 
GLU OE1  O  N N 116 
GLU OE2  O  N N 117 
GLU OXT  O  N N 118 
GLU H    H  N N 119 
GLU H2   H  N N 120 
GLU HA   H  N N 121 
GLU HB2  H  N N 122 
GLU HB3  H  N N 123 
GLU HG2  H  N N 124 
GLU HG3  H  N N 125 
GLU HE2  H  N N 126 
GLU HXT  H  N N 127 
GLY N    N  N N 128 
GLY CA   C  N N 129 
GLY C    C  N N 130 
GLY O    O  N N 131 
GLY OXT  O  N N 132 
GLY H    H  N N 133 
GLY H2   H  N N 134 
GLY HA2  H  N N 135 
GLY HA3  H  N N 136 
GLY HXT  H  N N 137 
HEC FE   FE N N 138 
HEC CHA  C  N N 139 
HEC CHB  C  N N 140 
HEC CHC  C  N N 141 
HEC CHD  C  N N 142 
HEC NA   N  Y N 143 
HEC C1A  C  Y N 144 
HEC C2A  C  Y N 145 
HEC C3A  C  Y N 146 
HEC C4A  C  Y N 147 
HEC CMA  C  N N 148 
HEC CAA  C  N N 149 
HEC CBA  C  N N 150 
HEC CGA  C  N N 151 
HEC O1A  O  N N 152 
HEC O2A  O  N N 153 
HEC NB   N  Y N 154 
HEC C1B  C  Y N 155 
HEC C2B  C  Y N 156 
HEC C3B  C  Y N 157 
HEC C4B  C  Y N 158 
HEC CMB  C  N N 159 
HEC CAB  C  N N 160 
HEC CBB  C  N N 161 
HEC NC   N  Y N 162 
HEC C1C  C  Y N 163 
HEC C2C  C  Y N 164 
HEC C3C  C  Y N 165 
HEC C4C  C  Y N 166 
HEC CMC  C  N N 167 
HEC CAC  C  N N 168 
HEC CBC  C  N N 169 
HEC ND   N  Y N 170 
HEC C1D  C  Y N 171 
HEC C2D  C  Y N 172 
HEC C3D  C  Y N 173 
HEC C4D  C  Y N 174 
HEC CMD  C  N N 175 
HEC CAD  C  N N 176 
HEC CBD  C  N N 177 
HEC CGD  C  N N 178 
HEC O1D  O  N N 179 
HEC O2D  O  N N 180 
HEC HHA  H  N N 181 
HEC HHB  H  N N 182 
HEC HHC  H  N N 183 
HEC HHD  H  N N 184 
HEC HMA1 H  N N 185 
HEC HMA2 H  N N 186 
HEC HMA3 H  N N 187 
HEC HAA1 H  N N 188 
HEC HAA2 H  N N 189 
HEC HBA1 H  N N 190 
HEC HBA2 H  N N 191 
HEC H2A  H  N N 192 
HEC HMB1 H  N N 193 
HEC HMB2 H  N N 194 
HEC HMB3 H  N N 195 
HEC HAB  H  N N 196 
HEC HBB1 H  N N 197 
HEC HBB2 H  N N 198 
HEC HBB3 H  N N 199 
HEC HMC1 H  N N 200 
HEC HMC2 H  N N 201 
HEC HMC3 H  N N 202 
HEC HAC  H  N N 203 
HEC HBC1 H  N N 204 
HEC HBC2 H  N N 205 
HEC HBC3 H  N N 206 
HEC HMD1 H  N N 207 
HEC HMD2 H  N N 208 
HEC HMD3 H  N N 209 
HEC HAD1 H  N N 210 
HEC HAD2 H  N N 211 
HEC HBD1 H  N N 212 
HEC HBD2 H  N N 213 
HEC H2D  H  N N 214 
HIS N    N  N N 215 
HIS CA   C  N S 216 
HIS C    C  N N 217 
HIS O    O  N N 218 
HIS CB   C  N N 219 
HIS CG   C  Y N 220 
HIS ND1  N  Y N 221 
HIS CD2  C  Y N 222 
HIS CE1  C  Y N 223 
HIS NE2  N  Y N 224 
HIS OXT  O  N N 225 
HIS H    H  N N 226 
HIS H2   H  N N 227 
HIS HA   H  N N 228 
HIS HB2  H  N N 229 
HIS HB3  H  N N 230 
HIS HD1  H  N N 231 
HIS HD2  H  N N 232 
HIS HE1  H  N N 233 
HIS HE2  H  N N 234 
HIS HXT  H  N N 235 
HOH O    O  N N 236 
HOH H1   H  N N 237 
HOH H2   H  N N 238 
ILE N    N  N N 239 
ILE CA   C  N S 240 
ILE C    C  N N 241 
ILE O    O  N N 242 
ILE CB   C  N S 243 
ILE CG1  C  N N 244 
ILE CG2  C  N N 245 
ILE CD1  C  N N 246 
ILE OXT  O  N N 247 
ILE H    H  N N 248 
ILE H2   H  N N 249 
ILE HA   H  N N 250 
ILE HB   H  N N 251 
ILE HG12 H  N N 252 
ILE HG13 H  N N 253 
ILE HG21 H  N N 254 
ILE HG22 H  N N 255 
ILE HG23 H  N N 256 
ILE HD11 H  N N 257 
ILE HD12 H  N N 258 
ILE HD13 H  N N 259 
ILE HXT  H  N N 260 
LEU N    N  N N 261 
LEU CA   C  N S 262 
LEU C    C  N N 263 
LEU O    O  N N 264 
LEU CB   C  N N 265 
LEU CG   C  N N 266 
LEU CD1  C  N N 267 
LEU CD2  C  N N 268 
LEU OXT  O  N N 269 
LEU H    H  N N 270 
LEU H2   H  N N 271 
LEU HA   H  N N 272 
LEU HB2  H  N N 273 
LEU HB3  H  N N 274 
LEU HG   H  N N 275 
LEU HD11 H  N N 276 
LEU HD12 H  N N 277 
LEU HD13 H  N N 278 
LEU HD21 H  N N 279 
LEU HD22 H  N N 280 
LEU HD23 H  N N 281 
LEU HXT  H  N N 282 
LYS N    N  N N 283 
LYS CA   C  N S 284 
LYS C    C  N N 285 
LYS O    O  N N 286 
LYS CB   C  N N 287 
LYS CG   C  N N 288 
LYS CD   C  N N 289 
LYS CE   C  N N 290 
LYS NZ   N  N N 291 
LYS OXT  O  N N 292 
LYS H    H  N N 293 
LYS H2   H  N N 294 
LYS HA   H  N N 295 
LYS HB2  H  N N 296 
LYS HB3  H  N N 297 
LYS HG2  H  N N 298 
LYS HG3  H  N N 299 
LYS HD2  H  N N 300 
LYS HD3  H  N N 301 
LYS HE2  H  N N 302 
LYS HE3  H  N N 303 
LYS HZ1  H  N N 304 
LYS HZ2  H  N N 305 
LYS HZ3  H  N N 306 
LYS HXT  H  N N 307 
MET N    N  N N 308 
MET CA   C  N S 309 
MET C    C  N N 310 
MET O    O  N N 311 
MET CB   C  N N 312 
MET CG   C  N N 313 
MET SD   S  N N 314 
MET CE   C  N N 315 
MET OXT  O  N N 316 
MET H    H  N N 317 
MET H2   H  N N 318 
MET HA   H  N N 319 
MET HB2  H  N N 320 
MET HB3  H  N N 321 
MET HG2  H  N N 322 
MET HG3  H  N N 323 
MET HE1  H  N N 324 
MET HE2  H  N N 325 
MET HE3  H  N N 326 
MET HXT  H  N N 327 
PHE N    N  N N 328 
PHE CA   C  N S 329 
PHE C    C  N N 330 
PHE O    O  N N 331 
PHE CB   C  N N 332 
PHE CG   C  Y N 333 
PHE CD1  C  Y N 334 
PHE CD2  C  Y N 335 
PHE CE1  C  Y N 336 
PHE CE2  C  Y N 337 
PHE CZ   C  Y N 338 
PHE OXT  O  N N 339 
PHE H    H  N N 340 
PHE H2   H  N N 341 
PHE HA   H  N N 342 
PHE HB2  H  N N 343 
PHE HB3  H  N N 344 
PHE HD1  H  N N 345 
PHE HD2  H  N N 346 
PHE HE1  H  N N 347 
PHE HE2  H  N N 348 
PHE HZ   H  N N 349 
PHE HXT  H  N N 350 
PRO N    N  N N 351 
PRO CA   C  N S 352 
PRO C    C  N N 353 
PRO O    O  N N 354 
PRO CB   C  N N 355 
PRO CG   C  N N 356 
PRO CD   C  N N 357 
PRO OXT  O  N N 358 
PRO H    H  N N 359 
PRO HA   H  N N 360 
PRO HB2  H  N N 361 
PRO HB3  H  N N 362 
PRO HG2  H  N N 363 
PRO HG3  H  N N 364 
PRO HD2  H  N N 365 
PRO HD3  H  N N 366 
PRO HXT  H  N N 367 
SER N    N  N N 368 
SER CA   C  N S 369 
SER C    C  N N 370 
SER O    O  N N 371 
SER CB   C  N N 372 
SER OG   O  N N 373 
SER OXT  O  N N 374 
SER H    H  N N 375 
SER H2   H  N N 376 
SER HA   H  N N 377 
SER HB2  H  N N 378 
SER HB3  H  N N 379 
SER HG   H  N N 380 
SER HXT  H  N N 381 
THR N    N  N N 382 
THR CA   C  N S 383 
THR C    C  N N 384 
THR O    O  N N 385 
THR CB   C  N R 386 
THR OG1  O  N N 387 
THR CG2  C  N N 388 
THR OXT  O  N N 389 
THR H    H  N N 390 
THR H2   H  N N 391 
THR HA   H  N N 392 
THR HB   H  N N 393 
THR HG1  H  N N 394 
THR HG21 H  N N 395 
THR HG22 H  N N 396 
THR HG23 H  N N 397 
THR HXT  H  N N 398 
TRP N    N  N N 399 
TRP CA   C  N S 400 
TRP C    C  N N 401 
TRP O    O  N N 402 
TRP CB   C  N N 403 
TRP CG   C  Y N 404 
TRP CD1  C  Y N 405 
TRP CD2  C  Y N 406 
TRP NE1  N  Y N 407 
TRP CE2  C  Y N 408 
TRP CE3  C  Y N 409 
TRP CZ2  C  Y N 410 
TRP CZ3  C  Y N 411 
TRP CH2  C  Y N 412 
TRP OXT  O  N N 413 
TRP H    H  N N 414 
TRP H2   H  N N 415 
TRP HA   H  N N 416 
TRP HB2  H  N N 417 
TRP HB3  H  N N 418 
TRP HD1  H  N N 419 
TRP HE1  H  N N 420 
TRP HE3  H  N N 421 
TRP HZ2  H  N N 422 
TRP HZ3  H  N N 423 
TRP HH2  H  N N 424 
TRP HXT  H  N N 425 
TYR N    N  N N 426 
TYR CA   C  N S 427 
TYR C    C  N N 428 
TYR O    O  N N 429 
TYR CB   C  N N 430 
TYR CG   C  Y N 431 
TYR CD1  C  Y N 432 
TYR CD2  C  Y N 433 
TYR CE1  C  Y N 434 
TYR CE2  C  Y N 435 
TYR CZ   C  Y N 436 
TYR OH   O  N N 437 
TYR OXT  O  N N 438 
TYR H    H  N N 439 
TYR H2   H  N N 440 
TYR HA   H  N N 441 
TYR HB2  H  N N 442 
TYR HB3  H  N N 443 
TYR HD1  H  N N 444 
TYR HD2  H  N N 445 
TYR HE1  H  N N 446 
TYR HE2  H  N N 447 
TYR HH   H  N N 448 
TYR HXT  H  N N 449 
VAL N    N  N N 450 
VAL CA   C  N S 451 
VAL C    C  N N 452 
VAL O    O  N N 453 
VAL CB   C  N N 454 
VAL CG1  C  N N 455 
VAL CG2  C  N N 456 
VAL OXT  O  N N 457 
VAL H    H  N N 458 
VAL H2   H  N N 459 
VAL HA   H  N N 460 
VAL HB   H  N N 461 
VAL HG11 H  N N 462 
VAL HG12 H  N N 463 
VAL HG13 H  N N 464 
VAL HG21 H  N N 465 
VAL HG22 H  N N 466 
VAL HG23 H  N N 467 
VAL HXT  H  N N 468 
# 
loop_
_chem_comp_bond.comp_id 
_chem_comp_bond.atom_id_1 
_chem_comp_bond.atom_id_2 
_chem_comp_bond.value_order 
_chem_comp_bond.pdbx_aromatic_flag 
_chem_comp_bond.pdbx_stereo_config 
_chem_comp_bond.pdbx_ordinal 
ALA N   CA   sing N N 1   
ALA N   H    sing N N 2   
ALA N   H2   sing N N 3   
ALA CA  C    sing N N 4   
ALA CA  CB   sing N N 5   
ALA CA  HA   sing N N 6   
ALA C   O    doub N N 7   
ALA C   OXT  sing N N 8   
ALA CB  HB1  sing N N 9   
ALA CB  HB2  sing N N 10  
ALA CB  HB3  sing N N 11  
ALA OXT HXT  sing N N 12  
ARG N   CA   sing N N 13  
ARG N   H    sing N N 14  
ARG N   H2   sing N N 15  
ARG CA  C    sing N N 16  
ARG CA  CB   sing N N 17  
ARG CA  HA   sing N N 18  
ARG C   O    doub N N 19  
ARG C   OXT  sing N N 20  
ARG CB  CG   sing N N 21  
ARG CB  HB2  sing N N 22  
ARG CB  HB3  sing N N 23  
ARG CG  CD   sing N N 24  
ARG CG  HG2  sing N N 25  
ARG CG  HG3  sing N N 26  
ARG CD  NE   sing N N 27  
ARG CD  HD2  sing N N 28  
ARG CD  HD3  sing N N 29  
ARG NE  CZ   sing N N 30  
ARG NE  HE   sing N N 31  
ARG CZ  NH1  sing N N 32  
ARG CZ  NH2  doub N N 33  
ARG NH1 HH11 sing N N 34  
ARG NH1 HH12 sing N N 35  
ARG NH2 HH21 sing N N 36  
ARG NH2 HH22 sing N N 37  
ARG OXT HXT  sing N N 38  
ASN N   CA   sing N N 39  
ASN N   H    sing N N 40  
ASN N   H2   sing N N 41  
ASN CA  C    sing N N 42  
ASN CA  CB   sing N N 43  
ASN CA  HA   sing N N 44  
ASN C   O    doub N N 45  
ASN C   OXT  sing N N 46  
ASN CB  CG   sing N N 47  
ASN CB  HB2  sing N N 48  
ASN CB  HB3  sing N N 49  
ASN CG  OD1  doub N N 50  
ASN CG  ND2  sing N N 51  
ASN ND2 HD21 sing N N 52  
ASN ND2 HD22 sing N N 53  
ASN OXT HXT  sing N N 54  
ASP N   CA   sing N N 55  
ASP N   H    sing N N 56  
ASP N   H2   sing N N 57  
ASP CA  C    sing N N 58  
ASP CA  CB   sing N N 59  
ASP CA  HA   sing N N 60  
ASP C   O    doub N N 61  
ASP C   OXT  sing N N 62  
ASP CB  CG   sing N N 63  
ASP CB  HB2  sing N N 64  
ASP CB  HB3  sing N N 65  
ASP CG  OD1  doub N N 66  
ASP CG  OD2  sing N N 67  
ASP OD2 HD2  sing N N 68  
ASP OXT HXT  sing N N 69  
CYS N   CA   sing N N 70  
CYS N   H    sing N N 71  
CYS N   H2   sing N N 72  
CYS CA  C    sing N N 73  
CYS CA  CB   sing N N 74  
CYS CA  HA   sing N N 75  
CYS C   O    doub N N 76  
CYS C   OXT  sing N N 77  
CYS CB  SG   sing N N 78  
CYS CB  HB2  sing N N 79  
CYS CB  HB3  sing N N 80  
CYS SG  HG   sing N N 81  
CYS OXT HXT  sing N N 82  
GLN N   CA   sing N N 83  
GLN N   H    sing N N 84  
GLN N   H2   sing N N 85  
GLN CA  C    sing N N 86  
GLN CA  CB   sing N N 87  
GLN CA  HA   sing N N 88  
GLN C   O    doub N N 89  
GLN C   OXT  sing N N 90  
GLN CB  CG   sing N N 91  
GLN CB  HB2  sing N N 92  
GLN CB  HB3  sing N N 93  
GLN CG  CD   sing N N 94  
GLN CG  HG2  sing N N 95  
GLN CG  HG3  sing N N 96  
GLN CD  OE1  doub N N 97  
GLN CD  NE2  sing N N 98  
GLN NE2 HE21 sing N N 99  
GLN NE2 HE22 sing N N 100 
GLN OXT HXT  sing N N 101 
GLU N   CA   sing N N 102 
GLU N   H    sing N N 103 
GLU N   H2   sing N N 104 
GLU CA  C    sing N N 105 
GLU CA  CB   sing N N 106 
GLU CA  HA   sing N N 107 
GLU C   O    doub N N 108 
GLU C   OXT  sing N N 109 
GLU CB  CG   sing N N 110 
GLU CB  HB2  sing N N 111 
GLU CB  HB3  sing N N 112 
GLU CG  CD   sing N N 113 
GLU CG  HG2  sing N N 114 
GLU CG  HG3  sing N N 115 
GLU CD  OE1  doub N N 116 
GLU CD  OE2  sing N N 117 
GLU OE2 HE2  sing N N 118 
GLU OXT HXT  sing N N 119 
GLY N   CA   sing N N 120 
GLY N   H    sing N N 121 
GLY N   H2   sing N N 122 
GLY CA  C    sing N N 123 
GLY CA  HA2  sing N N 124 
GLY CA  HA3  sing N N 125 
GLY C   O    doub N N 126 
GLY C   OXT  sing N N 127 
GLY OXT HXT  sing N N 128 
HEC FE  NA   sing N N 129 
HEC FE  NB   sing N N 130 
HEC FE  NC   sing N N 131 
HEC FE  ND   sing N N 132 
HEC CHA C1A  doub N N 133 
HEC CHA C4D  sing N N 134 
HEC CHA HHA  sing N N 135 
HEC CHB C4A  doub N N 136 
HEC CHB C1B  sing N N 137 
HEC CHB HHB  sing N N 138 
HEC CHC C4B  doub N N 139 
HEC CHC C1C  sing N N 140 
HEC CHC HHC  sing N N 141 
HEC CHD C4C  doub N N 142 
HEC CHD C1D  sing N N 143 
HEC CHD HHD  sing N N 144 
HEC NA  C1A  sing Y N 145 
HEC NA  C4A  sing Y N 146 
HEC C1A C2A  sing Y N 147 
HEC C2A C3A  doub Y N 148 
HEC C2A CAA  sing N N 149 
HEC C3A C4A  sing Y N 150 
HEC C3A CMA  sing N N 151 
HEC CMA HMA1 sing N N 152 
HEC CMA HMA2 sing N N 153 
HEC CMA HMA3 sing N N 154 
HEC CAA CBA  sing N N 155 
HEC CAA HAA1 sing N N 156 
HEC CAA HAA2 sing N N 157 
HEC CBA CGA  sing N N 158 
HEC CBA HBA1 sing N N 159 
HEC CBA HBA2 sing N N 160 
HEC CGA O1A  doub N N 161 
HEC CGA O2A  sing N N 162 
HEC O2A H2A  sing N N 163 
HEC NB  C1B  sing Y N 164 
HEC NB  C4B  sing Y N 165 
HEC C1B C2B  doub Y N 166 
HEC C2B C3B  sing Y N 167 
HEC C2B CMB  sing N N 168 
HEC C3B C4B  sing Y N 169 
HEC C3B CAB  doub N E 170 
HEC CMB HMB1 sing N N 171 
HEC CMB HMB2 sing N N 172 
HEC CMB HMB3 sing N N 173 
HEC CAB CBB  sing N N 174 
HEC CAB HAB  sing N N 175 
HEC CBB HBB1 sing N N 176 
HEC CBB HBB2 sing N N 177 
HEC CBB HBB3 sing N N 178 
HEC NC  C1C  sing Y N 179 
HEC NC  C4C  sing Y N 180 
HEC C1C C2C  doub Y N 181 
HEC C2C C3C  sing Y N 182 
HEC C2C CMC  sing N N 183 
HEC C3C C4C  sing Y N 184 
HEC C3C CAC  doub N E 185 
HEC CMC HMC1 sing N N 186 
HEC CMC HMC2 sing N N 187 
HEC CMC HMC3 sing N N 188 
HEC CAC CBC  sing N N 189 
HEC CAC HAC  sing N N 190 
HEC CBC HBC1 sing N N 191 
HEC CBC HBC2 sing N N 192 
HEC CBC HBC3 sing N N 193 
HEC ND  C1D  sing Y N 194 
HEC ND  C4D  sing Y N 195 
HEC C1D C2D  doub Y N 196 
HEC C2D C3D  sing Y N 197 
HEC C2D CMD  sing N N 198 
HEC C3D C4D  doub Y N 199 
HEC C3D CAD  sing N N 200 
HEC CMD HMD1 sing N N 201 
HEC CMD HMD2 sing N N 202 
HEC CMD HMD3 sing N N 203 
HEC CAD CBD  sing N N 204 
HEC CAD HAD1 sing N N 205 
HEC CAD HAD2 sing N N 206 
HEC CBD CGD  sing N N 207 
HEC CBD HBD1 sing N N 208 
HEC CBD HBD2 sing N N 209 
HEC CGD O1D  doub N N 210 
HEC CGD O2D  sing N N 211 
HEC O2D H2D  sing N N 212 
HIS N   CA   sing N N 213 
HIS N   H    sing N N 214 
HIS N   H2   sing N N 215 
HIS CA  C    sing N N 216 
HIS CA  CB   sing N N 217 
HIS CA  HA   sing N N 218 
HIS C   O    doub N N 219 
HIS C   OXT  sing N N 220 
HIS CB  CG   sing N N 221 
HIS CB  HB2  sing N N 222 
HIS CB  HB3  sing N N 223 
HIS CG  ND1  sing Y N 224 
HIS CG  CD2  doub Y N 225 
HIS ND1 CE1  doub Y N 226 
HIS ND1 HD1  sing N N 227 
HIS CD2 NE2  sing Y N 228 
HIS CD2 HD2  sing N N 229 
HIS CE1 NE2  sing Y N 230 
HIS CE1 HE1  sing N N 231 
HIS NE2 HE2  sing N N 232 
HIS OXT HXT  sing N N 233 
HOH O   H1   sing N N 234 
HOH O   H2   sing N N 235 
ILE N   CA   sing N N 236 
ILE N   H    sing N N 237 
ILE N   H2   sing N N 238 
ILE CA  C    sing N N 239 
ILE CA  CB   sing N N 240 
ILE CA  HA   sing N N 241 
ILE C   O    doub N N 242 
ILE C   OXT  sing N N 243 
ILE CB  CG1  sing N N 244 
ILE CB  CG2  sing N N 245 
ILE CB  HB   sing N N 246 
ILE CG1 CD1  sing N N 247 
ILE CG1 HG12 sing N N 248 
ILE CG1 HG13 sing N N 249 
ILE CG2 HG21 sing N N 250 
ILE CG2 HG22 sing N N 251 
ILE CG2 HG23 sing N N 252 
ILE CD1 HD11 sing N N 253 
ILE CD1 HD12 sing N N 254 
ILE CD1 HD13 sing N N 255 
ILE OXT HXT  sing N N 256 
LEU N   CA   sing N N 257 
LEU N   H    sing N N 258 
LEU N   H2   sing N N 259 
LEU CA  C    sing N N 260 
LEU CA  CB   sing N N 261 
LEU CA  HA   sing N N 262 
LEU C   O    doub N N 263 
LEU C   OXT  sing N N 264 
LEU CB  CG   sing N N 265 
LEU CB  HB2  sing N N 266 
LEU CB  HB3  sing N N 267 
LEU CG  CD1  sing N N 268 
LEU CG  CD2  sing N N 269 
LEU CG  HG   sing N N 270 
LEU CD1 HD11 sing N N 271 
LEU CD1 HD12 sing N N 272 
LEU CD1 HD13 sing N N 273 
LEU CD2 HD21 sing N N 274 
LEU CD2 HD22 sing N N 275 
LEU CD2 HD23 sing N N 276 
LEU OXT HXT  sing N N 277 
LYS N   CA   sing N N 278 
LYS N   H    sing N N 279 
LYS N   H2   sing N N 280 
LYS CA  C    sing N N 281 
LYS CA  CB   sing N N 282 
LYS CA  HA   sing N N 283 
LYS C   O    doub N N 284 
LYS C   OXT  sing N N 285 
LYS CB  CG   sing N N 286 
LYS CB  HB2  sing N N 287 
LYS CB  HB3  sing N N 288 
LYS CG  CD   sing N N 289 
LYS CG  HG2  sing N N 290 
LYS CG  HG3  sing N N 291 
LYS CD  CE   sing N N 292 
LYS CD  HD2  sing N N 293 
LYS CD  HD3  sing N N 294 
LYS CE  NZ   sing N N 295 
LYS CE  HE2  sing N N 296 
LYS CE  HE3  sing N N 297 
LYS NZ  HZ1  sing N N 298 
LYS NZ  HZ2  sing N N 299 
LYS NZ  HZ3  sing N N 300 
LYS OXT HXT  sing N N 301 
MET N   CA   sing N N 302 
MET N   H    sing N N 303 
MET N   H2   sing N N 304 
MET CA  C    sing N N 305 
MET CA  CB   sing N N 306 
MET CA  HA   sing N N 307 
MET C   O    doub N N 308 
MET C   OXT  sing N N 309 
MET CB  CG   sing N N 310 
MET CB  HB2  sing N N 311 
MET CB  HB3  sing N N 312 
MET CG  SD   sing N N 313 
MET CG  HG2  sing N N 314 
MET CG  HG3  sing N N 315 
MET SD  CE   sing N N 316 
MET CE  HE1  sing N N 317 
MET CE  HE2  sing N N 318 
MET CE  HE3  sing N N 319 
MET OXT HXT  sing N N 320 
PHE N   CA   sing N N 321 
PHE N   H    sing N N 322 
PHE N   H2   sing N N 323 
PHE CA  C    sing N N 324 
PHE CA  CB   sing N N 325 
PHE CA  HA   sing N N 326 
PHE C   O    doub N N 327 
PHE C   OXT  sing N N 328 
PHE CB  CG   sing N N 329 
PHE CB  HB2  sing N N 330 
PHE CB  HB3  sing N N 331 
PHE CG  CD1  doub Y N 332 
PHE CG  CD2  sing Y N 333 
PHE CD1 CE1  sing Y N 334 
PHE CD1 HD1  sing N N 335 
PHE CD2 CE2  doub Y N 336 
PHE CD2 HD2  sing N N 337 
PHE CE1 CZ   doub Y N 338 
PHE CE1 HE1  sing N N 339 
PHE CE2 CZ   sing Y N 340 
PHE CE2 HE2  sing N N 341 
PHE CZ  HZ   sing N N 342 
PHE OXT HXT  sing N N 343 
PRO N   CA   sing N N 344 
PRO N   CD   sing N N 345 
PRO N   H    sing N N 346 
PRO CA  C    sing N N 347 
PRO CA  CB   sing N N 348 
PRO CA  HA   sing N N 349 
PRO C   O    doub N N 350 
PRO C   OXT  sing N N 351 
PRO CB  CG   sing N N 352 
PRO CB  HB2  sing N N 353 
PRO CB  HB3  sing N N 354 
PRO CG  CD   sing N N 355 
PRO CG  HG2  sing N N 356 
PRO CG  HG3  sing N N 357 
PRO CD  HD2  sing N N 358 
PRO CD  HD3  sing N N 359 
PRO OXT HXT  sing N N 360 
SER N   CA   sing N N 361 
SER N   H    sing N N 362 
SER N   H2   sing N N 363 
SER CA  C    sing N N 364 
SER CA  CB   sing N N 365 
SER CA  HA   sing N N 366 
SER C   O    doub N N 367 
SER C   OXT  sing N N 368 
SER CB  OG   sing N N 369 
SER CB  HB2  sing N N 370 
SER CB  HB3  sing N N 371 
SER OG  HG   sing N N 372 
SER OXT HXT  sing N N 373 
THR N   CA   sing N N 374 
THR N   H    sing N N 375 
THR N   H2   sing N N 376 
THR CA  C    sing N N 377 
THR CA  CB   sing N N 378 
THR CA  HA   sing N N 379 
THR C   O    doub N N 380 
THR C   OXT  sing N N 381 
THR CB  OG1  sing N N 382 
THR CB  CG2  sing N N 383 
THR CB  HB   sing N N 384 
THR OG1 HG1  sing N N 385 
THR CG2 HG21 sing N N 386 
THR CG2 HG22 sing N N 387 
THR CG2 HG23 sing N N 388 
THR OXT HXT  sing N N 389 
TRP N   CA   sing N N 390 
TRP N   H    sing N N 391 
TRP N   H2   sing N N 392 
TRP CA  C    sing N N 393 
TRP CA  CB   sing N N 394 
TRP CA  HA   sing N N 395 
TRP C   O    doub N N 396 
TRP C   OXT  sing N N 397 
TRP CB  CG   sing N N 398 
TRP CB  HB2  sing N N 399 
TRP CB  HB3  sing N N 400 
TRP CG  CD1  doub Y N 401 
TRP CG  CD2  sing Y N 402 
TRP CD1 NE1  sing Y N 403 
TRP CD1 HD1  sing N N 404 
TRP CD2 CE2  doub Y N 405 
TRP CD2 CE3  sing Y N 406 
TRP NE1 CE2  sing Y N 407 
TRP NE1 HE1  sing N N 408 
TRP CE2 CZ2  sing Y N 409 
TRP CE3 CZ3  doub Y N 410 
TRP CE3 HE3  sing N N 411 
TRP CZ2 CH2  doub Y N 412 
TRP CZ2 HZ2  sing N N 413 
TRP CZ3 CH2  sing Y N 414 
TRP CZ3 HZ3  sing N N 415 
TRP CH2 HH2  sing N N 416 
TRP OXT HXT  sing N N 417 
TYR N   CA   sing N N 418 
TYR N   H    sing N N 419 
TYR N   H2   sing N N 420 
TYR CA  C    sing N N 421 
TYR CA  CB   sing N N 422 
TYR CA  HA   sing N N 423 
TYR C   O    doub N N 424 
TYR C   OXT  sing N N 425 
TYR CB  CG   sing N N 426 
TYR CB  HB2  sing N N 427 
TYR CB  HB3  sing N N 428 
TYR CG  CD1  doub Y N 429 
TYR CG  CD2  sing Y N 430 
TYR CD1 CE1  sing Y N 431 
TYR CD1 HD1  sing N N 432 
TYR CD2 CE2  doub Y N 433 
TYR CD2 HD2  sing N N 434 
TYR CE1 CZ   doub Y N 435 
TYR CE1 HE1  sing N N 436 
TYR CE2 CZ   sing Y N 437 
TYR CE2 HE2  sing N N 438 
TYR CZ  OH   sing N N 439 
TYR OH  HH   sing N N 440 
TYR OXT HXT  sing N N 441 
VAL N   CA   sing N N 442 
VAL N   H    sing N N 443 
VAL N   H2   sing N N 444 
VAL CA  C    sing N N 445 
VAL CA  CB   sing N N 446 
VAL CA  HA   sing N N 447 
VAL C   O    doub N N 448 
VAL C   OXT  sing N N 449 
VAL CB  CG1  sing N N 450 
VAL CB  CG2  sing N N 451 
VAL CB  HB   sing N N 452 
VAL CG1 HG11 sing N N 453 
VAL CG1 HG12 sing N N 454 
VAL CG1 HG13 sing N N 455 
VAL CG2 HG21 sing N N 456 
VAL CG2 HG22 sing N N 457 
VAL CG2 HG23 sing N N 458 
VAL OXT HXT  sing N N 459 
# 
_atom_sites.entry_id                    1CYJ 
_atom_sites.fract_transf_matrix[1][1]   -0.00302928 
_atom_sites.fract_transf_matrix[1][2]   0.00094110 
_atom_sites.fract_transf_matrix[1][3]   0.01183735 
_atom_sites.fract_transf_matrix[2][1]   -0.00512730 
_atom_sites.fract_transf_matrix[2][2]   -0.01112263 
_atom_sites.fract_transf_matrix[2][3]   -0.00042784 
_atom_sites.fract_transf_matrix[3][1]   0.01071071 
_atom_sites.fract_transf_matrix[3][2]   -0.00505831 
_atom_sites.fract_transf_matrix[3][3]   0.00314311 
_atom_sites.fract_transf_vector[1]      -0.340175 
_atom_sites.fract_transf_vector[2]      -0.165689 
_atom_sites.fract_transf_vector[3]      0.519080 
# 
loop_
_atom_type.symbol 
C  
CD 
FE 
N  
O  
S  
# 
loop_
_atom_site.group_PDB 
_atom_site.id 
_atom_site.type_symbol 
_atom_site.label_atom_id 
_atom_site.label_alt_id 
_atom_site.label_comp_id 
_atom_site.label_asym_id 
_atom_site.label_entity_id 
_atom_site.label_seq_id 
_atom_site.pdbx_PDB_ins_code 
_atom_site.Cartn_x 
_atom_site.Cartn_y 
_atom_site.Cartn_z 
_atom_site.occupancy 
_atom_site.B_iso_or_equiv 
_atom_site.pdbx_formal_charge 
_atom_site.auth_seq_id 
_atom_site.auth_comp_id 
_atom_site.auth_asym_id 
_atom_site.auth_atom_id 
_atom_site.pdbx_PDB_model_num 
ATOM   1   N  N   . ALA A 1 1  ? 13.747  3.453   3.707   1.00 27.94 ? 1   ALA A N   1 
ATOM   2   C  CA  . ALA A 1 1  ? 14.272  2.066   3.600   1.00 28.65 ? 1   ALA A CA  1 
ATOM   3   C  C   . ALA A 1 1  ? 14.541  1.718   2.148   1.00 28.53 ? 1   ALA A C   1 
ATOM   4   O  O   . ALA A 1 1  ? 14.741  2.603   1.311   1.00 29.98 ? 1   ALA A O   1 
ATOM   5   C  CB  . ALA A 1 1  ? 13.277  1.058   4.209   1.00 30.11 ? 1   ALA A CB  1 
ATOM   6   N  N   . ASP A 1 2  ? 14.481  0.427   1.837   1.00 27.57 ? 2   ASP A N   1 
ATOM   7   C  CA  . ASP A 1 2  ? 14.724  -0.035  0.485   1.00 25.43 ? 2   ASP A CA  1 
ATOM   8   C  C   . ASP A 1 2  ? 13.533  0.267   -0.410  1.00 24.64 ? 2   ASP A C   1 
ATOM   9   O  O   . ASP A 1 2  ? 12.574  -0.470  -0.435  1.00 24.69 ? 2   ASP A O   1 
ATOM   10  C  CB  . ASP A 1 2  ? 15.000  -1.535  0.487   1.00 24.21 ? 2   ASP A CB  1 
ATOM   11  C  CG  . ASP A 1 2  ? 15.705  -1.997  -0.763  1.00 23.82 ? 2   ASP A CG  1 
ATOM   12  O  OD1 . ASP A 1 2  ? 15.458  -1.441  -1.860  1.00 23.01 ? 2   ASP A OD1 1 
ATOM   13  O  OD2 . ASP A 1 2  ? 16.530  -2.921  -0.647  1.00 24.69 ? 2   ASP A OD2 1 
ATOM   14  N  N   . LEU A 1 3  ? 13.607  1.344   -1.169  1.00 24.29 ? 3   LEU A N   1 
ATOM   15  C  CA  . LEU A 1 3  ? 12.528  1.711   -2.069  1.00 23.84 ? 3   LEU A CA  1 
ATOM   16  C  C   . LEU A 1 3  ? 12.499  0.891   -3.373  1.00 23.10 ? 3   LEU A C   1 
ATOM   17  O  O   . LEU A 1 3  ? 11.436  0.764   -4.004  1.00 22.76 ? 3   LEU A O   1 
ATOM   18  C  CB  . LEU A 1 3  ? 12.561  3.230   -2.341  1.00 25.33 ? 3   LEU A CB  1 
ATOM   19  C  CG  . LEU A 1 3  ? 11.543  4.133   -1.593  1.00 26.51 ? 3   LEU A CG  1 
ATOM   20  C  CD1 . LEU A 1 3  ? 11.465  3.834   -0.087  1.00 26.31 ? 3   LEU A CD1 1 
ATOM   21  C  CD2 . LEU A 1 3  ? 11.879  5.590   -1.861  1.00 26.76 ? 3   LEU A CD2 1 
ATOM   22  N  N   . ALA A 1 4  ? 13.660  0.377   -3.797  1.00 21.99 ? 4   ALA A N   1 
ATOM   23  C  CA  . ALA A 1 4  ? 13.747  -0.443  -5.001  1.00 20.38 ? 4   ALA A CA  1 
ATOM   24  C  C   . ALA A 1 4  ? 13.018  -1.772  -4.727  1.00 19.85 ? 4   ALA A C   1 
ATOM   25  O  O   . ALA A 1 4  ? 12.301  -2.289  -5.587  1.00 19.67 ? 4   ALA A O   1 
ATOM   26  C  CB  . ALA A 1 4  ? 15.202  -0.685  -5.368  1.00 20.09 ? 4   ALA A CB  1 
ATOM   27  N  N   . LEU A 1 5  ? 13.221  -2.336  -3.535  1.00 18.71 ? 5   LEU A N   1 
ATOM   28  C  CA  . LEU A 1 5  ? 12.555  -3.577  -3.143  1.00 18.28 ? 5   LEU A CA  1 
ATOM   29  C  C   . LEU A 1 5  ? 11.057  -3.333  -2.994  1.00 18.10 ? 5   LEU A C   1 
ATOM   30  O  O   . LEU A 1 5  ? 10.249  -4.229  -3.223  1.00 18.13 ? 5   LEU A O   1 
ATOM   31  C  CB  . LEU A 1 5  ? 13.106  -4.052  -1.797  1.00 18.01 ? 5   LEU A CB  1 
ATOM   32  C  CG  . LEU A 1 5  ? 12.468  -5.259  -1.119  1.00 17.51 ? 5   LEU A CG  1 
ATOM   33  C  CD1 . LEU A 1 5  ? 12.578  -6.494  -2.016  1.00 16.68 ? 5   LEU A CD1 1 
ATOM   34  C  CD2 . LEU A 1 5  ? 13.126  -5.463  0.231   1.00 16.88 ? 5   LEU A CD2 1 
ATOM   35  N  N   . GLY A 1 6  ? 10.714  -2.142  -2.508  1.00 18.55 ? 6   GLY A N   1 
ATOM   36  C  CA  . GLY A 1 6  ? 9.317   -1.755  -2.321  1.00 19.37 ? 6   GLY A CA  1 
ATOM   37  C  C   . GLY A 1 6  ? 8.503   -1.794  -3.612  1.00 19.46 ? 6   GLY A C   1 
ATOM   38  O  O   . GLY A 1 6  ? 7.341   -2.227  -3.622  1.00 19.49 ? 6   GLY A O   1 
ATOM   39  N  N   . ALA A 1 7  ? 9.103   -1.300  -4.693  1.00 19.36 ? 7   ALA A N   1 
ATOM   40  C  CA  . ALA A 1 7  ? 8.477   -1.273  -6.015  1.00 19.46 ? 7   ALA A CA  1 
ATOM   41  C  C   . ALA A 1 7  ? 8.346   -2.700  -6.524  1.00 19.46 ? 7   ALA A C   1 
ATOM   42  O  O   . ALA A 1 7  ? 7.331   -3.059  -7.085  1.00 19.80 ? 7   ALA A O   1 
ATOM   43  C  CB  . ALA A 1 7  ? 9.322   -0.428  -6.988  1.00 19.50 ? 7   ALA A CB  1 
ATOM   44  N  N   . GLN A 1 8  ? 9.383   -3.509  -6.331  1.00 19.44 ? 8   GLN A N   1 
ATOM   45  C  CA  . GLN A 1 8  ? 9.356   -4.893  -6.758  1.00 19.99 ? 8   GLN A CA  1 
ATOM   46  C  C   . GLN A 1 8  ? 8.198   -5.603  -6.058  1.00 19.47 ? 8   GLN A C   1 
ATOM   47  O  O   . GLN A 1 8  ? 7.440   -6.343  -6.691  1.00 19.19 ? 8   GLN A O   1 
ATOM   48  C  CB  . GLN A 1 8  ? 10.682  -5.548  -6.389  1.00 22.45 ? 8   GLN A CB  1 
ATOM   49  C  CG  . GLN A 1 8  ? 10.936  -6.940  -6.950  1.00 25.60 ? 8   GLN A CG  1 
ATOM   50  C  CD  . GLN A 1 8  ? 12.044  -7.654  -6.171  1.00 27.98 ? 8   GLN A CD  1 
ATOM   51  O  OE1 . GLN A 1 8  ? 11.804  -8.660  -5.489  1.00 29.76 ? 8   GLN A OE1 1 
ATOM   52  N  NE2 . GLN A 1 8  ? 13.245  -7.085  -6.202  1.00 28.36 ? 8   GLN A NE2 1 
ATOM   53  N  N   . VAL A 1 9  ? 8.096   -5.413  -4.741  1.00 18.58 ? 9   VAL A N   1 
ATOM   54  C  CA  . VAL A 1 9  ? 7.014   -6.009  -3.966  1.00 17.69 ? 9   VAL A CA  1 
ATOM   55  C  C   . VAL A 1 9  ? 5.657   -5.424  -4.363  1.00 17.25 ? 9   VAL A C   1 
ATOM   56  O  O   . VAL A 1 9  ? 4.696   -6.157  -4.464  1.00 17.70 ? 9   VAL A O   1 
ATOM   57  C  CB  . VAL A 1 9  ? 7.223   -5.832  -2.441  1.00 17.59 ? 9   VAL A CB  1 
ATOM   58  C  CG1 . VAL A 1 9  ? 5.959   -6.233  -1.664  1.00 17.11 ? 9   VAL A CG1 1 
ATOM   59  C  CG2 . VAL A 1 9  ? 8.419   -6.664  -1.984  1.00 18.27 ? 9   VAL A CG2 1 
ATOM   60  N  N   . PHE A 1 10 ? 5.550   -4.108  -4.530  1.00 17.11 ? 10  PHE A N   1 
ATOM   61  C  CA  . PHE A 1 10 ? 4.279   -3.527  -4.925  1.00 16.68 ? 10  PHE A CA  1 
ATOM   62  C  C   . PHE A 1 10 ? 3.903   -4.016  -6.313  1.00 17.45 ? 10  PHE A C   1 
ATOM   63  O  O   . PHE A 1 10 ? 2.768   -4.380  -6.545  1.00 17.52 ? 10  PHE A O   1 
ATOM   64  C  CB  . PHE A 1 10 ? 4.325   -2.008  -4.937  1.00 16.67 ? 10  PHE A CB  1 
ATOM   65  C  CG  . PHE A 1 10 ? 2.982   -1.362  -5.181  1.00 17.63 ? 10  PHE A CG  1 
ATOM   66  C  CD1 . PHE A 1 10 ? 2.500   -1.185  -6.471  1.00 18.25 ? 10  PHE A CD1 1 
ATOM   67  C  CD2 . PHE A 1 10 ? 2.181   -0.947  -4.109  1.00 17.97 ? 10  PHE A CD2 1 
ATOM   68  C  CE1 . PHE A 1 10 ? 1.239   -0.603  -6.692  1.00 18.48 ? 10  PHE A CE1 1 
ATOM   69  C  CE2 . PHE A 1 10 ? 0.934   -0.372  -4.314  1.00 17.39 ? 10  PHE A CE2 1 
ATOM   70  C  CZ  . PHE A 1 10 ? 0.456   -0.197  -5.599  1.00 17.60 ? 10  PHE A CZ  1 
ATOM   71  N  N   . ASN A 1 11 ? 4.855   -4.017  -7.234  1.00 17.91 ? 11  ASN A N   1 
ATOM   72  C  CA  . ASN A 1 11 ? 4.592   -4.447  -8.599  1.00 19.36 ? 11  ASN A CA  1 
ATOM   73  C  C   . ASN A 1 11 ? 4.197   -5.906  -8.766  1.00 19.26 ? 11  ASN A C   1 
ATOM   74  O  O   . ASN A 1 11 ? 3.364   -6.228  -9.618  1.00 19.75 ? 11  ASN A O   1 
ATOM   75  C  CB  . ASN A 1 11 ? 5.781   -4.125  -9.510  1.00 20.14 ? 11  ASN A CB  1 
ATOM   76  C  CG  . ASN A 1 11 ? 5.786   -2.687  -9.953  1.00 22.56 ? 11  ASN A CG  1 
ATOM   77  O  OD1 . ASN A 1 11 ? 4.916   -1.907  -9.573  1.00 23.35 ? 11  ASN A OD1 1 
ATOM   78  N  ND2 . ASN A 1 11 ? 6.756   -2.322  -10.783 1.00 24.55 ? 11  ASN A ND2 1 
ATOM   79  N  N   . GLY A 1 12 ? 4.750   -6.775  -7.932  1.00 19.20 ? 12  GLY A N   1 
ATOM   80  C  CA  . GLY A 1 12 ? 4.460   -8.198  -8.030  1.00 19.10 ? 12  GLY A CA  1 
ATOM   81  C  C   . GLY A 1 12 ? 3.342   -8.781  -7.185  1.00 18.86 ? 12  GLY A C   1 
ATOM   82  O  O   . GLY A 1 12 ? 2.941   -9.933  -7.404  1.00 18.72 ? 12  GLY A O   1 
ATOM   83  N  N   . ASN A 1 13 ? 2.828   -7.996  -6.242  1.00 18.08 ? 13  ASN A N   1 
ATOM   84  C  CA  . ASN A 1 13 ? 1.762   -8.455  -5.368  1.00 17.84 ? 13  ASN A CA  1 
ATOM   85  C  C   . ASN A 1 13 ? 0.557   -7.509  -5.282  1.00 17.79 ? 13  ASN A C   1 
ATOM   86  O  O   . ASN A 1 13 ? -0.580  -7.939  -5.269  1.00 18.03 ? 13  ASN A O   1 
ATOM   87  C  CB  . ASN A 1 13 ? 2.292   -8.638  -3.938  1.00 18.15 ? 13  ASN A CB  1 
ATOM   88  C  CG  . ASN A 1 13 ? 3.349   -9.715  -3.820  1.00 18.08 ? 13  ASN A CG  1 
ATOM   89  O  OD1 . ASN A 1 13 ? 3.031   -10.867 -3.597  1.00 19.24 ? 13  ASN A OD1 1 
ATOM   90  N  ND2 . ASN A 1 13 ? 4.619   -9.324  -3.870  1.00 17.76 ? 13  ASN A ND2 1 
ATOM   91  N  N   . CYS A 1 14 ? 0.809   -6.217  -5.177  1.00 17.84 ? 14  CYS A N   1 
ATOM   92  C  CA  . CYS A 1 14 ? -0.262  -5.243  -4.985  1.00 18.03 ? 14  CYS A CA  1 
ATOM   93  C  C   . CYS A 1 14 ? -0.952  -4.690  -6.218  1.00 18.84 ? 14  CYS A C   1 
ATOM   94  O  O   . CYS A 1 14 ? -2.096  -4.250  -6.146  1.00 18.14 ? 14  CYS A O   1 
ATOM   95  C  CB  . CYS A 1 14 ? 0.288   -4.094  -4.144  1.00 16.77 ? 14  CYS A CB  1 
ATOM   96  S  SG  . CYS A 1 14 ? 1.383   -4.719  -2.829  1.00 14.89 ? 14  CYS A SG  1 
ATOM   97  N  N   . ALA A 1 15 ? -0.240  -4.721  -7.341  1.00 20.12 ? 15  ALA A N   1 
ATOM   98  C  CA  . ALA A 1 15 ? -0.739  -4.204  -8.599  1.00 21.49 ? 15  ALA A CA  1 
ATOM   99  C  C   . ALA A 1 15 ? -1.971  -4.948  -9.182  1.00 22.75 ? 15  ALA A C   1 
ATOM   100 O  O   . ALA A 1 15 ? -2.630  -4.434  -10.092 1.00 23.77 ? 15  ALA A O   1 
ATOM   101 C  CB  . ALA A 1 15 ? 0.389   -4.149  -9.598  1.00 21.18 ? 15  ALA A CB  1 
ATOM   102 N  N   . ALA A 1 16 ? -2.284  -6.135  -8.664  1.00 22.70 ? 16  ALA A N   1 
ATOM   103 C  CA  . ALA A 1 16 ? -3.434  -6.881  -9.137  1.00 22.67 ? 16  ALA A CA  1 
ATOM   104 C  C   . ALA A 1 16 ? -4.698  -6.114  -8.742  1.00 23.36 ? 16  ALA A C   1 
ATOM   105 O  O   . ALA A 1 16 ? -5.759  -6.283  -9.351  1.00 24.21 ? 16  ALA A O   1 
ATOM   106 C  CB  . ALA A 1 16 ? -3.451  -8.285  -8.529  1.00 22.07 ? 16  ALA A CB  1 
ATOM   107 N  N   . CYS A 1 17 ? -4.573  -5.235  -7.748  1.00 23.00 ? 17  CYS A N   1 
ATOM   108 C  CA  . CYS A 1 17 ? -5.713  -4.464  -7.268  1.00 21.90 ? 17  CYS A CA  1 
ATOM   109 C  C   . CYS A 1 17 ? -5.495  -2.950  -7.166  1.00 21.43 ? 17  CYS A C   1 
ATOM   110 O  O   . CYS A 1 17 ? -6.452  -2.164  -7.193  1.00 20.94 ? 17  CYS A O   1 
ATOM   111 C  CB  . CYS A 1 17 ? -6.109  -4.970  -5.895  1.00 21.14 ? 17  CYS A CB  1 
ATOM   112 S  SG  . CYS A 1 17 ? -6.725  -6.670  -5.847  1.00 21.58 ? 17  CYS A SG  1 
ATOM   113 N  N   . HIS A 1 18 ? -4.242  -2.548  -7.012  1.00 20.73 ? 18  HIS A N   1 
ATOM   114 C  CA  . HIS A 1 18 ? -3.923  -1.150  -6.850  1.00 20.80 ? 18  HIS A CA  1 
ATOM   115 C  C   . HIS A 1 18 ? -3.122  -0.606  -7.987  1.00 22.28 ? 18  HIS A C   1 
ATOM   116 O  O   . HIS A 1 18 ? -2.254  0.229   -7.779  1.00 22.65 ? 18  HIS A O   1 
ATOM   117 C  CB  . HIS A 1 18 ? -3.172  -0.925  -5.542  1.00 19.02 ? 18  HIS A CB  1 
ATOM   118 C  CG  . HIS A 1 18 ? -4.087  -1.338  -4.400  1.00 17.71 ? 18  HIS A CG  1 
ATOM   119 N  ND1 . HIS A 1 18 ? -5.253  -0.700  -4.039  1.00 16.05 ? 18  HIS A ND1 1 
ATOM   120 C  CD2 . HIS A 1 18 ? -3.785  -2.273  -3.382  1.00 18.07 ? 18  HIS A CD2 1 
ATOM   121 C  CE1 . HIS A 1 18 ? -5.615  -1.214  -2.855  1.00 16.39 ? 18  HIS A CE1 1 
ATOM   122 N  NE2 . HIS A 1 18 ? -4.778  -2.092  -2.360  1.00 16.06 ? 18  HIS A NE2 1 
ATOM   123 N  N   . MET A 1 19 ? -3.376  -1.120  -9.187  1.00 23.77 ? 19  MET A N   1 
ATOM   124 C  CA  . MET A 1 19 ? -2.690  -0.644  -10.396 1.00 24.70 ? 19  MET A CA  1 
ATOM   125 C  C   . MET A 1 19 ? -2.841  0.865   -10.422 1.00 24.02 ? 19  MET A C   1 
ATOM   126 O  O   . MET A 1 19 ? -3.952  1.387   -10.286 1.00 24.10 ? 19  MET A O   1 
ATOM   127 C  CB  . MET A 1 19 ? -3.325  -1.238  -11.672 1.00 26.55 ? 19  MET A CB  1 
ATOM   128 C  CG  . MET A 1 19 ? -2.602  -0.850  -12.955 1.00 28.54 ? 19  MET A CG  1 
ATOM   129 S  SD  . MET A 1 19 ? -0.916  -1.518  -12.977 1.00 31.79 ? 19  MET A SD  1 
ATOM   130 C  CE  . MET A 1 19 ? -1.305  -3.168  -13.478 1.00 31.13 ? 19  MET A CE  1 
ATOM   131 N  N   . GLY A 1 20 ? -1.714  1.552   -10.563 1.00 23.15 ? 20  GLY A N   1 
ATOM   132 C  CA  . GLY A 1 20 ? -1.712  3.003   -10.584 1.00 22.72 ? 20  GLY A CA  1 
ATOM   133 C  C   . GLY A 1 20 ? -2.202  3.675   -9.294  1.00 22.19 ? 20  GLY A C   1 
ATOM   134 O  O   . GLY A 1 20 ? -2.620  4.843   -9.334  1.00 21.90 ? 20  GLY A O   1 
ATOM   135 N  N   . GLY A 1 21 ? -2.135  2.964   -8.161  1.00 21.10 ? 21  GLY A N   1 
ATOM   136 C  CA  . GLY A 1 21 ? -2.577  3.522   -6.896  1.00 20.34 ? 21  GLY A CA  1 
ATOM   137 C  C   . GLY A 1 21 ? -4.072  3.595   -6.811  1.00 19.97 ? 21  GLY A C   1 
ATOM   138 O  O   . GLY A 1 21 ? -4.609  4.255   -5.945  1.00 20.66 ? 21  GLY A O   1 
ATOM   139 N  N   . ARG A 1 22 ? -4.738  2.933   -7.740  1.00 20.43 ? 22  ARG A N   1 
ATOM   140 C  CA  . ARG A 1 22 ? -6.195  2.884   -7.815  1.00 21.08 ? 22  ARG A CA  1 
ATOM   141 C  C   . ARG A 1 22 ? -6.708  1.794   -6.911  1.00 20.79 ? 22  ARG A C   1 
ATOM   142 O  O   . ARG A 1 22 ? -5.976  1.319   -6.059  1.00 20.40 ? 22  ARG A O   1 
ATOM   143 C  CB  . ARG A 1 22 ? -6.621  2.561   -9.256  1.00 22.62 ? 22  ARG A CB  1 
ATOM   144 C  CG  . ARG A 1 22 ? -6.602  3.755   -10.214 1.00 23.49 ? 22  ARG A CG  1 
ATOM   145 C  CD  . ARG A 1 22 ? -5.528  4.762   -9.829  1.00 25.24 ? 22  ARG A CD  1 
ATOM   146 N  NE  . ARG A 1 22 ? -6.057  5.921   -9.111  1.00 26.68 ? 22  ARG A NE  1 
ATOM   147 C  CZ  . ARG A 1 22 ? -5.348  6.757   -8.347  1.00 27.23 ? 22  ARG A CZ  1 
ATOM   148 N  NH1 . ARG A 1 22 ? -4.048  6.606   -8.139  1.00 27.77 ? 22  ARG A NH1 1 
ATOM   149 N  NH2 . ARG A 1 22 ? -5.944  7.814   -7.853  1.00 28.28 ? 22  ARG A NH2 1 
ATOM   150 N  N   . ASN A 1 23 ? -7.989  1.470   -7.033  1.00 20.58 ? 23  ASN A N   1 
ATOM   151 C  CA  . ASN A 1 23 ? -8.569  0.381   -6.267  1.00 21.14 ? 23  ASN A CA  1 
ATOM   152 C  C   . ASN A 1 23 ? -9.731  -0.213  -7.057  1.00 22.53 ? 23  ASN A C   1 
ATOM   153 O  O   . ASN A 1 23 ? -10.837 0.348   -7.125  1.00 22.66 ? 23  ASN A O   1 
ATOM   154 C  CB  . ASN A 1 23 ? -8.990  0.787   -4.855  1.00 20.09 ? 23  ASN A CB  1 
ATOM   155 C  CG  . ASN A 1 23 ? -9.219  -0.419  -3.962  1.00 19.28 ? 23  ASN A CG  1 
ATOM   156 O  OD1 . ASN A 1 23 ? -9.525  -1.506  -4.443  1.00 18.82 ? 23  ASN A OD1 1 
ATOM   157 N  ND2 . ASN A 1 23 ? -9.052  -0.240  -2.665  1.00 18.22 ? 23  ASN A ND2 1 
ATOM   158 N  N   . SER A 1 24 ? -9.455  -1.349  -7.688  1.00 23.42 ? 24  SER A N   1 
ATOM   159 C  CA  . SER A 1 24 ? -10.438 -2.025  -8.516  1.00 24.48 ? 24  SER A CA  1 
ATOM   160 C  C   . SER A 1 24 ? -11.572 -2.733  -7.762  1.00 25.02 ? 24  SER A C   1 
ATOM   161 O  O   . SER A 1 24 ? -12.645 -2.956  -8.329  1.00 26.17 ? 24  SER A O   1 
ATOM   162 C  CB  . SER A 1 24 ? -9.739  -2.976  -9.511  1.00 24.50 ? 24  SER A CB  1 
ATOM   163 O  OG  . SER A 1 24 ? -8.955  -3.962  -8.862  1.00 24.92 ? 24  SER A OG  1 
ATOM   164 N  N   . VAL A 1 25 ? -11.372 -3.044  -6.484  1.00 24.65 ? 25  VAL A N   1 
ATOM   165 C  CA  . VAL A 1 25 ? -12.402 -3.728  -5.722  1.00 24.03 ? 25  VAL A CA  1 
ATOM   166 C  C   . VAL A 1 25 ? -13.328 -2.689  -5.129  1.00 24.29 ? 25  VAL A C   1 
ATOM   167 O  O   . VAL A 1 25 ? -14.539 -2.797  -5.217  1.00 23.93 ? 25  VAL A O   1 
ATOM   168 C  CB  . VAL A 1 25 ? -11.780 -4.629  -4.619  1.00 23.84 ? 25  VAL A CB  1 
ATOM   169 C  CG1 . VAL A 1 25 ? -12.846 -5.249  -3.785  1.00 23.73 ? 25  VAL A CG1 1 
ATOM   170 C  CG2 . VAL A 1 25 ? -10.940 -5.737  -5.240  1.00 22.96 ? 25  VAL A CG2 1 
ATOM   171 N  N   . MET A 1 26 ? -12.734 -1.635  -4.592  1.00 24.97 ? 26  MET A N   1 
ATOM   172 C  CA  . MET A 1 26 ? -13.461 -0.551  -3.964  1.00 25.97 ? 26  MET A CA  1 
ATOM   173 C  C   . MET A 1 26 ? -12.912 0.763   -4.474  1.00 26.09 ? 26  MET A C   1 
ATOM   174 O  O   . MET A 1 26 ? -12.056 1.354   -3.835  1.00 26.73 ? 26  MET A O   1 
ATOM   175 C  CB  . MET A 1 26 ? -13.236 -0.638  -2.460  1.00 27.36 ? 26  MET A CB  1 
ATOM   176 C  CG  . MET A 1 26 ? -14.461 -0.988  -1.693  1.00 29.60 ? 26  MET A CG  1 
ATOM   177 S  SD  . MET A 1 26 ? -14.040 -1.560  -0.099  1.00 32.00 ? 26  MET A SD  1 
ATOM   178 C  CE  . MET A 1 26 ? -14.259 -3.358  -0.338  1.00 32.80 ? 26  MET A CE  1 
ATOM   179 N  N   . PRO A 1 27 ? -13.436 1.271   -5.598  1.00 26.06 ? 27  PRO A N   1 
ATOM   180 C  CA  . PRO A 1 27 ? -13.003 2.523   -6.221  1.00 25.69 ? 27  PRO A CA  1 
ATOM   181 C  C   . PRO A 1 27 ? -12.590 3.690   -5.334  1.00 25.78 ? 27  PRO A C   1 
ATOM   182 O  O   . PRO A 1 27 ? -11.630 4.399   -5.650  1.00 26.31 ? 27  PRO A O   1 
ATOM   183 C  CB  . PRO A 1 27 ? -14.199 2.887   -7.104  1.00 24.87 ? 27  PRO A CB  1 
ATOM   184 C  CG  . PRO A 1 27 ? -14.595 1.592   -7.609  1.00 24.98 ? 27  PRO A CG  1 
ATOM   185 C  CD  . PRO A 1 27 ? -14.579 0.723   -6.342  1.00 25.57 ? 27  PRO A CD  1 
ATOM   186 N  N   . GLU A 1 28 ? -13.316 3.928   -4.250  1.00 25.37 ? 28  GLU A N   1 
ATOM   187 C  CA  . GLU A 1 28 ? -12.984 5.053   -3.388  1.00 25.32 ? 28  GLU A CA  1 
ATOM   188 C  C   . GLU A 1 28 ? -11.743 4.937   -2.522  1.00 23.86 ? 28  GLU A C   1 
ATOM   189 O  O   . GLU A 1 28 ? -11.102 5.933   -2.238  1.00 23.63 ? 28  GLU A O   1 
ATOM   190 C  CB  . GLU A 1 28 ? -14.191 5.466   -2.568  1.00 27.38 ? 28  GLU A CB  1 
ATOM   191 C  CG  . GLU A 1 28 ? -15.077 6.453   -3.318  1.00 30.96 ? 28  GLU A CG  1 
ATOM   192 C  CD  . GLU A 1 28 ? -14.695 7.918   -3.071  1.00 34.86 ? 28  GLU A CD  1 
ATOM   193 O  OE1 . GLU A 1 28 ? -13.485 8.223   -2.891  1.00 37.45 ? 28  GLU A OE1 1 
ATOM   194 O  OE2 . GLU A 1 28 ? -15.614 8.778   -3.046  1.00 35.66 ? 28  GLU A OE2 1 
ATOM   195 N  N   . LYS A 1 29 ? -11.442 3.730   -2.062  1.00 22.76 ? 29  LYS A N   1 
ATOM   196 C  CA  . LYS A 1 29 ? -10.258 3.482   -1.244  1.00 20.62 ? 29  LYS A CA  1 
ATOM   197 C  C   . LYS A 1 29 ? -8.994  3.354   -2.105  1.00 19.26 ? 29  LYS A C   1 
ATOM   198 O  O   . LYS A 1 29 ? -8.445  2.261   -2.253  1.00 17.89 ? 29  LYS A O   1 
ATOM   199 C  CB  . LYS A 1 29 ? -10.451 2.209   -0.444  1.00 21.18 ? 29  LYS A CB  1 
ATOM   200 C  CG  . LYS A 1 29 ? -11.235 2.390   0.828   1.00 21.82 ? 29  LYS A CG  1 
ATOM   201 C  CD  . LYS A 1 29 ? -12.700 2.354   0.566   1.00 22.06 ? 29  LYS A CD  1 
ATOM   202 C  CE  . LYS A 1 29 ? -13.489 2.436   1.868   1.00 22.24 ? 29  LYS A CE  1 
ATOM   203 N  NZ  . LYS A 1 29 ? -13.000 1.481   2.894   1.00 23.63 ? 29  LYS A NZ  1 
ATOM   204 N  N   . THR A 1 30 ? -8.555  4.472   -2.677  1.00 18.74 ? 30  THR A N   1 
ATOM   205 C  CA  . THR A 1 30 ? -7.367  4.506   -3.519  1.00 18.62 ? 30  THR A CA  1 
ATOM   206 C  C   . THR A 1 30 ? -6.096  4.772   -2.686  1.00 18.87 ? 30  THR A C   1 
ATOM   207 O  O   . THR A 1 30 ? -6.160  5.112   -1.507  1.00 18.11 ? 30  THR A O   1 
ATOM   208 C  CB  . THR A 1 30 ? -7.472  5.599   -4.585  1.00 18.24 ? 30  THR A CB  1 
ATOM   209 O  OG1 . THR A 1 30 ? -7.393  6.875   -3.944  1.00 18.17 ? 30  THR A OG1 1 
ATOM   210 C  CG2 . THR A 1 30 ? -8.786  5.493   -5.349  1.00 17.89 ? 30  THR A CG2 1 
ATOM   211 N  N   . LEU A 1 31 ? -4.938  4.709   -3.333  1.00 19.22 ? 31  LEU A N   1 
ATOM   212 C  CA  . LEU A 1 31 ? -3.692  4.921   -2.616  1.00 19.52 ? 31  LEU A CA  1 
ATOM   213 C  C   . LEU A 1 31 ? -3.187  6.368   -2.596  1.00 19.36 ? 31  LEU A C   1 
ATOM   214 O  O   . LEU A 1 31 ? -1.998  6.633   -2.380  1.00 18.19 ? 31  LEU A O   1 
ATOM   215 C  CB  . LEU A 1 31 ? -2.627  3.932   -3.103  1.00 20.08 ? 31  LEU A CB  1 
ATOM   216 C  CG  . LEU A 1 31 ? -2.868  2.451   -2.790  1.00 19.78 ? 31  LEU A CG  1 
ATOM   217 C  CD1 . LEU A 1 31 ? -4.132  2.052   -3.447  1.00 21.35 ? 31  LEU A CD1 1 
ATOM   218 C  CD2 . LEU A 1 31 ? -1.735  1.566   -3.309  1.00 19.19 ? 31  LEU A CD2 1 
ATOM   219 N  N   . ASP A 1 32 ? -4.104  7.298   -2.837  1.00 19.36 ? 32  ASP A N   1 
ATOM   220 C  CA  . ASP A 1 32 ? -3.756  8.707   -2.800  1.00 20.05 ? 32  ASP A CA  1 
ATOM   221 C  C   . ASP A 1 32 ? -3.714  9.155   -1.356  1.00 19.34 ? 32  ASP A C   1 
ATOM   222 O  O   . ASP A 1 32 ? -4.374  8.575   -0.510  1.00 19.49 ? 32  ASP A O   1 
ATOM   223 C  CB  . ASP A 1 32 ? -4.784  9.535   -3.555  1.00 22.18 ? 32  ASP A CB  1 
ATOM   224 C  CG  . ASP A 1 32 ? -4.754  9.268   -5.030  1.00 24.56 ? 32  ASP A CG  1 
ATOM   225 O  OD1 . ASP A 1 32 ? -3.713  9.557   -5.692  1.00 27.02 ? 32  ASP A OD1 1 
ATOM   226 O  OD2 . ASP A 1 32 ? -5.766  8.735   -5.518  1.00 24.95 ? 32  ASP A OD2 1 
ATOM   227 N  N   . LYS A 1 33 ? -2.929  10.184  -1.084  1.00 19.01 ? 33  LYS A N   1 
ATOM   228 C  CA  . LYS A 1 33 ? -2.767  10.737  0.247   1.00 19.12 ? 33  LYS A CA  1 
ATOM   229 C  C   . LYS A 1 33 ? -4.096  11.057  0.943   1.00 19.14 ? 33  LYS A C   1 
ATOM   230 O  O   . LYS A 1 33 ? -4.278  10.799  2.154   1.00 18.55 ? 33  LYS A O   1 
ATOM   231 C  CB  . LYS A 1 33 ? -1.916  12.004  0.139   1.00 20.58 ? 33  LYS A CB  1 
ATOM   232 C  CG  . LYS A 1 33 ? -1.692  12.779  1.438   1.00 21.74 ? 33  LYS A CG  1 
ATOM   233 C  CD  . LYS A 1 33 ? -0.988  14.083  1.138   1.00 22.90 ? 33  LYS A CD  1 
ATOM   234 C  CE  . LYS A 1 33 ? -0.854  14.953  2.373   1.00 23.73 ? 33  LYS A CE  1 
ATOM   235 N  NZ  . LYS A 1 33 ? 0.338   14.570  3.168   1.00 24.83 ? 33  LYS A NZ  1 
ATOM   236 N  N   . ALA A 1 34 ? -5.001  11.653  0.180   1.00 18.70 ? 34  ALA A N   1 
ATOM   237 C  CA  . ALA A 1 34 ? -6.297  12.051  0.702   1.00 18.98 ? 34  ALA A CA  1 
ATOM   238 C  C   . ALA A 1 34 ? -7.256  10.882  0.934   1.00 18.42 ? 34  ALA A C   1 
ATOM   239 O  O   . ALA A 1 34 ? -8.099  10.949  1.831   1.00 18.88 ? 34  ALA A O   1 
ATOM   240 C  CB  . ALA A 1 34 ? -6.920  13.138  -0.193  1.00 19.48 ? 34  ALA A CB  1 
ATOM   241 N  N   . ALA A 1 35 ? -7.163  9.840   0.104   1.00 17.76 ? 35  ALA A N   1 
ATOM   242 C  CA  . ALA A 1 35 ? -7.974  8.652   0.295   1.00 17.23 ? 35  ALA A CA  1 
ATOM   243 C  C   . ALA A 1 35 ? -7.468  8.045   1.594   1.00 17.17 ? 35  ALA A C   1 
ATOM   244 O  O   . ALA A 1 35 ? -8.245  7.724   2.478   1.00 16.68 ? 35  ALA A O   1 
ATOM   245 C  CB  . ALA A 1 35 ? -7.746  7.691   -0.811  1.00 17.00 ? 35  ALA A CB  1 
ATOM   246 N  N   . LEU A 1 36 ? -6.146  7.908   1.688   1.00 17.55 ? 36  LEU A N   1 
ATOM   247 C  CA  . LEU A 1 36 ? -5.483  7.359   2.867   1.00 17.86 ? 36  LEU A CA  1 
ATOM   248 C  C   . LEU A 1 36 ? -5.863  8.124   4.121   1.00 18.66 ? 36  LEU A C   1 
ATOM   249 O  O   . LEU A 1 36 ? -6.174  7.532   5.135   1.00 18.69 ? 36  LEU A O   1 
ATOM   250 C  CB  . LEU A 1 36 ? -3.972  7.395   2.700   1.00 17.25 ? 36  LEU A CB  1 
ATOM   251 C  CG  . LEU A 1 36 ? -3.120  6.201   2.260   1.00 17.72 ? 36  LEU A CG  1 
ATOM   252 C  CD1 . LEU A 1 36 ? -3.911  5.137   1.578   1.00 16.94 ? 36  LEU A CD1 1 
ATOM   253 C  CD2 . LEU A 1 36 ? -2.019  6.695   1.332   1.00 17.13 ? 36  LEU A CD2 1 
ATOM   254 N  N   . GLU A 1 37 ? -5.794  9.438   4.081   1.00 19.84 ? 37  GLU A N   1 
ATOM   255 C  CA  . GLU A 1 37 ? -6.164  10.199  5.261   1.00 21.92 ? 37  GLU A CA  1 
ATOM   256 C  C   . GLU A 1 37 ? -7.615  9.925   5.618   1.00 22.46 ? 37  GLU A C   1 
ATOM   257 O  O   . GLU A 1 37 ? -7.960  9.835   6.787   1.00 22.53 ? 37  GLU A O   1 
ATOM   258 C  CB  . GLU A 1 37 ? -6.041  11.698  5.024   1.00 24.20 ? 37  GLU A CB  1 
ATOM   259 C  CG  . GLU A 1 37 ? -4.649  12.251  4.922   1.00 27.78 ? 37  GLU A CG  1 
ATOM   260 C  CD  . GLU A 1 37 ? -4.690  13.685  4.461   1.00 31.02 ? 37  GLU A CD  1 
ATOM   261 O  OE1 . GLU A 1 37 ? -4.849  13.885  3.231   1.00 32.19 ? 37  GLU A OE1 1 
ATOM   262 O  OE2 . GLU A 1 37 ? -4.608  14.611  5.319   1.00 33.18 ? 37  GLU A OE2 1 
ATOM   263 N  N   . GLN A 1 38 ? -8.470  9.812   4.609   1.00 22.78 ? 38  GLN A N   1 
ATOM   264 C  CA  . GLN A 1 38 ? -9.887  9.583   4.837   1.00 23.24 ? 38  GLN A CA  1 
ATOM   265 C  C   . GLN A 1 38 ? -10.301 8.141   5.196   1.00 22.46 ? 38  GLN A C   1 
ATOM   266 O  O   . GLN A 1 38 ? -11.019 7.944   6.173   1.00 22.32 ? 38  GLN A O   1 
ATOM   267 C  CB  . GLN A 1 38 ? -10.683 10.108  3.635   1.00 25.46 ? 38  GLN A CB  1 
ATOM   268 C  CG  . GLN A 1 38 ? -11.214 11.578  3.741   1.00 29.09 ? 38  GLN A CG  1 
ATOM   269 C  CD  . GLN A 1 38 ? -10.212 12.664  4.224   1.00 31.17 ? 38  GLN A CD  1 
ATOM   270 O  OE1 . GLN A 1 38 ? -10.142 12.976  5.429   1.00 32.34 ? 38  GLN A OE1 1 
ATOM   271 N  NE2 . GLN A 1 38 ? -9.499  13.304  3.271   1.00 31.16 ? 38  GLN A NE2 1 
ATOM   272 N  N   . TYR A 1 39 ? -9.788  7.137   4.475   1.00 21.86 ? 39  TYR A N   1 
ATOM   273 C  CA  . TYR A 1 39 ? -10.178 5.724   4.699   1.00 20.64 ? 39  TYR A CA  1 
ATOM   274 C  C   . TYR A 1 39 ? -9.281  4.737   5.423   1.00 19.56 ? 39  TYR A C   1 
ATOM   275 O  O   . TYR A 1 39 ? -9.763  3.686   5.831   1.00 19.41 ? 39  TYR A O   1 
ATOM   276 C  CB  . TYR A 1 39 ? -10.548 5.058   3.368   1.00 20.47 ? 39  TYR A CB  1 
ATOM   277 C  CG  . TYR A 1 39 ? -11.501 5.861   2.598   1.00 20.84 ? 39  TYR A CG  1 
ATOM   278 C  CD1 . TYR A 1 39 ? -12.824 5.903   2.967   1.00 22.17 ? 39  TYR A CD1 1 
ATOM   279 C  CD2 . TYR A 1 39 ? -11.075 6.658   1.560   1.00 22.25 ? 39  TYR A CD2 1 
ATOM   280 C  CE1 . TYR A 1 39 ? -13.713 6.722   2.338   1.00 23.85 ? 39  TYR A CE1 1 
ATOM   281 C  CE2 . TYR A 1 39 ? -11.957 7.496   0.914   1.00 24.18 ? 39  TYR A CE2 1 
ATOM   282 C  CZ  . TYR A 1 39 ? -13.279 7.517   1.316   1.00 24.67 ? 39  TYR A CZ  1 
ATOM   283 O  OH  . TYR A 1 39 ? -14.183 8.334   0.702   1.00 26.55 ? 39  TYR A OH  1 
ATOM   284 N  N   . LEU A 1 40 ? -7.976  4.997   5.494   1.00 18.92 ? 40  LEU A N   1 
ATOM   285 C  CA  . LEU A 1 40 ? -7.085  4.034   6.167   1.00 17.43 ? 40  LEU A CA  1 
ATOM   286 C  C   . LEU A 1 40 ? -7.108  4.200   7.677   1.00 16.56 ? 40  LEU A C   1 
ATOM   287 O  O   . LEU A 1 40 ? -7.036  5.334   8.180   1.00 15.50 ? 40  LEU A O   1 
ATOM   288 C  CB  . LEU A 1 40 ? -5.640  4.132   5.648   1.00 16.85 ? 40  LEU A CB  1 
ATOM   289 C  CG  . LEU A 1 40 ? -4.565  3.236   6.312   1.00 15.52 ? 40  LEU A CG  1 
ATOM   290 C  CD1 . LEU A 1 40 ? -4.901  1.751   6.151   1.00 15.06 ? 40  LEU A CD1 1 
ATOM   291 C  CD2 . LEU A 1 40 ? -3.181  3.551   5.744   1.00 14.77 ? 40  LEU A CD2 1 
ATOM   292 N  N   . ASP A 1 41 ? -7.253  3.079   8.387   1.00 15.85 ? 41  ASP A N   1 
ATOM   293 C  CA  . ASP A 1 41 ? -7.267  3.105   9.845   1.00 15.70 ? 41  ASP A CA  1 
ATOM   294 C  C   . ASP A 1 41 ? -5.951  3.665   10.355  1.00 15.10 ? 41  ASP A C   1 
ATOM   295 O  O   . ASP A 1 41 ? -4.898  3.182   9.983   1.00 15.01 ? 41  ASP A O   1 
ATOM   296 C  CB  . ASP A 1 41 ? -7.446  1.702   10.400  1.00 16.41 ? 41  ASP A CB  1 
ATOM   297 C  CG  . ASP A 1 41 ? -8.865  1.188   10.265  1.00 17.98 ? 41  ASP A CG  1 
ATOM   298 O  OD1 . ASP A 1 41 ? -9.808  1.977   10.070  1.00 17.49 ? 41  ASP A OD1 1 
ATOM   299 O  OD2 . ASP A 1 41 ? -9.040  -0.043  10.349  1.00 19.22 ? 41  ASP A OD2 1 
ATOM   300 N  N   . GLY A 1 42 ? -6.007  4.664   11.220  1.00 14.50 ? 42  GLY A N   1 
ATOM   301 C  CA  . GLY A 1 42 ? -4.774  5.223   11.719  1.00 14.11 ? 42  GLY A CA  1 
ATOM   302 C  C   . GLY A 1 42 ? -4.318  6.414   10.892  1.00 14.55 ? 42  GLY A C   1 
ATOM   303 O  O   . GLY A 1 42 ? -3.421  7.154   11.320  1.00 15.15 ? 42  GLY A O   1 
ATOM   304 N  N   . GLY A 1 43 ? -4.875  6.589   9.695   1.00 14.51 ? 43  GLY A N   1 
ATOM   305 C  CA  . GLY A 1 43 ? -4.499  7.740   8.899   1.00 14.70 ? 43  GLY A CA  1 
ATOM   306 C  C   . GLY A 1 43 ? -3.305  7.538   8.010   1.00 15.43 ? 43  GLY A C   1 
ATOM   307 O  O   . GLY A 1 43 ? -2.886  6.414   7.762   1.00 15.71 ? 43  GLY A O   1 
ATOM   308 N  N   . PHE A 1 44 ? -2.773  8.638   7.500   1.00 16.03 ? 44  PHE A N   1 
ATOM   309 C  CA  . PHE A 1 44 ? -1.624  8.603   6.602   1.00 17.50 ? 44  PHE A CA  1 
ATOM   310 C  C   . PHE A 1 44 ? -0.272  8.574   7.351   1.00 17.39 ? 44  PHE A C   1 
ATOM   311 O  O   . PHE A 1 44 ? 0.287   9.604   7.692   1.00 17.52 ? 44  PHE A O   1 
ATOM   312 C  CB  . PHE A 1 44 ? -1.721  9.799   5.647   1.00 18.47 ? 44  PHE A CB  1 
ATOM   313 C  CG  . PHE A 1 44 ? -0.718  9.804   4.540   1.00 20.32 ? 44  PHE A CG  1 
ATOM   314 C  CD1 . PHE A 1 44 ? -0.588  8.722   3.690   1.00 21.44 ? 44  PHE A CD1 1 
ATOM   315 C  CD2 . PHE A 1 44 ? 0.058   10.930  4.308   1.00 21.33 ? 44  PHE A CD2 1 
ATOM   316 C  CE1 . PHE A 1 44 ? 0.292   8.761   2.622   1.00 22.45 ? 44  PHE A CE1 1 
ATOM   317 C  CE2 . PHE A 1 44 ? 0.943   10.973  3.236   1.00 22.25 ? 44  PHE A CE2 1 
ATOM   318 C  CZ  . PHE A 1 44 ? 1.058   9.891   2.392   1.00 22.79 ? 44  PHE A CZ  1 
ATOM   319 N  N   . LYS A 1 45 ? 0.255   7.378   7.554   1.00 17.42 ? 45  LYS A N   1 
ATOM   320 C  CA  . LYS A 1 45 ? 1.516   7.156   8.243   1.00 18.06 ? 45  LYS A CA  1 
ATOM   321 C  C   . LYS A 1 45 ? 1.989   5.808   7.716   1.00 17.95 ? 45  LYS A C   1 
ATOM   322 O  O   . LYS A 1 45 ? 1.164   4.968   7.351   1.00 17.81 ? 45  LYS A O   1 
ATOM   323 C  CB  . LYS A 1 45 ? 1.317   7.024   9.760   1.00 19.63 ? 45  LYS A CB  1 
ATOM   324 C  CG  . LYS A 1 45 ? 0.719   8.235   10.446  1.00 22.13 ? 45  LYS A CG  1 
ATOM   325 C  CD  . LYS A 1 45 ? 0.796   8.161   11.977  1.00 24.49 ? 45  LYS A CD  1 
ATOM   326 C  CE  . LYS A 1 45 ? -0.005  6.995   12.533  1.00 26.10 ? 45  LYS A CE  1 
ATOM   327 N  NZ  . LYS A 1 45 ? 0.280   6.775   13.995  1.00 29.06 ? 45  LYS A NZ  1 
ATOM   328 N  N   . VAL A 1 46 ? 3.305   5.599   7.719   1.00 17.07 ? 46  VAL A N   1 
ATOM   329 C  CA  . VAL A 1 46 ? 3.922   4.363   7.248   1.00 16.37 ? 46  VAL A CA  1 
ATOM   330 C  C   . VAL A 1 46 ? 3.409   3.232   8.105   1.00 16.57 ? 46  VAL A C   1 
ATOM   331 O  O   . VAL A 1 46 ? 3.122   2.152   7.597   1.00 17.45 ? 46  VAL A O   1 
ATOM   332 C  CB  . VAL A 1 46 ? 5.469   4.409   7.389   1.00 15.26 ? 46  VAL A CB  1 
ATOM   333 C  CG1 . VAL A 1 46 ? 6.066   3.066   7.120   1.00 14.98 ? 46  VAL A CG1 1 
ATOM   334 C  CG2 . VAL A 1 46 ? 6.064   5.396   6.450   1.00 14.83 ? 46  VAL A CG2 1 
ATOM   335 N  N   . GLU A 1 47 ? 3.313   3.479   9.408   1.00 15.91 ? 47  GLU A N   1 
ATOM   336 C  CA  . GLU A 1 47 ? 2.840   2.459   10.335  1.00 15.71 ? 47  GLU A CA  1 
ATOM   337 C  C   . GLU A 1 47 ? 1.461   1.974   10.010  1.00 14.50 ? 47  GLU A C   1 
ATOM   338 O  O   . GLU A 1 47 ? 1.214   0.795   10.128  1.00 14.69 ? 47  GLU A O   1 
ATOM   339 C  CB  . GLU A 1 47 ? 2.819   2.954   11.761  1.00 17.13 ? 47  GLU A CB  1 
ATOM   340 C  CG  . GLU A 1 47 ? 3.035   4.428   11.869  1.00 20.58 ? 47  GLU A CG  1 
ATOM   341 C  CD  . GLU A 1 47 ? 4.488   4.751   11.861  1.00 21.92 ? 47  GLU A CD  1 
ATOM   342 O  OE1 . GLU A 1 47 ? 5.256   3.904   12.345  1.00 24.39 ? 47  GLU A OE1 1 
ATOM   343 O  OE2 . GLU A 1 47 ? 4.880   5.817   11.384  1.00 22.25 ? 47  GLU A OE2 1 
ATOM   344 N  N   . SER A 1 48 ? 0.550   2.866   9.659   1.00 13.44 ? 48  SER A N   1 
ATOM   345 C  CA  . SER A 1 48 ? -0.816  2.455   9.346   1.00 12.93 ? 48  SER A CA  1 
ATOM   346 C  C   . SER A 1 48 ? -0.853  1.537   8.126   1.00 12.81 ? 48  SER A C   1 
ATOM   347 O  O   . SER A 1 48 ? -1.635  0.601   8.054   1.00 12.74 ? 48  SER A O   1 
ATOM   348 C  CB  . SER A 1 48 ? -1.676  3.683   9.067   1.00 12.85 ? 48  SER A CB  1 
ATOM   349 O  OG  . SER A 1 48 ? -1.516  4.634   10.091  1.00 13.40 ? 48  SER A OG  1 
ATOM   350 N  N   . ILE A 1 49 ? -0.020  1.835   7.140   1.00 12.84 ? 49  ILE A N   1 
ATOM   351 C  CA  . ILE A 1 49 ? 0.023   1.040   5.928   1.00 12.44 ? 49  ILE A CA  1 
ATOM   352 C  C   . ILE A 1 49 ? 0.611   -0.351  6.232   1.00 12.67 ? 49  ILE A C   1 
ATOM   353 O  O   . ILE A 1 49 ? 0.131   -1.364  5.722   1.00 12.04 ? 49  ILE A O   1 
ATOM   354 C  CB  . ILE A 1 49 ? 0.818   1.785   4.855   1.00 11.84 ? 49  ILE A CB  1 
ATOM   355 C  CG1 . ILE A 1 49 ? 0.169   3.142   4.584   1.00 11.71 ? 49  ILE A CG1 1 
ATOM   356 C  CG2 . ILE A 1 49 ? 0.794   1.025   3.566   1.00 12.27 ? 49  ILE A CG2 1 
ATOM   357 C  CD1 . ILE A 1 49 ? 0.986   4.060   3.691   1.00 11.46 ? 49  ILE A CD1 1 
ATOM   358 N  N   . ILE A 1 50 ? 1.666   -0.390  7.042   1.00 13.45 ? 50  ILE A N   1 
ATOM   359 C  CA  . ILE A 1 50 ? 2.302   -1.659  7.424   1.00 13.81 ? 50  ILE A CA  1 
ATOM   360 C  C   . ILE A 1 50 ? 1.262   -2.530  8.109   1.00 14.50 ? 50  ILE A C   1 
ATOM   361 O  O   . ILE A 1 50 ? 1.094   -3.690  7.738   1.00 14.98 ? 50  ILE A O   1 
ATOM   362 C  CB  . ILE A 1 50 ? 3.498   -1.443  8.377   1.00 13.31 ? 50  ILE A CB  1 
ATOM   363 C  CG1 . ILE A 1 50 ? 4.681   -0.949  7.579   1.00 13.33 ? 50  ILE A CG1 1 
ATOM   364 C  CG2 . ILE A 1 50 ? 3.889   -2.748  9.128   1.00 13.44 ? 50  ILE A CG2 1 
ATOM   365 C  CD1 . ILE A 1 50 ? 5.822   -0.585  8.439   1.00 14.33 ? 50  ILE A CD1 1 
ATOM   366 N  N   . TYR A 1 51 ? 0.567   -1.970  9.091   1.00 15.08 ? 51  TYR A N   1 
ATOM   367 C  CA  . TYR A 1 51 ? -0.466  -2.716  9.815   1.00 16.56 ? 51  TYR A CA  1 
ATOM   368 C  C   . TYR A 1 51 ? -1.530  -3.278  8.860   1.00 16.24 ? 51  TYR A C   1 
ATOM   369 O  O   . TYR A 1 51 ? -1.896  -4.443  8.953   1.00 15.53 ? 51  TYR A O   1 
ATOM   370 C  CB  . TYR A 1 51 ? -1.132  -1.840  10.884  1.00 18.61 ? 51  TYR A CB  1 
ATOM   371 C  CG  . TYR A 1 51 ? -2.085  -2.601  11.794  1.00 22.66 ? 51  TYR A CG  1 
ATOM   372 C  CD1 . TYR A 1 51 ? -3.447  -2.776  11.452  1.00 24.51 ? 51  TYR A CD1 1 
ATOM   373 C  CD2 . TYR A 1 51 ? -1.640  -3.126  13.024  1.00 23.79 ? 51  TYR A CD2 1 
ATOM   374 C  CE1 . TYR A 1 51 ? -4.343  -3.456  12.327  1.00 25.94 ? 51  TYR A CE1 1 
ATOM   375 C  CE2 . TYR A 1 51 ? -2.517  -3.795  13.901  1.00 24.83 ? 51  TYR A CE2 1 
ATOM   376 C  CZ  . TYR A 1 51 ? -3.863  -3.955  13.560  1.00 26.40 ? 51  TYR A CZ  1 
ATOM   377 O  OH  . TYR A 1 51 ? -4.724  -4.541  14.484  1.00 27.83 ? 51  TYR A OH  1 
ATOM   378 N  N   . GLN A 1 52 ? -2.040  -2.438  7.967   1.00 16.37 ? 52  GLN A N   1 
ATOM   379 C  CA  . GLN A 1 52 ? -3.035  -2.882  7.005   1.00 16.58 ? 52  GLN A CA  1 
ATOM   380 C  C   . GLN A 1 52 ? -2.476  -3.927  6.031   1.00 16.86 ? 52  GLN A C   1 
ATOM   381 O  O   . GLN A 1 52 ? -3.219  -4.794  5.568   1.00 17.79 ? 52  GLN A O   1 
ATOM   382 C  CB  . GLN A 1 52 ? -3.648  -1.701  6.243   1.00 16.61 ? 52  GLN A CB  1 
ATOM   383 C  CG  . GLN A 1 52 ? -4.528  -2.119  5.072   1.00 16.24 ? 52  GLN A CG  1 
ATOM   384 C  CD  . GLN A 1 52 ? -5.902  -1.583  5.160   1.00 15.26 ? 52  GLN A CD  1 
ATOM   385 O  OE1 . GLN A 1 52 ? -6.540  -1.331  4.154   1.00 15.70 ? 52  GLN A OE1 1 
ATOM   386 N  NE2 . GLN A 1 52 ? -6.385  -1.428  6.362   1.00 15.51 ? 52  GLN A NE2 1 
ATOM   387 N  N   . VAL A 1 53 ? -1.181  -3.882  5.721   1.00 17.02 ? 53  VAL A N   1 
ATOM   388 C  CA  . VAL A 1 53 ? -0.592  -4.875  4.807   1.00 16.45 ? 53  VAL A CA  1 
ATOM   389 C  C   . VAL A 1 53 ? -0.449  -6.258  5.453   1.00 16.27 ? 53  VAL A C   1 
ATOM   390 O  O   . VAL A 1 53 ? -0.783  -7.263  4.845   1.00 15.56 ? 53  VAL A O   1 
ATOM   391 C  CB  . VAL A 1 53 ? 0.770   -4.405  4.275   1.00 17.03 ? 53  VAL A CB  1 
ATOM   392 C  CG1 . VAL A 1 53 ? 1.529   -5.561  3.622   1.00 17.01 ? 53  VAL A CG1 1 
ATOM   393 C  CG2 . VAL A 1 53 ? 0.561   -3.281  3.265   1.00 17.41 ? 53  VAL A CG2 1 
ATOM   394 N  N   . GLU A 1 54 ? 0.000   -6.283  6.704   1.00 16.94 ? 54  GLU A N   1 
ATOM   395 C  CA  . GLU A 1 54 ? 0.190   -7.516  7.449   1.00 18.00 ? 54  GLU A CA  1 
ATOM   396 C  C   . GLU A 1 54 ? -1.036  -8.236  7.886   1.00 18.01 ? 54  GLU A C   1 
ATOM   397 O  O   . GLU A 1 54 ? -1.020  -9.455  7.908   1.00 17.80 ? 54  GLU A O   1 
ATOM   398 C  CB  . GLU A 1 54 ? 0.984   -7.281  8.706   1.00 18.96 ? 54  GLU A CB  1 
ATOM   399 C  CG  . GLU A 1 54 ? 2.136   -6.378  8.522   1.00 21.40 ? 54  GLU A CG  1 
ATOM   400 C  CD  . GLU A 1 54 ? 3.117   -6.545  9.627   1.00 24.02 ? 54  GLU A CD  1 
ATOM   401 O  OE1 . GLU A 1 54 ? 2.728   -6.379  10.806  1.00 25.12 ? 54  GLU A OE1 1 
ATOM   402 O  OE2 . GLU A 1 54 ? 4.275   -6.879  9.317   1.00 25.97 ? 54  GLU A OE2 1 
ATOM   403 N  N   . ASN A 1 55 ? -2.067  -7.496  8.293   1.00 18.75 ? 55  ASN A N   1 
ATOM   404 C  CA  . ASN A 1 55 ? -3.316  -8.101  8.800   1.00 19.90 ? 55  ASN A CA  1 
ATOM   405 C  C   . ASN A 1 55 ? -4.501  -8.074  7.873   1.00 20.10 ? 55  ASN A C   1 
ATOM   406 O  O   . ASN A 1 55 ? -5.552  -8.577  8.230   1.00 20.11 ? 55  ASN A O   1 
ATOM   407 C  CB  . ASN A 1 55 ? -3.784  -7.422  10.087  1.00 21.21 ? 55  ASN A CB  1 
ATOM   408 C  CG  . ASN A 1 55 ? -2.770  -7.488  11.177  1.00 23.08 ? 55  ASN A CG  1 
ATOM   409 O  OD1 . ASN A 1 55 ? -2.458  -8.560  11.698  1.00 25.18 ? 55  ASN A OD1 1 
ATOM   410 N  ND2 . ASN A 1 55 ? -2.195  -6.341  11.500  1.00 23.64 ? 55  ASN A ND2 1 
ATOM   411 N  N   . GLY A 1 56 ? -4.355  -7.404  6.731   1.00 20.64 ? 56  GLY A N   1 
ATOM   412 C  CA  . GLY A 1 56 ? -5.443  -7.294  5.763   1.00 20.08 ? 56  GLY A CA  1 
ATOM   413 C  C   . GLY A 1 56 ? -6.600  -6.419  6.214   1.00 19.89 ? 56  GLY A C   1 
ATOM   414 O  O   . GLY A 1 56 ? -6.538  -5.783  7.263   1.00 19.39 ? 56  GLY A O   1 
ATOM   415 N  N   . LYS A 1 57 ? -7.631  -6.344  5.382   1.00 20.23 ? 57  LYS A N   1 
ATOM   416 C  CA  . LYS A 1 57 ? -8.828  -5.560  5.699   1.00 21.03 ? 57  LYS A CA  1 
ATOM   417 C  C   . LYS A 1 57 ? -9.903  -5.877  4.666   1.00 21.09 ? 57  LYS A C   1 
ATOM   418 O  O   . LYS A 1 57 ? -9.775  -5.548  3.480   1.00 20.65 ? 57  LYS A O   1 
ATOM   419 C  CB  . LYS A 1 57 ? -8.510  -4.061  5.751   1.00 21.98 ? 57  LYS A CB  1 
ATOM   420 C  CG  . LYS A 1 57 ? -9.638  -3.147  6.241   1.00 23.44 ? 57  LYS A CG  1 
ATOM   421 C  CD  . LYS A 1 57 ? -10.208 -3.539  7.608   1.00 24.95 ? 57  LYS A CD  1 
ATOM   422 C  CE  . LYS A 1 57 ? -9.417  -3.012  8.801   1.00 25.78 ? 57  LYS A CE  1 
ATOM   423 N  NZ  . LYS A 1 57 ? -8.151  -3.719  9.089   1.00 27.62 ? 57  LYS A NZ  1 
ATOM   424 N  N   . GLY A 1 58 ? -10.926 -6.591  5.127   1.00 21.54 ? 58  GLY A N   1 
ATOM   425 C  CA  . GLY A 1 58 ? -12.025 -7.004  4.273   1.00 21.52 ? 58  GLY A CA  1 
ATOM   426 C  C   . GLY A 1 58 ? -11.575 -7.793  3.055   1.00 21.95 ? 58  GLY A C   1 
ATOM   427 O  O   . GLY A 1 58 ? -10.946 -8.853  3.174   1.00 22.89 ? 58  GLY A O   1 
ATOM   428 N  N   . ALA A 1 59 ? -11.835 -7.236  1.873   1.00 21.34 ? 59  ALA A N   1 
ATOM   429 C  CA  . ALA A 1 59 ? -11.472 -7.863  0.601   1.00 21.03 ? 59  ALA A CA  1 
ATOM   430 C  C   . ALA A 1 59 ? -9.979  -7.789  0.295   1.00 20.64 ? 59  ALA A C   1 
ATOM   431 O  O   . ALA A 1 59 ? -9.530  -8.261  -0.759  1.00 20.61 ? 59  ALA A O   1 
ATOM   432 C  CB  . ALA A 1 59 ? -12.291 -7.246  -0.554  1.00 21.07 ? 59  ALA A CB  1 
ATOM   433 N  N   . MET A 1 60 ? -9.239  -7.088  1.159   1.00 19.70 ? 60  MET A N   1 
ATOM   434 C  CA  . MET A 1 60 ? -7.797  -7.000  1.024   1.00 17.82 ? 60  MET A CA  1 
ATOM   435 C  C   . MET A 1 60 ? -7.245  -8.132  1.872   1.00 17.45 ? 60  MET A C   1 
ATOM   436 O  O   . MET A 1 60 ? -7.495  -8.185  3.089   1.00 16.70 ? 60  MET A O   1 
ATOM   437 C  CB  . MET A 1 60 ? -7.262  -5.684  1.570   1.00 17.73 ? 60  MET A CB  1 
ATOM   438 C  CG  . MET A 1 60 ? -5.759  -5.715  1.620   1.00 16.94 ? 60  MET A CG  1 
ATOM   439 S  SD  . MET A 1 60 ? -5.020  -4.182  1.368   1.00 15.58 ? 60  MET A SD  1 
ATOM   440 C  CE  . MET A 1 60 ? -3.478  -4.485  2.249   1.00 15.95 ? 60  MET A CE  1 
ATOM   441 N  N   . PRO A 1 61 ? -6.472  -9.043  1.256   1.00 17.32 ? 61  PRO A N   1 
ATOM   442 C  CA  . PRO A 1 61 ? -5.906  -10.170 2.015   1.00 17.53 ? 61  PRO A CA  1 
ATOM   443 C  C   . PRO A 1 61 ? -4.812  -9.662  2.939   1.00 17.06 ? 61  PRO A C   1 
ATOM   444 O  O   . PRO A 1 61 ? -4.312  -8.551  2.764   1.00 16.61 ? 61  PRO A O   1 
ATOM   445 C  CB  . PRO A 1 61 ? -5.277  -11.070 0.928   1.00 17.18 ? 61  PRO A CB  1 
ATOM   446 C  CG  . PRO A 1 61 ? -5.632  -10.411 -0.392  1.00 17.48 ? 61  PRO A CG  1 
ATOM   447 C  CD  . PRO A 1 61 ? -5.865  -8.958  -0.078  1.00 17.22 ? 61  PRO A CD  1 
ATOM   448 N  N   . ALA A 1 62 ? -4.449  -10.510 3.893   1.00 17.12 ? 62  ALA A N   1 
ATOM   449 C  CA  . ALA A 1 62 ? -3.387  -10.252 4.851   1.00 16.33 ? 62  ALA A CA  1 
ATOM   450 C  C   . ALA A 1 62 ? -2.121  -10.741 4.166   1.00 16.05 ? 62  ALA A C   1 
ATOM   451 O  O   . ALA A 1 62 ? -2.174  -11.703 3.385   1.00 17.38 ? 62  ALA A O   1 
ATOM   452 C  CB  . ALA A 1 62 ? -3.648  -11.058 6.119   1.00 16.79 ? 62  ALA A CB  1 
ATOM   453 N  N   . TRP A 1 63 ? -0.988  -10.112 4.444   1.00 14.69 ? 63  TRP A N   1 
ATOM   454 C  CA  . TRP A 1 63 ? 0.248   -10.508 3.789   1.00 14.13 ? 63  TRP A CA  1 
ATOM   455 C  C   . TRP A 1 63 ? 1.285   -11.105 4.699   1.00 14.39 ? 63  TRP A C   1 
ATOM   456 O  O   . TRP A 1 63 ? 2.358   -11.468 4.256   1.00 14.76 ? 63  TRP A O   1 
ATOM   457 C  CB  . TRP A 1 63 ? 0.826   -9.322  3.022   1.00 12.56 ? 63  TRP A CB  1 
ATOM   458 C  CG  . TRP A 1 63 ? -0.051  -8.940  1.859   1.00 12.24 ? 63  TRP A CG  1 
ATOM   459 C  CD1 . TRP A 1 63 ? -1.108  -8.061  1.869   1.00 12.72 ? 63  TRP A CD1 1 
ATOM   460 C  CD2 . TRP A 1 63 ? -0.049  -9.534  0.558   1.00 13.00 ? 63  TRP A CD2 1 
ATOM   461 N  NE1 . TRP A 1 63 ? -1.780  -8.097  0.665   1.00 11.95 ? 63  TRP A NE1 1 
ATOM   462 C  CE2 . TRP A 1 63 ? -1.150  -8.990  -0.156  1.00 12.35 ? 63  TRP A CE2 1 
ATOM   463 C  CE3 . TRP A 1 63 ? 0.776   -10.471 -0.077  1.00 12.98 ? 63  TRP A CE3 1 
ATOM   464 C  CZ2 . TRP A 1 63 ? -1.443  -9.357  -1.463  1.00 12.64 ? 63  TRP A CZ2 1 
ATOM   465 C  CZ3 . TRP A 1 63 ? 0.485   -10.828 -1.380  1.00 13.77 ? 63  TRP A CZ3 1 
ATOM   466 C  CH2 . TRP A 1 63 ? -0.615  -10.274 -2.060  1.00 13.39 ? 63  TRP A CH2 1 
ATOM   467 N  N   . ALA A 1 64 ? 0.974   -11.203 5.975   1.00 14.74 ? 64  ALA A N   1 
ATOM   468 C  CA  . ALA A 1 64 ? 1.916   -11.752 6.916   1.00 15.41 ? 64  ALA A CA  1 
ATOM   469 C  C   . ALA A 1 64 ? 2.463   -13.136 6.571   1.00 16.08 ? 64  ALA A C   1 
ATOM   470 O  O   . ALA A 1 64 ? 3.585   -13.463 6.942   1.00 15.21 ? 64  ALA A O   1 
ATOM   471 C  CB  . ALA A 1 64 ? 1.301   -11.784 8.271   1.00 15.11 ? 64  ALA A CB  1 
ATOM   472 N  N   . ASP A 1 65 ? 1.671   -13.941 5.871   1.00 16.76 ? 65  ASP A N   1 
ATOM   473 C  CA  . ASP A 1 65 ? 2.060   -15.318 5.530   1.00 17.91 ? 65  ASP A CA  1 
ATOM   474 C  C   . ASP A 1 65 ? 2.832   -15.476 4.243   1.00 18.36 ? 65  ASP A C   1 
ATOM   475 O  O   . ASP A 1 65 ? 3.381   -16.543 3.985   1.00 17.96 ? 65  ASP A O   1 
ATOM   476 C  CB  . ASP A 1 65 ? 0.830   -16.216 5.396   1.00 19.09 ? 65  ASP A CB  1 
ATOM   477 C  CG  . ASP A 1 65 ? 0.129   -16.450 6.708   1.00 22.05 ? 65  ASP A CG  1 
ATOM   478 O  OD1 . ASP A 1 65 ? 0.817   -16.484 7.758   1.00 23.56 ? 65  ASP A OD1 1 
ATOM   479 O  OD2 . ASP A 1 65 ? -1.112  -16.627 6.692   1.00 23.46 ? 65  ASP A OD2 1 
ATOM   480 N  N   . ARG A 1 66 ? 2.803   -14.434 3.416   1.00 18.52 ? 66  ARG A N   1 
ATOM   481 C  CA  . ARG A 1 66 ? 3.430   -14.467 2.113   1.00 18.29 ? 66  ARG A CA  1 
ATOM   482 C  C   . ARG A 1 66 ? 4.683   -13.611 1.960   1.00 18.37 ? 66  ARG A C   1 
ATOM   483 O  O   . ARG A 1 66 ? 5.553   -13.906 1.136   1.00 18.31 ? 66  ARG A O   1 
ATOM   484 C  CB  . ARG A 1 66 ? 2.376   -14.050 1.083   1.00 18.03 ? 66  ARG A CB  1 
ATOM   485 C  CG  . ARG A 1 66 ? 1.068   -14.823 1.209   1.00 17.96 ? 66  ARG A CG  1 
ATOM   486 C  CD  . ARG A 1 66 ? 0.026   -14.330 0.218   1.00 18.87 ? 66  ARG A CD  1 
ATOM   487 N  NE  . ARG A 1 66 ? 0.444   -14.610 -1.150  1.00 20.40 ? 66  ARG A NE  1 
ATOM   488 C  CZ  . ARG A 1 66 ? -0.235  -14.263 -2.242  1.00 21.02 ? 66  ARG A CZ  1 
ATOM   489 N  NH1 . ARG A 1 66 ? -1.402  -13.614 -2.136  1.00 20.88 ? 66  ARG A NH1 1 
ATOM   490 N  NH2 . ARG A 1 66 ? 0.277   -14.542 -3.446  1.00 20.68 ? 66  ARG A NH2 1 
ATOM   491 N  N   . LEU A 1 67 ? 4.751   -12.502 2.688   1.00 17.85 ? 67  LEU A N   1 
ATOM   492 C  CA  . LEU A 1 67 ? 5.905   -11.625 2.573   1.00 17.26 ? 67  LEU A CA  1 
ATOM   493 C  C   . LEU A 1 67 ? 6.779   -11.659 3.816   1.00 16.75 ? 67  LEU A C   1 
ATOM   494 O  O   . LEU A 1 67 ? 6.396   -12.214 4.835   1.00 16.81 ? 67  LEU A O   1 
ATOM   495 C  CB  . LEU A 1 67 ? 5.458   -10.187 2.301   1.00 17.19 ? 67  LEU A CB  1 
ATOM   496 C  CG  . LEU A 1 67 ? 4.489   -9.986  1.144   1.00 16.90 ? 67  LEU A CG  1 
ATOM   497 C  CD1 . LEU A 1 67 ? 4.238   -8.500  0.936   1.00 16.69 ? 67  LEU A CD1 1 
ATOM   498 C  CD2 . LEU A 1 67 ? 5.048   -10.612 -0.110  1.00 17.32 ? 67  LEU A CD2 1 
ATOM   499 N  N   . SER A 1 68 ? 8.005   -11.178 3.668   1.00 16.23 ? 68  SER A N   1 
ATOM   500 C  CA  . SER A 1 68 ? 8.900   -11.123 4.792   1.00 16.08 ? 68  SER A CA  1 
ATOM   501 C  C   . SER A 1 68 ? 8.678   -9.765  5.430   1.00 17.03 ? 68  SER A C   1 
ATOM   502 O  O   . SER A 1 68 ? 8.134   -8.838  4.802   1.00 16.46 ? 68  SER A O   1 
ATOM   503 C  CB  . SER A 1 68 ? 10.342  -11.229 4.329   1.00 15.59 ? 68  SER A CB  1 
ATOM   504 O  OG  . SER A 1 68 ? 10.669  -10.116 3.528   1.00 14.60 ? 68  SER A OG  1 
ATOM   505 N  N   . GLU A 1 69 ? 9.135   -9.653  6.672   1.00 18.26 ? 69  GLU A N   1 
ATOM   506 C  CA  . GLU A 1 69 ? 9.045   -8.449  7.493   1.00 19.35 ? 69  GLU A CA  1 
ATOM   507 C  C   . GLU A 1 69 ? 9.707   -7.261  6.809   1.00 19.21 ? 69  GLU A C   1 
ATOM   508 O  O   . GLU A 1 69 ? 9.220   -6.129  6.847   1.00 19.19 ? 69  GLU A O   1 
ATOM   509 C  CB  . GLU A 1 69 ? 9.735   -8.735  8.818   1.00 21.01 ? 69  GLU A CB  1 
ATOM   510 C  CG  . GLU A 1 69 ? 9.533   -7.720  9.879   1.00 24.94 ? 69  GLU A CG  1 
ATOM   511 C  CD  . GLU A 1 69 ? 8.072   -7.555  10.237  1.00 27.52 ? 69  GLU A CD  1 
ATOM   512 O  OE1 . GLU A 1 69 ? 7.330   -8.564  10.341  1.00 28.62 ? 69  GLU A OE1 1 
ATOM   513 O  OE2 . GLU A 1 69 ? 7.665   -6.389  10.407  1.00 29.30 ? 69  GLU A OE2 1 
ATOM   514 N  N   . GLU A 1 70 ? 10.800  -7.522  6.131   1.00 18.68 ? 70  GLU A N   1 
ATOM   515 C  CA  . GLU A 1 70 ? 11.451  -6.429  5.503   1.00 18.72 ? 70  GLU A CA  1 
ATOM   516 C  C   . GLU A 1 70 ? 10.735  -6.026  4.236   1.00 17.60 ? 70  GLU A C   1 
ATOM   517 O  O   . GLU A 1 70 ? 10.711  -4.859  3.882   1.00 16.71 ? 70  GLU A O   1 
ATOM   518 C  CB  . GLU A 1 70 ? 12.914  -6.730  5.284   1.00 20.37 ? 70  GLU A CB  1 
ATOM   519 C  CG  . GLU A 1 70 ? 13.232  -7.577  4.130   1.00 22.53 ? 70  GLU A CG  1 
ATOM   520 C  CD  . GLU A 1 70 ? 14.613  -7.239  3.608   1.00 24.68 ? 70  GLU A CD  1 
ATOM   521 O  OE1 . GLU A 1 70 ? 15.142  -6.167  4.016   1.00 25.22 ? 70  GLU A OE1 1 
ATOM   522 O  OE2 . GLU A 1 70 ? 15.159  -8.033  2.793   1.00 25.94 ? 70  GLU A OE2 1 
ATOM   523 N  N   . GLU A 1 71 ? 10.119  -6.983  3.569   1.00 17.21 ? 71  GLU A N   1 
ATOM   524 C  CA  . GLU A 1 71 ? 9.384   -6.668  2.368   1.00 17.25 ? 71  GLU A CA  1 
ATOM   525 C  C   . GLU A 1 71 ? 8.179   -5.792  2.683   1.00 17.00 ? 71  GLU A C   1 
ATOM   526 O  O   . GLU A 1 71 ? 7.836   -4.914  1.898   1.00 17.25 ? 71  GLU A O   1 
ATOM   527 C  CB  . GLU A 1 71 ? 8.944   -7.947  1.675   1.00 18.13 ? 71  GLU A CB  1 
ATOM   528 C  CG  . GLU A 1 71 ? 10.084  -8.596  0.920   1.00 19.74 ? 71  GLU A CG  1 
ATOM   529 C  CD  . GLU A 1 71 ? 9.718   -9.932  0.373   1.00 21.28 ? 71  GLU A CD  1 
ATOM   530 O  OE1 . GLU A 1 71 ? 8.790   -10.574 0.919   1.00 21.21 ? 71  GLU A OE1 1 
ATOM   531 O  OE2 . GLU A 1 71 ? 10.378  -10.353 -0.594  1.00 23.32 ? 71  GLU A OE2 1 
ATOM   532 N  N   . ILE A 1 72 ? 7.527   -6.066  3.810   1.00 17.18 ? 72  ILE A N   1 
ATOM   533 C  CA  . ILE A 1 72 ? 6.352   -5.315  4.258   1.00 17.34 ? 72  ILE A CA  1 
ATOM   534 C  C   . ILE A 1 72 ? 6.721   -3.866  4.574   1.00 17.34 ? 72  ILE A C   1 
ATOM   535 O  O   . ILE A 1 72 ? 6.003   -2.938  4.184   1.00 17.21 ? 72  ILE A O   1 
ATOM   536 C  CB  . ILE A 1 72 ? 5.676   -5.975  5.502   1.00 17.25 ? 72  ILE A CB  1 
ATOM   537 C  CG1 . ILE A 1 72 ? 5.097   -7.342  5.132   1.00 17.50 ? 72  ILE A CG1 1 
ATOM   538 C  CG2 . ILE A 1 72 ? 4.570   -5.086  6.037   1.00 17.36 ? 72  ILE A CG2 1 
ATOM   539 C  CD1 . ILE A 1 72 ? 4.419   -8.077  6.303   1.00 18.81 ? 72  ILE A CD1 1 
ATOM   540 N  N   . GLN A 1 73 ? 7.837   -3.673  5.267   1.00 17.43 ? 73  GLN A N   1 
ATOM   541 C  CA  . GLN A 1 73 ? 8.298   -2.334  5.600   1.00 18.40 ? 73  GLN A CA  1 
ATOM   542 C  C   . GLN A 1 73 ? 8.647   -1.555  4.322   1.00 17.75 ? 73  GLN A C   1 
ATOM   543 O  O   . GLN A 1 73 ? 8.285   -0.397  4.197   1.00 17.46 ? 73  GLN A O   1 
ATOM   544 C  CB  . GLN A 1 73 ? 9.500   -2.375  6.567   1.00 20.40 ? 73  GLN A CB  1 
ATOM   545 C  CG  . GLN A 1 73 ? 9.171   -1.968  8.022   1.00 24.47 ? 73  GLN A CG  1 
ATOM   546 C  CD  . GLN A 1 73 ? 8.804   -3.160  8.940   1.00 27.83 ? 73  GLN A CD  1 
ATOM   547 O  OE1 . GLN A 1 73 ? 9.092   -3.144  10.142  1.00 29.16 ? 73  GLN A OE1 1 
ATOM   548 N  NE2 . GLN A 1 73 ? 8.169   -4.186  8.374   1.00 29.57 ? 73  GLN A NE2 1 
ATOM   549 N  N   . ALA A 1 74 ? 9.310   -2.208  3.365   1.00 16.93 ? 74  ALA A N   1 
ATOM   550 C  CA  . ALA A 1 74 ? 9.681   -1.588  2.087   1.00 15.84 ? 74  ALA A CA  1 
ATOM   551 C  C   . ALA A 1 74 ? 8.463   -1.129  1.237   1.00 14.96 ? 74  ALA A C   1 
ATOM   552 O  O   . ALA A 1 74 ? 8.456   -0.003  0.680   1.00 14.42 ? 74  ALA A O   1 
ATOM   553 C  CB  . ALA A 1 74 ? 10.536  -2.571  1.278   1.00 16.04 ? 74  ALA A CB  1 
ATOM   554 N  N   . VAL A 1 75 ? 7.492   -2.040  1.069   1.00 13.71 ? 75  VAL A N   1 
ATOM   555 C  CA  . VAL A 1 75 ? 6.286   -1.760  0.290   1.00 12.93 ? 75  VAL A CA  1 
ATOM   556 C  C   . VAL A 1 75 ? 5.491   -0.606  0.912   1.00 12.70 ? 75  VAL A C   1 
ATOM   557 O  O   . VAL A 1 75 ? 5.012   0.271   0.218   1.00 12.79 ? 75  VAL A O   1 
ATOM   558 C  CB  . VAL A 1 75 ? 5.399   -3.050  0.065   1.00 12.02 ? 75  VAL A CB  1 
ATOM   559 C  CG1 . VAL A 1 75 ? 4.549   -3.402  1.288   1.00 10.14 ? 75  VAL A CG1 1 
ATOM   560 C  CG2 . VAL A 1 75 ? 4.496   -2.868  -1.185  1.00 12.08 ? 75  VAL A CG2 1 
ATOM   561 N  N   . ALA A 1 76 ? 5.403   -0.606  2.230   1.00 13.11 ? 76  ALA A N   1 
ATOM   562 C  CA  . ALA A 1 76 ? 4.723   0.430   2.982   1.00 13.85 ? 76  ALA A CA  1 
ATOM   563 C  C   . ALA A 1 76 ? 5.354   1.797   2.742   1.00 14.74 ? 76  ALA A C   1 
ATOM   564 O  O   . ALA A 1 76 ? 4.641   2.778   2.551   1.00 14.79 ? 76  ALA A O   1 
ATOM   565 C  CB  . ALA A 1 76 ? 4.773   0.099   4.468   1.00 12.18 ? 76  ALA A CB  1 
ATOM   566 N  N   . GLU A 1 77 ? 6.682   1.871   2.830   1.00 15.32 ? 77  GLU A N   1 
ATOM   567 C  CA  . GLU A 1 77 ? 7.392   3.135   2.630   1.00 16.48 ? 77  GLU A CA  1 
ATOM   568 C  C   . GLU A 1 77 ? 7.330   3.600   1.189   1.00 15.81 ? 77  GLU A C   1 
ATOM   569 O  O   . GLU A 1 77 ? 7.354   4.795   0.909   1.00 15.44 ? 77  GLU A O   1 
ATOM   570 C  CB  . GLU A 1 77 ? 8.848   3.027   3.145   1.00 20.09 ? 77  GLU A CB  1 
ATOM   571 C  CG  . GLU A 1 77 ? 8.923   2.367   4.554   1.00 24.81 ? 77  GLU A CG  1 
ATOM   572 C  CD  . GLU A 1 77 ? 9.993   2.933   5.491   1.00 27.95 ? 77  GLU A CD  1 
ATOM   573 O  OE1 . GLU A 1 77 ? 10.226  4.163   5.457   1.00 30.12 ? 77  GLU A OE1 1 
ATOM   574 O  OE2 . GLU A 1 77 ? 10.563  2.144   6.299   1.00 29.48 ? 77  GLU A OE2 1 
ATOM   575 N  N   . TYR A 1 78 ? 7.277   2.634   0.282   1.00 15.88 ? 78  TYR A N   1 
ATOM   576 C  CA  . TYR A 1 78 ? 7.167   2.905   -1.128  1.00 16.83 ? 78  TYR A CA  1 
ATOM   577 C  C   . TYR A 1 78 ? 5.790   3.494   -1.418  1.00 17.05 ? 78  TYR A C   1 
ATOM   578 O  O   . TYR A 1 78 ? 5.638   4.371   -2.261  1.00 17.26 ? 78  TYR A O   1 
ATOM   579 C  CB  . TYR A 1 78 ? 7.350   1.612   -1.923  1.00 17.24 ? 78  TYR A CB  1 
ATOM   580 C  CG  . TYR A 1 78 ? 7.054   1.787   -3.389  1.00 17.60 ? 78  TYR A CG  1 
ATOM   581 C  CD1 . TYR A 1 78 ? 7.937   2.475   -4.233  1.00 18.60 ? 78  TYR A CD1 1 
ATOM   582 C  CD2 . TYR A 1 78 ? 5.875   1.303   -3.924  1.00 18.74 ? 78  TYR A CD2 1 
ATOM   583 C  CE1 . TYR A 1 78 ? 7.646   2.669   -5.585  1.00 18.82 ? 78  TYR A CE1 1 
ATOM   584 C  CE2 . TYR A 1 78 ? 5.555   1.494   -5.261  1.00 20.06 ? 78  TYR A CE2 1 
ATOM   585 C  CZ  . TYR A 1 78 ? 6.451   2.170   -6.091  1.00 20.26 ? 78  TYR A CZ  1 
ATOM   586 O  OH  . TYR A 1 78 ? 6.124   2.272   -7.424  1.00 21.99 ? 78  TYR A OH  1 
ATOM   587 N  N   . VAL A 1 79 ? 4.765   2.918   -0.817  1.00 17.06 ? 79  VAL A N   1 
ATOM   588 C  CA  . VAL A 1 79 ? 3.427   3.412   -1.034  1.00 17.01 ? 79  VAL A CA  1 
ATOM   589 C  C   . VAL A 1 79 ? 3.327   4.805   -0.429  1.00 17.64 ? 79  VAL A C   1 
ATOM   590 O  O   . VAL A 1 79 ? 2.654   5.672   -0.983  1.00 17.52 ? 79  VAL A O   1 
ATOM   591 C  CB  . VAL A 1 79 ? 2.375   2.472   -0.394  1.00 15.33 ? 79  VAL A CB  1 
ATOM   592 C  CG1 . VAL A 1 79 ? 1.002   3.124   -0.377  1.00 12.79 ? 79  VAL A CG1 1 
ATOM   593 C  CG2 . VAL A 1 79 ? 2.326   1.188   -1.170  1.00 14.81 ? 79  VAL A CG2 1 
ATOM   594 N  N   . PHE A 1 80 ? 3.981   4.996   0.714   1.00 17.93 ? 80  PHE A N   1 
ATOM   595 C  CA  . PHE A 1 80 ? 3.953   6.266   1.414   1.00 18.74 ? 80  PHE A CA  1 
ATOM   596 C  C   . PHE A 1 80 ? 4.598   7.340   0.562   1.00 19.81 ? 80  PHE A C   1 
ATOM   597 O  O   . PHE A 1 80 ? 4.054   8.443   0.410   1.00 20.03 ? 80  PHE A O   1 
ATOM   598 C  CB  . PHE A 1 80 ? 4.659   6.135   2.776   1.00 18.74 ? 80  PHE A CB  1 
ATOM   599 C  CG  . PHE A 1 80 ? 4.564   7.368   3.657   1.00 18.73 ? 80  PHE A CG  1 
ATOM   600 C  CD1 . PHE A 1 80 ? 3.372   7.714   4.273   1.00 18.66 ? 80  PHE A CD1 1 
ATOM   601 C  CD2 . PHE A 1 80 ? 5.675   8.165   3.876   1.00 19.58 ? 80  PHE A CD2 1 
ATOM   602 C  CE1 . PHE A 1 80 ? 3.284   8.833   5.095   1.00 19.15 ? 80  PHE A CE1 1 
ATOM   603 C  CE2 . PHE A 1 80 ? 5.590   9.301   4.707   1.00 19.75 ? 80  PHE A CE2 1 
ATOM   604 C  CZ  . PHE A 1 80 ? 4.382   9.625   5.311   1.00 19.46 ? 80  PHE A CZ  1 
ATOM   605 N  N   . LYS A 1 81 ? 5.748   6.994   -0.010  1.00 20.66 ? 81  LYS A N   1 
ATOM   606 C  CA  . LYS A 1 81 ? 6.521   7.890   -0.854  1.00 21.15 ? 81  LYS A CA  1 
ATOM   607 C  C   . LYS A 1 81 ? 5.719   8.329   -2.069  1.00 21.17 ? 81  LYS A C   1 
ATOM   608 O  O   . LYS A 1 81 ? 5.735   9.510   -2.427  1.00 20.87 ? 81  LYS A O   1 
ATOM   609 C  CB  . LYS A 1 81 ? 7.822   7.189   -1.269  1.00 22.58 ? 81  LYS A CB  1 
ATOM   610 C  CG  . LYS A 1 81 ? 8.384   7.593   -2.642  1.00 25.01 ? 81  LYS A CG  1 
ATOM   611 C  CD  . LYS A 1 81 ? 8.988   8.999   -2.667  1.00 26.97 ? 81  LYS A CD  1 
ATOM   612 C  CE  . LYS A 1 81 ? 10.256  9.092   -1.811  1.00 28.39 ? 81  LYS A CE  1 
ATOM   613 N  NZ  . LYS A 1 81 ? 10.917  10.411  -1.980  1.00 29.57 ? 81  LYS A NZ  1 
ATOM   614 N  N   . GLN A 1 82 ? 5.014   7.379   -2.688  1.00 21.41 ? 82  GLN A N   1 
ATOM   615 C  CA  . GLN A 1 82 ? 4.189   7.631   -3.875  1.00 22.24 ? 82  GLN A CA  1 
ATOM   616 C  C   . GLN A 1 82 ? 3.029   8.600   -3.652  1.00 22.69 ? 82  GLN A C   1 
ATOM   617 O  O   . GLN A 1 82 ? 2.739   9.428   -4.507  1.00 22.06 ? 82  GLN A O   1 
ATOM   618 C  CB  . GLN A 1 82 ? 3.637   6.318   -4.421  1.00 22.76 ? 82  GLN A CB  1 
ATOM   619 C  CG  . GLN A 1 82 ? 4.674   5.425   -5.081  1.00 23.90 ? 82  GLN A CG  1 
ATOM   620 C  CD  . GLN A 1 82 ? 5.221   6.030   -6.362  1.00 24.70 ? 82  GLN A CD  1 
ATOM   621 O  OE1 . GLN A 1 82 ? 4.582   5.979   -7.403  1.00 24.94 ? 82  GLN A OE1 1 
ATOM   622 N  NE2 . GLN A 1 82 ? 6.396   6.625   -6.278  1.00 25.65 ? 82  GLN A NE2 1 
ATOM   623 N  N   . ALA A 1 83 ? 2.365   8.477   -2.507  1.00 23.80 ? 83  ALA A N   1 
ATOM   624 C  CA  . ALA A 1 83 ? 1.222   9.336   -2.176  1.00 24.95 ? 83  ALA A CA  1 
ATOM   625 C  C   . ALA A 1 83 ? 1.672   10.755  -1.839  1.00 25.55 ? 83  ALA A C   1 
ATOM   626 O  O   . ALA A 1 83 ? 1.044   11.735  -2.215  1.00 25.87 ? 83  ALA A O   1 
ATOM   627 C  CB  . ALA A 1 83 ? 0.445   8.738   -1.025  1.00 24.40 ? 83  ALA A CB  1 
ATOM   628 N  N   . THR A 1 84 ? 2.758   10.845  -1.092  1.00 26.75 ? 84  THR A N   1 
ATOM   629 C  CA  . THR A 1 84 ? 3.338   12.121  -0.691  1.00 28.03 ? 84  THR A CA  1 
ATOM   630 C  C   . THR A 1 84 ? 3.663   12.952  -1.937  1.00 29.38 ? 84  THR A C   1 
ATOM   631 O  O   . THR A 1 84 ? 3.241   14.110  -2.051  1.00 30.15 ? 84  THR A O   1 
ATOM   632 C  CB  . THR A 1 84 ? 4.644   11.892  0.146   1.00 27.30 ? 84  THR A CB  1 
ATOM   633 O  OG1 . THR A 1 84 ? 4.317   11.241  1.378   1.00 26.99 ? 84  THR A OG1 1 
ATOM   634 C  CG2 . THR A 1 84 ? 5.340   13.199  0.458   1.00 27.33 ? 84  THR A CG2 1 
ATOM   635 N  N   . ASP A 1 85 ? 4.403   12.344  -2.862  1.00 30.03 ? 85  ASP A N   1 
ATOM   636 C  CA  . ASP A 1 85 ? 4.822   12.987  -4.097  1.00 30.80 ? 85  ASP A CA  1 
ATOM   637 C  C   . ASP A 1 85 ? 3.727   12.924  -5.135  1.00 31.16 ? 85  ASP A C   1 
ATOM   638 O  O   . ASP A 1 85 ? 3.923   13.362  -6.254  1.00 30.76 ? 85  ASP A O   1 
ATOM   639 C  CB  . ASP A 1 85 ? 6.061   12.285  -4.682  1.00 31.19 ? 85  ASP A CB  1 
ATOM   640 C  CG  . ASP A 1 85 ? 7.312   12.422  -3.812  1.00 31.50 ? 85  ASP A CG  1 
ATOM   641 O  OD1 . ASP A 1 85 ? 7.275   13.021  -2.720  1.00 31.81 ? 85  ASP A OD1 1 
ATOM   642 O  OD2 . ASP A 1 85 ? 8.358   11.912  -4.245  1.00 32.00 ? 85  ASP A OD2 1 
ATOM   643 N  N   . ALA A 1 86 ? 2.625   12.267  -4.813  1.00 32.10 ? 86  ALA A N   1 
ATOM   644 C  CA  . ALA A 1 86 ? 1.515   12.159  -5.758  1.00 33.32 ? 86  ALA A CA  1 
ATOM   645 C  C   . ALA A 1 86 ? 1.992   11.608  -7.114  1.00 34.23 ? 86  ALA A C   1 
ATOM   646 O  O   . ALA A 1 86 ? 1.573   12.076  -8.174  1.00 34.82 ? 86  ALA A O   1 
ATOM   647 C  CB  . ALA A 1 86 ? 0.840   13.539  -5.940  1.00 32.63 ? 86  ALA A CB  1 
ATOM   648 N  N   . ALA A 1 87 ? 2.840   10.588  -7.077  1.00 34.77 ? 87  ALA A N   1 
ATOM   649 C  CA  . ALA A 1 87 ? 3.395   9.992   -8.288  1.00 34.96 ? 87  ALA A CA  1 
ATOM   650 C  C   . ALA A 1 87 ? 2.638   8.862   -9.008  1.00 35.70 ? 87  ALA A C   1 
ATOM   651 O  O   . ALA A 1 87 ? 3.161   8.325   -9.993  1.00 35.75 ? 87  ALA A O   1 
ATOM   652 C  CB  . ALA A 1 87 ? 4.814   9.552   -8.014  1.00 34.25 ? 87  ALA A CB  1 
ATOM   653 N  N   . TRP A 1 88 ? 1.423   8.515   -8.568  1.00 36.39 ? 88  TRP A N   1 
ATOM   654 C  CA  . TRP A 1 88 ? 0.647   7.415   -9.203  1.00 37.04 ? 88  TRP A CA  1 
ATOM   655 C  C   . TRP A 1 88 ? 0.116   7.745   -10.624 1.00 38.71 ? 88  TRP A C   1 
ATOM   656 O  O   . TRP A 1 88 ? -0.774  8.607   -10.796 1.00 39.19 ? 88  TRP A O   1 
ATOM   657 C  CB  . TRP A 1 88 ? -0.534  6.978   -8.315  1.00 35.16 ? 88  TRP A CB  1 
ATOM   658 C  CG  . TRP A 1 88 ? -0.203  6.618   -6.880  1.00 32.13 ? 88  TRP A CG  1 
ATOM   659 C  CD1 . TRP A 1 88 ? -0.490  7.357   -5.766  1.00 30.88 ? 88  TRP A CD1 1 
ATOM   660 C  CD2 . TRP A 1 88 ? 0.357   5.386   -6.408  1.00 30.35 ? 88  TRP A CD2 1 
ATOM   661 N  NE1 . TRP A 1 88 ? -0.166  6.654   -4.638  1.00 30.29 ? 88  TRP A NE1 1 
ATOM   662 C  CE2 . TRP A 1 88 ? 0.354   5.439   -5.001  1.00 29.68 ? 88  TRP A CE2 1 
ATOM   663 C  CE3 . TRP A 1 88 ? 0.856   4.235   -7.035  1.00 29.67 ? 88  TRP A CE3 1 
ATOM   664 C  CZ2 . TRP A 1 88 ? 0.819   4.388   -4.213  1.00 28.36 ? 88  TRP A CZ2 1 
ATOM   665 C  CZ3 . TRP A 1 88 ? 1.319   3.192   -6.245  1.00 28.41 ? 88  TRP A CZ3 1 
ATOM   666 C  CH2 . TRP A 1 88 ? 1.294   3.279   -4.852  1.00 28.04 ? 88  TRP A CH2 1 
ATOM   667 N  N   . LYS A 1 89 ? 0.594   6.992   -11.616 1.00 39.81 ? 89  LYS A N   1 
ATOM   668 C  CA  . LYS A 1 89 ? 0.234   7.197   -13.031 1.00 40.99 ? 89  LYS A CA  1 
ATOM   669 C  C   . LYS A 1 89 ? -0.748  6.145   -13.586 1.00 41.36 ? 89  LYS A C   1 
ATOM   670 O  O   . LYS A 1 89 ? -0.334  5.073   -14.040 1.00 41.53 ? 89  LYS A O   1 
ATOM   671 C  CB  . LYS A 1 89 ? 1.526   7.225   -13.889 1.00 41.61 ? 89  LYS A CB  1 
ATOM   672 C  CG  . LYS A 1 89 ? 2.783   7.811   -13.168 1.00 41.54 ? 89  LYS A CG  1 
ATOM   673 C  CD  . LYS A 1 89 ? 3.958   8.155   -14.099 1.00 41.68 ? 89  LYS A CD  1 
ATOM   674 C  CE  . LYS A 1 89 ? 4.356   6.997   -15.019 1.00 41.79 ? 89  LYS A CE  1 
ATOM   675 N  NZ  . LYS A 1 89 ? 4.751   5.749   -14.307 1.00 42.08 ? 89  LYS A NZ  1 
ATOM   676 N  N   . TYR A 1 90 ? -2.036  6.497   -13.605 1.00 41.85 ? 90  TYR A N   1 
ATOM   677 C  CA  . TYR A 1 90 ? -3.122  5.610   -14.077 1.00 42.05 ? 90  TYR A CA  1 
ATOM   678 C  C   . TYR A 1 90 ? -3.891  6.090   -15.348 1.00 42.27 ? 90  TYR A C   1 
ATOM   679 O  O   . TYR A 1 90 ? -3.544  7.160   -15.903 1.00 42.32 ? 90  TYR A O   1 
ATOM   680 C  CB  . TYR A 1 90 ? -4.111  5.383   -12.924 1.00 41.34 ? 90  TYR A CB  1 
ATOM   681 C  CG  . TYR A 1 90 ? -4.643  6.677   -12.329 0.50 40.61 ? 90  TYR A CG  1 
ATOM   682 C  CD1 . TYR A 1 90 ? -3.886  7.418   -11.431 0.50 40.07 ? 90  TYR A CD1 1 
ATOM   683 C  CD2 . TYR A 1 90 ? -5.897  7.153   -12.673 0.50 40.61 ? 90  TYR A CD2 1 
ATOM   684 O  OXT . TYR A 1 90 ? -4.840  5.391   -15.791 1.00 42.35 ? 90  TYR A OXT 1 
HETATM 685 CD CD  . CD  B 2 .  ? 9.569   -12.595 -0.249  1.00 20.28 ? 300 CD  A CD  1 
HETATM 686 CD CD  . CD  C 2 .  ? 17.529  -3.247  -2.651  1.00 25.37 ? 301 CD  A CD  1 
HETATM 687 CD CD  . CD  D 2 .  ? 5.420   -6.688  11.715  1.00 37.30 ? 302 CD  A CD  1 
HETATM 688 CD CD  . CD  E 2 .  ? 6.972   3.867   14.988  0.25 42.88 ? 303 CD  A CD  1 
HETATM 689 FE FE  . HEC F 3 .  ? -4.915  -3.140  -0.782  1.00 15.22 ? 200 HEC A FE  1 
HETATM 690 C  CHA . HEC F 3 .  ? -6.968  -1.002  0.788   1.00 16.31 ? 200 HEC A CHA 1 
HETATM 691 C  CHB . HEC F 3 .  ? -2.185  -1.462  0.258   1.00 13.73 ? 200 HEC A CHB 1 
HETATM 692 C  CHC . HEC F 3 .  ? -2.840  -5.646  -1.959  1.00 13.69 ? 200 HEC A CHC 1 
HETATM 693 C  CHD . HEC F 3 .  ? -7.591  -4.677  -2.250  1.00 15.61 ? 200 HEC A CHD 1 
HETATM 694 N  NA  . HEC F 3 .  ? -4.607  -1.546  0.269   1.00 15.59 ? 200 HEC A NA  1 
HETATM 695 C  C1A . HEC F 3 .  ? -5.593  -0.718  0.828   1.00 15.63 ? 200 HEC A C1A 1 
HETATM 696 C  C2A . HEC F 3 .  ? -5.045  0.426   1.513   1.00 15.17 ? 200 HEC A C2A 1 
HETATM 697 C  C3A . HEC F 3 .  ? -3.682  0.213   1.534   1.00 15.62 ? 200 HEC A C3A 1 
HETATM 698 C  C4A . HEC F 3 .  ? -3.419  -1.018  0.715   1.00 14.97 ? 200 HEC A C4A 1 
HETATM 699 C  CMA . HEC F 3 .  ? -2.688  1.154   2.206   1.00 15.85 ? 200 HEC A CMA 1 
HETATM 700 C  CAA . HEC F 3 .  ? -5.863  1.565   2.078   1.00 14.95 ? 200 HEC A CAA 1 
HETATM 701 C  CBA . HEC F 3 .  ? -6.642  2.324   0.998   1.00 15.99 ? 200 HEC A CBA 1 
HETATM 702 C  CGA . HEC F 3 .  ? -7.575  3.398   1.558   1.00 17.13 ? 200 HEC A CGA 1 
HETATM 703 O  O1A . HEC F 3 .  ? -8.111  3.230   2.677   1.00 16.89 ? 200 HEC A O1A 1 
HETATM 704 O  O2A . HEC F 3 .  ? -7.783  4.420   0.855   1.00 18.11 ? 200 HEC A O2A 1 
HETATM 705 N  NB  . HEC F 3 .  ? -2.932  -3.388  -0.914  1.00 14.03 ? 200 HEC A NB  1 
HETATM 706 C  C1B . HEC F 3 .  ? -1.957  -2.538  -0.547  1.00 13.50 ? 200 HEC A C1B 1 
HETATM 707 C  C2B . HEC F 3 .  ? -0.639  -3.090  -0.748  1.00 12.84 ? 200 HEC A C2B 1 
HETATM 708 C  C3B . HEC F 3 .  ? -0.771  -4.324  -1.259  1.00 13.73 ? 200 HEC A C3B 1 
HETATM 709 C  C4B . HEC F 3 .  ? -2.225  -4.515  -1.358  1.00 13.66 ? 200 HEC A C4B 1 
HETATM 710 C  CMB . HEC F 3 .  ? 0.697   -2.417  -0.473  1.00 11.73 ? 200 HEC A CMB 1 
HETATM 711 C  CAB . HEC F 3 .  ? 0.281   -5.261  -1.527  1.00 14.01 ? 200 HEC A CAB 1 
HETATM 712 C  CBB . HEC F 3 .  ? 1.099   -5.844  -0.433  1.00 13.34 ? 200 HEC A CBB 1 
HETATM 713 N  NC  . HEC F 3 .  ? -5.165  -4.853  -1.739  1.00 15.69 ? 200 HEC A NC  1 
HETATM 714 C  C1C . HEC F 3 .  ? -4.214  -5.780  -2.172  1.00 15.06 ? 200 HEC A C1C 1 
HETATM 715 C  C2C . HEC F 3 .  ? -4.797  -6.684  -3.155  1.00 16.25 ? 200 HEC A C2C 1 
HETATM 716 C  C3C . HEC F 3 .  ? -6.132  -6.310  -3.307  1.00 18.03 ? 200 HEC A C3C 1 
HETATM 717 C  C4C . HEC F 3 .  ? -6.354  -5.231  -2.406  1.00 16.53 ? 200 HEC A C4C 1 
HETATM 718 C  CMC . HEC F 3 .  ? -4.090  -7.798  -3.920  1.00 15.06 ? 200 HEC A CMC 1 
HETATM 719 C  CAC . HEC F 3 .  ? -7.141  -6.836  -4.145  1.00 19.47 ? 200 HEC A CAC 1 
HETATM 720 C  CBC . HEC F 3 .  ? -7.764  -8.166  -3.890  1.00 19.71 ? 200 HEC A CBC 1 
HETATM 721 N  ND  . HEC F 3 .  ? -6.835  -2.858  -0.714  1.00 16.46 ? 200 HEC A ND  1 
HETATM 722 C  C1D . HEC F 3 .  ? -7.835  -3.612  -1.376  1.00 17.07 ? 200 HEC A C1D 1 
HETATM 723 C  C2D . HEC F 3 .  ? -9.170  -3.210  -0.853  1.00 18.01 ? 200 HEC A C2D 1 
HETATM 724 C  C3D . HEC F 3 .  ? -8.930  -2.237  0.068   1.00 17.85 ? 200 HEC A C3D 1 
HETATM 725 C  C4D . HEC F 3 .  ? -7.539  -1.993  0.088   1.00 16.35 ? 200 HEC A C4D 1 
HETATM 726 C  CMD . HEC F 3 .  ? -10.582 -3.736  -1.291  1.00 18.38 ? 200 HEC A CMD 1 
HETATM 727 C  CAD . HEC F 3 .  ? -9.969  -1.582  0.968   1.00 19.58 ? 200 HEC A CAD 1 
HETATM 728 C  CBD . HEC F 3 .  ? -10.501 -2.636  1.931   1.00 22.33 ? 200 HEC A CBD 1 
HETATM 729 C  CGD . HEC F 3 .  ? -11.529 -2.092  2.920   1.00 24.09 ? 200 HEC A CGD 1 
HETATM 730 O  O1D . HEC F 3 .  ? -12.479 -2.848  3.276   1.00 26.32 ? 200 HEC A O1D 1 
HETATM 731 O  O2D . HEC F 3 .  ? -11.369 -0.932  3.364   1.00 23.67 ? 200 HEC A O2D 1 
HETATM 732 O  O   . HOH G 4 .  ? -1.290  11.422  -3.251  1.00 15.07 ? 400 HOH A O   1 
HETATM 733 O  O   . HOH G 4 .  ? -7.716  -7.098  9.421   1.00 37.38 ? 401 HOH A O   1 
HETATM 734 O  O   . HOH G 4 .  ? 17.278  -3.836  5.772   1.00 36.83 ? 402 HOH A O   1 
HETATM 735 O  O   . HOH G 4 .  ? 5.337   -8.351  12.608  1.00 37.90 ? 403 HOH A O   1 
HETATM 736 O  O   . HOH G 4 .  ? 9.709   5.551   7.666   1.00 26.87 ? 404 HOH A O   1 
HETATM 737 O  O   . HOH G 4 .  ? 1.780   -8.811  13.440  1.00 29.57 ? 405 HOH A O   1 
HETATM 738 O  O   . HOH G 4 .  ? 15.110  -8.517  -9.312  1.00 34.77 ? 406 HOH A O   1 
HETATM 739 O  O   . HOH G 4 .  ? -3.885  0.614   9.748   1.00 17.92 ? 407 HOH A O   1 
HETATM 740 O  O   . HOH G 4 .  ? -9.696  15.559  8.277   1.00 36.98 ? 408 HOH A O   1 
HETATM 741 O  O   . HOH G 4 .  ? 17.346  0.203   4.523   1.00 36.84 ? 409 HOH A O   1 
HETATM 742 O  O   . HOH G 4 .  ? -16.955 1.438   -4.574  1.00 44.49 ? 410 HOH A O   1 
HETATM 743 O  O   . HOH G 4 .  ? 8.819   11.964  -0.412  1.00 34.36 ? 411 HOH A O   1 
HETATM 744 O  O   . HOH G 4 .  ? -16.085 5.967   -6.359  1.00 49.06 ? 412 HOH A O   1 
HETATM 745 O  O   . HOH G 4 .  ? -11.640 -5.457  9.549   1.00 43.09 ? 413 HOH A O   1 
HETATM 746 O  O   . HOH G 4 .  ? -12.912 3.270   6.752   1.00 34.91 ? 414 HOH A O   1 
HETATM 747 O  O   . HOH G 4 .  ? -14.911 -7.453  -6.365  1.00 32.35 ? 415 HOH A O   1 
HETATM 748 O  O   . HOH G 4 .  ? -9.612  -7.574  -8.048  1.00 39.08 ? 416 HOH A O   1 
HETATM 749 O  O   . HOH G 4 .  ? -13.278 10.591  5.230   1.00 30.25 ? 417 HOH A O   1 
HETATM 750 O  O   . HOH G 4 .  ? 2.942   16.960  -5.956  1.00 38.51 ? 418 HOH A O   1 
HETATM 751 O  O   . HOH G 4 .  ? 5.354   -4.968  10.844  1.00 50.10 ? 419 HOH A O   1 
HETATM 752 O  O   . HOH G 4 .  ? 5.374   3.128   -15.229 1.00 40.19 ? 420 HOH A O   1 
HETATM 753 O  O   . HOH G 4 .  ? -11.373 0.202   8.396   1.00 32.39 ? 421 HOH A O   1 
HETATM 754 O  O   . HOH G 4 .  ? 7.963   3.126   13.689  1.00 24.97 ? 422 HOH A O   1 
HETATM 755 O  O   . HOH G 4 .  ? -8.119  11.038  -10.550 1.00 41.15 ? 423 HOH A O   1 
HETATM 756 O  O   . HOH G 4 .  ? 16.352  -4.456  -3.825  1.00 12.08 ? 424 HOH A O   1 
HETATM 757 O  O   . HOH G 4 .  ? 0.314   -20.176 6.590   1.00 30.52 ? 425 HOH A O   1 
HETATM 758 O  O   . HOH G 4 .  ? -1.342  -13.876 5.548   1.00 20.41 ? 426 HOH A O   1 
HETATM 759 O  O   . HOH G 4 .  ? 4.788   8.184   8.950   1.00 4.59  ? 428 HOH A O   1 
HETATM 760 O  O   . HOH G 4 .  ? -11.437 -5.549  -12.573 1.00 40.32 ? 429 HOH A O   1 
HETATM 761 O  O   . HOH G 4 .  ? 2.858   1.798   -12.914 0.5  28.41 ? 430 HOH A O   1 
HETATM 762 O  O   . HOH G 4 .  ? -10.048 3.273   -7.806  1.00 24.71 ? 431 HOH A O   1 
HETATM 763 O  O   . HOH G 4 .  ? 7.476   10.057  7.569   1.00 29.24 ? 432 HOH A O   1 
HETATM 764 O  O   . HOH G 4 .  ? -4.094  11.226  8.322   1.00 23.81 ? 433 HOH A O   1 
HETATM 765 O  O   . HOH G 4 .  ? -1.107  -16.859 9.545   1.00 17.20 ? 435 HOH A O   1 
HETATM 766 O  O   . HOH G 4 .  ? -13.099 14.246  2.310   1.00 53.21 ? 436 HOH A O   1 
HETATM 767 O  O   . HOH G 4 .  ? -7.139  -11.716 7.681   1.00 41.92 ? 437 HOH A O   1 
HETATM 768 O  O   . HOH G 4 .  ? -1.837  -10.698 -9.602  1.00 47.99 ? 438 HOH A O   1 
HETATM 769 O  O   . HOH G 4 .  ? 14.583  -2.933  7.919   1.00 30.44 ? 439 HOH A O   1 
HETATM 770 O  O   . HOH G 4 .  ? -6.080  -10.176 12.362  1.00 35.41 ? 440 HOH A O   1 
HETATM 771 O  O   . HOH G 4 .  ? -5.976  -11.952 -4.941  0.50 30.68 ? 441 HOH A O   1 
HETATM 772 O  O   . HOH G 4 .  ? -6.214  -8.995  -11.499 1.00 44.49 ? 442 HOH A O   1 
HETATM 773 O  O   . HOH G 4 .  ? -6.894  -5.793  12.756  1.00 55.01 ? 443 HOH A O   1 
HETATM 774 O  O   . HOH G 4 .  ? -5.871  -1.681  8.958   1.00 29.16 ? 444 HOH A O   1 
HETATM 775 O  O   . HOH G 4 .  ? 4.674   -18.601 2.625   1.00 42.92 ? 445 HOH A O   1 
HETATM 776 O  O   . HOH G 4 .  ? 15.429  5.272   1.179   1.00 43.55 ? 446 HOH A O   1 
HETATM 777 O  O   . HOH G 4 .  ? 2.105   -13.582 -6.922  1.00 51.01 ? 447 HOH A O   1 
HETATM 778 O  O   . HOH G 4 .  ? 11.644  11.964  -4.870  1.00 58.44 ? 448 HOH A O   1 
HETATM 779 O  O   . HOH G 4 .  ? 5.049   -11.100 10.936  1.00 35.97 ? 449 HOH A O   1 
HETATM 780 O  O   . HOH G 4 .  ? -8.681  0.671   3.834   1.00 15.56 ? 450 HOH A O   1 
HETATM 781 O  O   . HOH G 4 .  ? 14.695  7.636   -4.581  1.00 52.73 ? 451 HOH A O   1 
HETATM 782 O  O   . HOH G 4 .  ? -1.470  -10.938 -5.486  1.00 26.62 ? 452 HOH A O   1 
HETATM 783 O  O   . HOH G 4 .  ? 6.351   11.234  -11.185 1.00 31.22 ? 453 HOH A O   1 
HETATM 784 O  O   . HOH G 4 .  ? -3.535  -7.051  -13.354 1.00 54.83 ? 454 HOH A O   1 
HETATM 785 O  O   . HOH G 4 .  ? -8.893  10.209  -5.004  1.00 43.98 ? 455 HOH A O   1 
HETATM 786 O  O   . HOH G 4 .  ? 7.973   4.614   12.433  1.00 57.65 ? 456 HOH A O   1 
HETATM 787 O  O   . HOH G 4 .  ? -4.582  16.419  2.864   1.00 18.11 ? 457 HOH A O   1 
HETATM 788 O  O   . HOH G 4 .  ? 9.436   7.077   -8.711  1.00 38.56 ? 458 HOH A O   1 
HETATM 789 O  O   . HOH G 4 .  ? -4.731  13.257  -2.692  1.00 23.44 ? 459 HOH A O   1 
HETATM 790 O  O   . HOH G 4 .  ? 2.773   10.880  8.772   1.00 20.26 ? 460 HOH A O   1 
HETATM 791 O  O   . HOH G 4 .  ? 5.859   -11.728 7.567   1.00 30.06 ? 461 HOH A O   1 
HETATM 792 O  O   . HOH G 4 .  ? -9.206  5.570   -11.846 1.00 59.43 ? 462 HOH A O   1 
HETATM 793 O  O   . HOH G 4 .  ? 16.796  -7.498  -2.156  1.00 36.52 ? 463 HOH A O   1 
HETATM 794 O  O   . HOH G 4 .  ? -16.410 1.812   0.722   1.00 31.55 ? 464 HOH A O   1 
HETATM 795 O  O   . HOH G 4 .  ? -13.554 -8.624  6.866   1.00 44.60 ? 465 HOH A O   1 
HETATM 796 O  O   . HOH G 4 .  ? -9.261  7.749   -8.863  1.00 40.58 ? 466 HOH A O   1 
HETATM 797 O  O   . HOH G 4 .  ? 4.513   13.119  4.150   1.00 29.37 ? 467 HOH A O   1 
HETATM 798 O  O   . HOH G 4 .  ? 7.751   -9.056  -8.996  1.00 41.81 ? 468 HOH A O   1 
HETATM 799 O  O   . HOH G 4 .  ? 7.853   1.508   12.684  1.00 46.37 ? 469 HOH A O   1 
HETATM 800 O  O   . HOH G 4 .  ? 0.697   13.987  8.156   1.00 42.34 ? 470 HOH A O   1 
HETATM 801 O  O   . HOH G 4 .  ? -2.632  -9.550  15.048  1.00 33.58 ? 471 HOH A O   1 
HETATM 802 O  O   . HOH G 4 .  ? 9.145   6.862   1.926   1.00 52.33 ? 472 HOH A O   1 
HETATM 803 O  O   . HOH G 4 .  ? 12.885  -2.429  3.332   1.00 34.63 ? 473 HOH A O   1 
# 
